data_2DHK
#
_entry.id   2DHK
#
_entity_poly.entity_id   1
_entity_poly.type   'polypeptide(L)'
_entity_poly.pdbx_seq_one_letter_code
;GSSGSSGKKLCGYLSKFGGKGPIRGWKSRWFFYDERKCQLYYSRTAQDANPLDSIDLSSAVFDCKADAEEGIFEIKTPSR
VITLKAATKQAMLYWLQQLQMKRWEFHNSPPAPSGPSSG
;
_entity_poly.pdbx_strand_id   A
#
# COMPACT_ATOMS: atom_id res chain seq x y z
N GLY A 1 -0.27 -27.61 3.63
CA GLY A 1 -0.10 -26.50 2.72
C GLY A 1 -1.00 -25.33 3.06
N SER A 2 -2.09 -25.19 2.30
CA SER A 2 -3.05 -24.11 2.52
C SER A 2 -4.42 -24.67 2.90
N SER A 3 -5.17 -23.89 3.67
CA SER A 3 -6.50 -24.30 4.11
C SER A 3 -7.29 -23.10 4.62
N GLY A 4 -8.57 -23.32 4.87
CA GLY A 4 -9.43 -22.25 5.37
C GLY A 4 -10.28 -21.64 4.27
N SER A 5 -9.94 -20.42 3.88
CA SER A 5 -10.69 -19.71 2.84
C SER A 5 -9.74 -19.06 1.85
N SER A 6 -10.16 -18.96 0.60
CA SER A 6 -9.35 -18.35 -0.45
C SER A 6 -9.80 -16.91 -0.72
N GLY A 7 -8.86 -16.08 -1.17
CA GLY A 7 -9.18 -14.70 -1.45
C GLY A 7 -8.83 -13.77 -0.30
N LYS A 8 -7.63 -13.92 0.25
CA LYS A 8 -7.19 -13.10 1.38
C LYS A 8 -6.45 -11.86 0.87
N LYS A 9 -7.00 -11.24 -0.16
CA LYS A 9 -6.40 -10.03 -0.73
C LYS A 9 -6.10 -9.00 0.36
N LEU A 10 -5.39 -7.94 -0.01
CA LEU A 10 -5.04 -6.89 0.93
C LEU A 10 -5.81 -5.61 0.62
N CYS A 11 -6.81 -5.32 1.44
CA CYS A 11 -7.63 -4.12 1.26
C CYS A 11 -7.99 -3.49 2.60
N GLY A 12 -8.44 -2.25 2.57
CA GLY A 12 -8.81 -1.56 3.80
C GLY A 12 -9.03 -0.08 3.58
N TYR A 13 -9.83 0.53 4.45
CA TYR A 13 -10.11 1.97 4.35
C TYR A 13 -9.07 2.79 5.10
N LEU A 14 -8.48 3.75 4.40
CA LEU A 14 -7.47 4.61 4.99
C LEU A 14 -7.86 6.09 4.87
N SER A 15 -7.10 6.95 5.53
CA SER A 15 -7.37 8.39 5.49
C SER A 15 -6.22 9.14 4.84
N LYS A 16 -6.50 9.82 3.74
CA LYS A 16 -5.50 10.58 3.02
C LYS A 16 -5.43 12.01 3.53
N PHE A 17 -4.22 12.49 3.78
CA PHE A 17 -4.03 13.86 4.27
C PHE A 17 -4.07 14.86 3.12
N GLY A 18 -4.18 16.14 3.46
CA GLY A 18 -4.23 17.18 2.44
C GLY A 18 -3.25 16.92 1.31
N GLY A 19 -3.77 16.80 0.10
CA GLY A 19 -2.93 16.56 -1.06
C GLY A 19 -3.65 16.79 -2.37
N LYS A 20 -3.11 17.70 -3.18
CA LYS A 20 -3.71 18.01 -4.47
C LYS A 20 -5.13 18.53 -4.30
N GLY A 21 -5.31 19.46 -3.36
CA GLY A 21 -6.62 20.02 -3.11
C GLY A 21 -6.56 21.46 -2.62
N PRO A 22 -7.73 22.11 -2.54
CA PRO A 22 -7.82 23.50 -2.08
C PRO A 22 -7.54 23.64 -0.60
N ILE A 23 -7.96 22.64 0.18
CA ILE A 23 -7.74 22.65 1.62
C ILE A 23 -6.98 21.40 2.07
N ARG A 24 -6.59 21.38 3.34
CA ARG A 24 -5.87 20.25 3.90
C ARG A 24 -6.70 19.53 4.95
N GLY A 25 -6.50 18.22 5.06
CA GLY A 25 -7.24 17.43 6.03
C GLY A 25 -7.31 15.97 5.65
N TRP A 26 -7.84 15.15 6.55
CA TRP A 26 -7.96 13.71 6.31
C TRP A 26 -9.31 13.38 5.67
N LYS A 27 -9.30 12.44 4.73
CA LYS A 27 -10.51 12.03 4.06
C LYS A 27 -10.60 10.51 3.95
N SER A 28 -11.75 9.95 4.31
CA SER A 28 -11.96 8.52 4.27
C SER A 28 -11.93 8.00 2.83
N ARG A 29 -10.82 7.37 2.46
CA ARG A 29 -10.66 6.83 1.12
C ARG A 29 -10.48 5.32 1.16
N TRP A 30 -10.99 4.63 0.14
CA TRP A 30 -10.89 3.19 0.05
C TRP A 30 -9.62 2.77 -0.68
N PHE A 31 -8.78 2.00 0.00
CA PHE A 31 -7.52 1.53 -0.59
C PHE A 31 -7.54 0.02 -0.78
N PHE A 32 -6.97 -0.44 -1.89
CA PHE A 32 -6.92 -1.87 -2.19
C PHE A 32 -5.73 -2.19 -3.10
N TYR A 33 -5.03 -3.27 -2.78
CA TYR A 33 -3.87 -3.68 -3.56
C TYR A 33 -4.30 -4.48 -4.78
N ASP A 34 -3.47 -4.46 -5.82
CA ASP A 34 -3.76 -5.18 -7.05
C ASP A 34 -2.69 -6.23 -7.33
N GLU A 35 -3.13 -7.44 -7.67
CA GLU A 35 -2.20 -8.53 -7.96
C GLU A 35 -2.04 -8.72 -9.47
N ARG A 36 -2.25 -7.64 -10.22
CA ARG A 36 -2.14 -7.69 -11.67
C ARG A 36 -0.91 -6.91 -12.14
N LYS A 37 -0.76 -5.70 -11.62
CA LYS A 37 0.37 -4.84 -11.98
C LYS A 37 1.28 -4.60 -10.78
N CYS A 38 0.99 -5.28 -9.68
CA CYS A 38 1.78 -5.14 -8.46
C CYS A 38 1.79 -3.69 -7.99
N GLN A 39 0.63 -3.06 -7.98
CA GLN A 39 0.50 -1.67 -7.56
C GLN A 39 -0.66 -1.51 -6.57
N LEU A 40 -0.62 -0.43 -5.81
CA LEU A 40 -1.67 -0.16 -4.82
C LEU A 40 -2.68 0.84 -5.38
N TYR A 41 -3.88 0.35 -5.66
CA TYR A 41 -4.95 1.19 -6.20
C TYR A 41 -5.94 1.58 -5.10
N TYR A 42 -6.49 2.78 -5.22
CA TYR A 42 -7.45 3.28 -4.23
C TYR A 42 -8.51 4.16 -4.91
N SER A 43 -9.73 4.08 -4.40
CA SER A 43 -10.83 4.86 -4.94
C SER A 43 -11.65 5.51 -3.83
N ARG A 44 -12.75 6.16 -4.20
CA ARG A 44 -13.61 6.84 -3.24
C ARG A 44 -14.28 5.82 -2.32
N THR A 45 -14.78 4.74 -2.91
CA THR A 45 -15.45 3.69 -2.13
C THR A 45 -15.17 2.32 -2.72
N ALA A 46 -15.53 1.27 -1.97
CA ALA A 46 -15.32 -0.09 -2.43
C ALA A 46 -16.20 -0.42 -3.63
N GLN A 47 -17.31 0.31 -3.76
CA GLN A 47 -18.24 0.10 -4.87
C GLN A 47 -17.70 0.71 -6.16
N ASP A 48 -16.78 1.66 -6.02
CA ASP A 48 -16.19 2.32 -7.17
C ASP A 48 -15.10 1.46 -7.80
N ALA A 49 -15.50 0.33 -8.36
CA ALA A 49 -14.56 -0.59 -8.99
C ALA A 49 -13.41 0.16 -9.65
N ASN A 50 -13.73 1.29 -10.27
CA ASN A 50 -12.73 2.12 -10.94
C ASN A 50 -11.82 2.80 -9.93
N PRO A 51 -10.55 2.38 -9.89
CA PRO A 51 -9.55 2.94 -8.97
C PRO A 51 -9.17 4.38 -9.32
N LEU A 52 -9.32 5.28 -8.36
CA LEU A 52 -9.00 6.68 -8.57
C LEU A 52 -7.55 6.85 -9.01
N ASP A 53 -6.64 6.25 -8.26
CA ASP A 53 -5.22 6.33 -8.57
C ASP A 53 -4.49 5.07 -8.09
N SER A 54 -3.22 4.94 -8.49
CA SER A 54 -2.42 3.79 -8.11
C SER A 54 -1.00 4.22 -7.73
N ILE A 55 -0.38 3.45 -6.85
CA ILE A 55 0.99 3.74 -6.41
C ILE A 55 1.86 2.50 -6.44
N ASP A 56 2.85 2.52 -7.33
CA ASP A 56 3.77 1.39 -7.47
C ASP A 56 4.54 1.14 -6.17
N LEU A 57 4.19 0.06 -5.48
CA LEU A 57 4.84 -0.29 -4.23
C LEU A 57 6.23 -0.86 -4.47
N SER A 58 6.43 -1.45 -5.66
CA SER A 58 7.71 -2.03 -6.01
C SER A 58 8.85 -1.10 -5.64
N SER A 59 8.65 0.20 -5.82
CA SER A 59 9.66 1.19 -5.51
C SER A 59 9.14 2.21 -4.50
N ALA A 60 8.32 1.74 -3.57
CA ALA A 60 7.75 2.60 -2.54
C ALA A 60 8.25 2.22 -1.15
N VAL A 61 8.47 3.21 -0.31
CA VAL A 61 8.95 2.98 1.05
C VAL A 61 7.96 3.52 2.08
N PHE A 62 7.42 2.62 2.89
CA PHE A 62 6.45 3.00 3.92
C PHE A 62 7.17 3.43 5.20
N ASP A 63 6.71 4.53 5.78
CA ASP A 63 7.31 5.05 7.01
C ASP A 63 6.23 5.46 8.01
N CYS A 64 6.63 5.65 9.25
CA CYS A 64 5.69 6.04 10.31
C CYS A 64 5.93 7.48 10.73
N LYS A 65 4.84 8.22 10.93
CA LYS A 65 4.93 9.62 11.33
C LYS A 65 5.39 9.73 12.78
N ALA A 66 5.62 10.97 13.23
CA ALA A 66 6.07 11.21 14.60
C ALA A 66 4.97 10.86 15.60
N ASP A 67 3.73 11.13 15.23
CA ASP A 67 2.60 10.85 16.10
C ASP A 67 2.00 9.48 15.78
N ALA A 68 2.87 8.52 15.45
CA ALA A 68 2.43 7.18 15.12
C ALA A 68 1.57 6.59 16.24
N GLU A 69 1.70 7.16 17.44
CA GLU A 69 0.95 6.69 18.59
C GLU A 69 -0.52 6.48 18.23
N GLU A 70 -0.98 7.18 17.19
CA GLU A 70 -2.36 7.07 16.74
C GLU A 70 -2.48 6.08 15.59
N GLY A 71 -1.38 5.88 14.87
CA GLY A 71 -1.38 4.96 13.75
C GLY A 71 -1.30 5.67 12.42
N ILE A 72 -0.26 6.48 12.24
CA ILE A 72 -0.06 7.22 11.00
C ILE A 72 1.17 6.72 10.25
N PHE A 73 1.08 6.73 8.93
CA PHE A 73 2.20 6.28 8.09
C PHE A 73 2.27 7.09 6.80
N GLU A 74 3.34 6.88 6.05
CA GLU A 74 3.53 7.59 4.78
C GLU A 74 4.27 6.73 3.77
N ILE A 75 3.79 6.72 2.54
CA ILE A 75 4.40 5.93 1.47
C ILE A 75 5.22 6.81 0.54
N LYS A 76 6.54 6.78 0.71
CA LYS A 76 7.44 7.57 -0.12
C LYS A 76 7.72 6.87 -1.43
N THR A 77 7.37 7.52 -2.54
CA THR A 77 7.59 6.96 -3.87
C THR A 77 8.28 7.96 -4.78
N PRO A 78 8.99 7.44 -5.81
CA PRO A 78 9.71 8.27 -6.77
C PRO A 78 8.77 9.05 -7.68
N SER A 79 7.48 8.92 -7.43
CA SER A 79 6.48 9.61 -8.24
C SER A 79 5.76 10.68 -7.40
N ARG A 80 5.29 10.30 -6.22
CA ARG A 80 4.60 11.22 -5.33
C ARG A 80 4.48 10.64 -3.94
N VAL A 81 4.96 11.38 -2.94
CA VAL A 81 4.90 10.95 -1.55
C VAL A 81 3.49 11.06 -1.00
N ILE A 82 2.88 9.92 -0.68
CA ILE A 82 1.53 9.90 -0.14
C ILE A 82 1.55 9.79 1.38
N THR A 83 0.48 10.23 2.02
CA THR A 83 0.38 10.18 3.47
C THR A 83 -0.95 9.58 3.91
N LEU A 84 -0.92 8.33 4.35
CA LEU A 84 -2.12 7.63 4.80
C LEU A 84 -1.97 7.17 6.24
N LYS A 85 -3.07 7.20 6.98
CA LYS A 85 -3.08 6.78 8.37
C LYS A 85 -4.08 5.65 8.61
N ALA A 86 -3.76 4.76 9.54
CA ALA A 86 -4.63 3.64 9.85
C ALA A 86 -5.48 3.93 11.09
N ALA A 87 -6.36 3.00 11.44
CA ALA A 87 -7.23 3.17 12.59
C ALA A 87 -6.42 3.46 13.85
N THR A 88 -5.66 2.46 14.30
CA THR A 88 -4.84 2.62 15.50
C THR A 88 -3.37 2.37 15.19
N LYS A 89 -2.52 2.43 16.22
CA LYS A 89 -1.10 2.21 16.06
C LYS A 89 -0.81 0.79 15.57
N GLN A 90 -1.63 -0.15 16.00
CA GLN A 90 -1.47 -1.54 15.60
C GLN A 90 -2.01 -1.78 14.20
N ALA A 91 -2.88 -0.88 13.75
CA ALA A 91 -3.48 -0.98 12.42
C ALA A 91 -2.43 -0.84 11.33
N MET A 92 -1.82 0.34 11.25
CA MET A 92 -0.78 0.60 10.25
C MET A 92 0.22 -0.55 10.19
N LEU A 93 0.71 -0.97 11.34
CA LEU A 93 1.67 -2.07 11.42
C LEU A 93 1.29 -3.19 10.45
N TYR A 94 0.00 -3.48 10.37
CA TYR A 94 -0.49 -4.53 9.49
C TYR A 94 -0.28 -4.15 8.02
N TRP A 95 -0.58 -2.90 7.69
CA TRP A 95 -0.43 -2.41 6.33
C TRP A 95 1.05 -2.36 5.93
N LEU A 96 1.87 -1.76 6.78
CA LEU A 96 3.30 -1.65 6.52
C LEU A 96 3.91 -3.02 6.29
N GLN A 97 3.61 -3.97 7.18
CA GLN A 97 4.13 -5.31 7.08
C GLN A 97 3.62 -6.00 5.82
N GLN A 98 2.30 -6.04 5.67
CA GLN A 98 1.67 -6.67 4.51
C GLN A 98 2.19 -6.04 3.21
N LEU A 99 1.92 -4.75 3.04
CA LEU A 99 2.35 -4.03 1.84
C LEU A 99 3.72 -4.51 1.39
N GLN A 100 4.62 -4.70 2.34
CA GLN A 100 5.97 -5.16 2.03
C GLN A 100 5.94 -6.53 1.37
N MET A 101 5.27 -7.49 2.02
CA MET A 101 5.17 -8.84 1.49
C MET A 101 5.08 -8.82 -0.04
N LYS A 102 4.16 -8.02 -0.56
CA LYS A 102 3.97 -7.90 -2.00
C LYS A 102 5.26 -7.49 -2.69
N ARG A 103 5.82 -6.35 -2.27
CA ARG A 103 7.05 -5.84 -2.84
C ARG A 103 8.21 -6.79 -2.56
N TRP A 104 8.56 -6.93 -1.29
CA TRP A 104 9.65 -7.80 -0.88
C TRP A 104 9.67 -9.08 -1.71
N GLU A 105 8.52 -9.72 -1.83
CA GLU A 105 8.40 -10.95 -2.60
C GLU A 105 9.01 -10.78 -3.99
N PHE A 106 8.44 -9.86 -4.77
CA PHE A 106 8.93 -9.61 -6.12
C PHE A 106 10.45 -9.63 -6.17
N HIS A 107 11.08 -9.08 -5.13
CA HIS A 107 12.53 -9.02 -5.06
C HIS A 107 13.11 -10.43 -4.83
N ASN A 108 12.40 -11.23 -4.05
CA ASN A 108 12.83 -12.59 -3.76
C ASN A 108 12.63 -13.51 -4.97
N SER A 109 11.52 -13.29 -5.68
CA SER A 109 11.22 -14.10 -6.85
C SER A 109 12.48 -14.45 -7.63
N PRO A 110 12.51 -15.66 -8.20
CA PRO A 110 13.66 -16.14 -8.98
C PRO A 110 13.80 -15.41 -10.30
N PRO A 111 14.93 -15.64 -10.98
CA PRO A 111 15.22 -15.00 -12.28
C PRO A 111 14.33 -15.54 -13.39
N ALA A 112 14.60 -15.09 -14.62
CA ALA A 112 13.82 -15.53 -15.77
C ALA A 112 13.41 -16.98 -15.64
N PRO A 113 12.20 -17.31 -16.12
CA PRO A 113 11.67 -18.68 -16.07
C PRO A 113 12.40 -19.62 -17.01
N SER A 114 11.90 -20.84 -17.12
CA SER A 114 12.51 -21.85 -17.99
C SER A 114 13.93 -22.16 -17.53
N GLY A 115 14.11 -22.32 -16.23
CA GLY A 115 15.43 -22.63 -15.69
C GLY A 115 15.87 -24.05 -16.01
N PRO A 116 17.10 -24.39 -15.58
CA PRO A 116 17.67 -25.71 -15.82
C PRO A 116 16.97 -26.80 -15.00
N SER A 117 16.69 -26.50 -13.74
CA SER A 117 16.03 -27.45 -12.86
C SER A 117 16.60 -28.85 -13.03
N SER A 118 17.92 -28.93 -13.16
CA SER A 118 18.60 -30.20 -13.33
C SER A 118 19.10 -30.75 -11.99
N GLY A 119 19.53 -32.01 -11.99
CA GLY A 119 20.02 -32.62 -10.78
C GLY A 119 19.02 -32.55 -9.65
N GLY A 1 2.67 -21.71 12.25
CA GLY A 1 1.24 -21.86 12.49
C GLY A 1 0.42 -21.59 11.25
N SER A 2 -0.62 -20.78 11.40
CA SER A 2 -1.50 -20.44 10.30
C SER A 2 -1.24 -19.01 9.81
N SER A 3 -0.91 -18.87 8.54
CA SER A 3 -0.64 -17.56 7.96
C SER A 3 -1.62 -16.52 8.47
N GLY A 4 -2.91 -16.84 8.38
CA GLY A 4 -3.93 -15.91 8.84
C GLY A 4 -5.24 -16.07 8.08
N SER A 5 -5.60 -15.06 7.31
CA SER A 5 -6.84 -15.08 6.54
C SER A 5 -6.68 -15.98 5.31
N SER A 6 -7.80 -16.59 4.91
CA SER A 6 -7.79 -17.49 3.76
C SER A 6 -7.71 -16.70 2.46
N GLY A 7 -6.48 -16.44 2.00
CA GLY A 7 -6.28 -15.70 0.78
C GLY A 7 -5.31 -14.54 0.95
N LYS A 8 -4.54 -14.26 -0.10
CA LYS A 8 -3.56 -13.17 -0.06
C LYS A 8 -4.21 -11.85 -0.45
N LYS A 9 -5.38 -11.57 0.14
CA LYS A 9 -6.10 -10.33 -0.15
C LYS A 9 -5.74 -9.25 0.88
N LEU A 10 -5.39 -8.07 0.39
CA LEU A 10 -5.03 -6.95 1.25
C LEU A 10 -5.80 -5.69 0.87
N CYS A 11 -6.83 -5.38 1.64
CA CYS A 11 -7.65 -4.20 1.39
C CYS A 11 -8.07 -3.54 2.69
N GLY A 12 -8.37 -2.24 2.63
CA GLY A 12 -8.79 -1.51 3.81
C GLY A 12 -8.94 -0.03 3.56
N TYR A 13 -9.82 0.61 4.31
CA TYR A 13 -10.07 2.04 4.14
C TYR A 13 -9.01 2.85 4.89
N LEU A 14 -8.59 3.96 4.28
CA LEU A 14 -7.59 4.83 4.89
C LEU A 14 -7.95 6.30 4.71
N SER A 15 -7.21 7.17 5.37
CA SER A 15 -7.46 8.61 5.29
C SER A 15 -6.28 9.32 4.64
N LYS A 16 -6.53 9.94 3.48
CA LYS A 16 -5.49 10.66 2.77
C LYS A 16 -5.36 12.08 3.28
N PHE A 17 -4.14 12.48 3.64
CA PHE A 17 -3.89 13.83 4.15
C PHE A 17 -3.50 14.77 3.01
N GLY A 18 -3.76 16.06 3.20
CA GLY A 18 -3.42 17.04 2.19
C GLY A 18 -4.04 16.72 0.84
N GLY A 19 -3.52 17.34 -0.21
CA GLY A 19 -4.04 17.10 -1.54
C GLY A 19 -4.57 18.37 -2.19
N LYS A 20 -5.69 18.25 -2.90
CA LYS A 20 -6.30 19.39 -3.56
C LYS A 20 -7.03 20.29 -2.57
N GLY A 21 -6.65 21.56 -2.54
CA GLY A 21 -7.28 22.50 -1.63
C GLY A 21 -6.28 23.41 -0.94
N PRO A 22 -6.71 24.64 -0.62
CA PRO A 22 -5.86 25.62 0.05
C PRO A 22 -5.53 25.24 1.49
N ILE A 23 -6.18 24.19 1.97
CA ILE A 23 -5.97 23.72 3.33
C ILE A 23 -5.62 22.24 3.36
N ARG A 24 -5.09 21.78 4.49
CA ARG A 24 -4.73 20.37 4.65
C ARG A 24 -5.67 19.66 5.59
N GLY A 25 -6.38 18.66 5.07
CA GLY A 25 -7.32 17.91 5.89
C GLY A 25 -7.49 16.48 5.40
N TRP A 26 -7.63 15.55 6.34
CA TRP A 26 -7.81 14.14 6.01
C TRP A 26 -9.11 13.92 5.25
N LYS A 27 -9.14 12.88 4.42
CA LYS A 27 -10.33 12.56 3.65
C LYS A 27 -10.54 11.04 3.58
N SER A 28 -11.77 10.61 3.82
CA SER A 28 -12.10 9.19 3.80
C SER A 28 -11.98 8.64 2.37
N ARG A 29 -11.12 7.65 2.19
CA ARG A 29 -10.91 7.03 0.89
C ARG A 29 -10.80 5.51 1.01
N TRP A 30 -11.15 4.81 -0.07
CA TRP A 30 -11.08 3.36 -0.08
C TRP A 30 -9.83 2.87 -0.79
N PHE A 31 -8.94 2.22 -0.05
CA PHE A 31 -7.71 1.70 -0.62
C PHE A 31 -7.75 0.18 -0.75
N PHE A 32 -7.22 -0.33 -1.87
CA PHE A 32 -7.21 -1.76 -2.12
C PHE A 32 -6.00 -2.15 -2.97
N TYR A 33 -5.23 -3.12 -2.49
CA TYR A 33 -4.05 -3.59 -3.21
C TYR A 33 -4.44 -4.51 -4.35
N ASP A 34 -3.69 -4.44 -5.44
CA ASP A 34 -3.95 -5.27 -6.61
C ASP A 34 -2.80 -6.25 -6.85
N GLU A 35 -3.02 -7.51 -6.50
CA GLU A 35 -2.00 -8.53 -6.67
C GLU A 35 -1.88 -8.94 -8.14
N ARG A 36 -2.65 -8.27 -8.99
CA ARG A 36 -2.64 -8.57 -10.42
C ARG A 36 -1.71 -7.64 -11.16
N LYS A 37 -1.60 -6.41 -10.68
CA LYS A 37 -0.74 -5.41 -11.30
C LYS A 37 0.33 -4.93 -10.32
N CYS A 38 0.50 -5.67 -9.23
CA CYS A 38 1.48 -5.32 -8.22
C CYS A 38 1.46 -3.81 -7.93
N GLN A 39 0.27 -3.26 -7.79
CA GLN A 39 0.11 -1.84 -7.52
C GLN A 39 -0.99 -1.59 -6.49
N LEU A 40 -0.96 -0.43 -5.86
CA LEU A 40 -1.95 -0.07 -4.87
C LEU A 40 -2.99 0.90 -5.44
N TYR A 41 -4.19 0.38 -5.67
CA TYR A 41 -5.27 1.20 -6.23
C TYR A 41 -6.26 1.60 -5.15
N TYR A 42 -6.82 2.80 -5.26
CA TYR A 42 -7.78 3.31 -4.30
C TYR A 42 -8.83 4.18 -4.97
N SER A 43 -10.04 4.17 -4.43
CA SER A 43 -11.13 4.96 -4.98
C SER A 43 -12.00 5.53 -3.87
N ARG A 44 -13.09 6.20 -4.25
CA ARG A 44 -14.00 6.80 -3.29
C ARG A 44 -14.67 5.72 -2.44
N THR A 45 -15.06 4.62 -3.07
CA THR A 45 -15.72 3.53 -2.37
C THR A 45 -15.36 2.19 -2.99
N ALA A 46 -15.74 1.11 -2.32
CA ALA A 46 -15.46 -0.23 -2.81
C ALA A 46 -16.38 -0.60 -3.97
N GLN A 47 -17.48 0.14 -4.10
CA GLN A 47 -18.43 -0.11 -5.18
C GLN A 47 -17.91 0.43 -6.51
N ASP A 48 -17.10 1.49 -6.44
CA ASP A 48 -16.55 2.09 -7.64
C ASP A 48 -15.39 1.24 -8.18
N ALA A 49 -15.73 0.08 -8.73
CA ALA A 49 -14.73 -0.81 -9.29
C ALA A 49 -13.58 -0.03 -9.92
N ASN A 50 -13.92 1.06 -10.59
CA ASN A 50 -12.92 1.90 -11.25
C ASN A 50 -12.09 2.66 -10.22
N PRO A 51 -10.81 2.31 -10.11
CA PRO A 51 -9.88 2.94 -9.18
C PRO A 51 -9.55 4.39 -9.57
N LEU A 52 -9.52 5.28 -8.59
CA LEU A 52 -9.22 6.68 -8.83
C LEU A 52 -7.75 6.86 -9.21
N ASP A 53 -6.86 6.39 -8.34
CA ASP A 53 -5.43 6.50 -8.59
C ASP A 53 -4.69 5.27 -8.08
N SER A 54 -3.51 5.01 -8.63
CA SER A 54 -2.71 3.86 -8.23
C SER A 54 -1.31 4.30 -7.81
N ILE A 55 -0.68 3.50 -6.95
CA ILE A 55 0.65 3.80 -6.46
C ILE A 55 1.56 2.57 -6.56
N ASP A 56 2.63 2.69 -7.34
CA ASP A 56 3.57 1.59 -7.51
C ASP A 56 4.33 1.32 -6.22
N LEU A 57 4.05 0.18 -5.60
CA LEU A 57 4.71 -0.20 -4.36
C LEU A 57 6.07 -0.82 -4.62
N SER A 58 6.26 -1.32 -5.85
CA SER A 58 7.52 -1.95 -6.23
C SER A 58 8.71 -1.15 -5.70
N SER A 59 8.73 0.15 -5.99
CA SER A 59 9.81 1.02 -5.56
C SER A 59 9.31 2.02 -4.51
N ALA A 60 8.35 1.59 -3.71
CA ALA A 60 7.79 2.44 -2.66
C ALA A 60 8.27 2.02 -1.28
N VAL A 61 8.50 3.00 -0.41
CA VAL A 61 8.97 2.73 0.95
C VAL A 61 7.98 3.27 1.98
N PHE A 62 7.44 2.36 2.79
CA PHE A 62 6.49 2.74 3.82
C PHE A 62 7.19 3.04 5.14
N ASP A 63 6.87 4.19 5.73
CA ASP A 63 7.47 4.60 7.00
C ASP A 63 6.40 5.01 8.00
N CYS A 64 6.84 5.32 9.22
CA CYS A 64 5.92 5.73 10.27
C CYS A 64 6.15 7.19 10.65
N LYS A 65 5.07 7.90 10.96
CA LYS A 65 5.14 9.30 11.34
C LYS A 65 5.60 9.45 12.79
N ALA A 66 5.67 10.69 13.25
CA ALA A 66 6.09 10.96 14.62
C ALA A 66 5.00 10.57 15.62
N ASP A 67 3.75 10.88 15.29
CA ASP A 67 2.62 10.54 16.15
C ASP A 67 2.09 9.15 15.83
N ALA A 68 2.99 8.25 15.46
CA ALA A 68 2.61 6.88 15.13
C ALA A 68 1.76 6.27 16.23
N GLU A 69 1.89 6.81 17.44
CA GLU A 69 1.14 6.30 18.58
C GLU A 69 -0.33 6.11 18.22
N GLU A 70 -0.80 6.89 17.26
CA GLU A 70 -2.19 6.81 16.82
C GLU A 70 -2.35 5.81 15.67
N GLY A 71 -1.40 5.85 14.74
CA GLY A 71 -1.45 4.95 13.60
C GLY A 71 -1.35 5.68 12.28
N ILE A 72 -0.23 6.37 12.07
CA ILE A 72 -0.01 7.11 10.84
C ILE A 72 1.28 6.66 10.15
N PHE A 73 1.22 6.54 8.82
CA PHE A 73 2.38 6.13 8.05
C PHE A 73 2.53 6.98 6.80
N GLU A 74 3.58 6.71 6.03
CA GLU A 74 3.84 7.46 4.80
C GLU A 74 4.55 6.60 3.77
N ILE A 75 4.06 6.66 2.52
CA ILE A 75 4.64 5.87 1.44
C ILE A 75 5.47 6.74 0.52
N LYS A 76 6.80 6.68 0.68
CA LYS A 76 7.70 7.47 -0.15
C LYS A 76 7.94 6.79 -1.50
N THR A 77 7.55 7.46 -2.57
CA THR A 77 7.72 6.93 -3.92
C THR A 77 8.39 7.95 -4.83
N PRO A 78 9.07 7.44 -5.87
CA PRO A 78 9.76 8.29 -6.84
C PRO A 78 8.80 9.08 -7.73
N SER A 79 7.50 8.94 -7.46
CA SER A 79 6.48 9.62 -8.23
C SER A 79 5.80 10.70 -7.39
N ARG A 80 5.32 10.32 -6.22
CA ARG A 80 4.66 11.26 -5.32
C ARG A 80 4.53 10.67 -3.92
N VAL A 81 4.92 11.45 -2.91
CA VAL A 81 4.84 11.01 -1.52
C VAL A 81 3.40 11.00 -1.02
N ILE A 82 2.97 9.85 -0.52
CA ILE A 82 1.62 9.70 0.00
C ILE A 82 1.61 9.57 1.53
N THR A 83 0.66 10.22 2.16
CA THR A 83 0.55 10.18 3.62
C THR A 83 -0.81 9.65 4.05
N LEU A 84 -0.86 8.36 4.37
CA LEU A 84 -2.11 7.73 4.80
C LEU A 84 -2.01 7.24 6.24
N LYS A 85 -3.12 7.29 6.96
CA LYS A 85 -3.15 6.85 8.35
C LYS A 85 -4.13 5.69 8.53
N ALA A 86 -3.78 4.76 9.41
CA ALA A 86 -4.63 3.61 9.68
C ALA A 86 -5.53 3.86 10.88
N ALA A 87 -6.29 2.83 11.27
CA ALA A 87 -7.20 2.95 12.40
C ALA A 87 -6.43 3.17 13.70
N THR A 88 -5.71 2.14 14.15
CA THR A 88 -4.93 2.23 15.37
C THR A 88 -3.46 1.95 15.11
N LYS A 89 -2.67 1.91 16.17
CA LYS A 89 -1.24 1.66 16.07
C LYS A 89 -0.98 0.28 15.45
N GLN A 90 -1.74 -0.71 15.88
CA GLN A 90 -1.60 -2.07 15.38
C GLN A 90 -2.15 -2.18 13.96
N ALA A 91 -3.03 -1.26 13.59
CA ALA A 91 -3.63 -1.26 12.27
C ALA A 91 -2.57 -1.04 11.19
N MET A 92 -1.95 0.13 11.21
CA MET A 92 -0.91 0.46 10.23
C MET A 92 0.16 -0.62 10.19
N LEU A 93 0.65 -1.01 11.35
CA LEU A 93 1.68 -2.04 11.44
C LEU A 93 1.38 -3.21 10.50
N TYR A 94 0.09 -3.51 10.34
CA TYR A 94 -0.33 -4.60 9.47
C TYR A 94 -0.16 -4.21 8.00
N TRP A 95 -0.46 -2.96 7.69
CA TRP A 95 -0.34 -2.47 6.32
C TRP A 95 1.13 -2.37 5.90
N LEU A 96 1.95 -1.77 6.75
CA LEU A 96 3.37 -1.62 6.47
C LEU A 96 4.04 -2.98 6.32
N GLN A 97 3.71 -3.90 7.22
CA GLN A 97 4.28 -5.24 7.19
C GLN A 97 3.82 -5.99 5.94
N GLN A 98 2.51 -6.07 5.75
CA GLN A 98 1.95 -6.76 4.61
C GLN A 98 2.40 -6.11 3.30
N LEU A 99 2.08 -4.83 3.14
CA LEU A 99 2.45 -4.10 1.94
C LEU A 99 3.86 -4.47 1.48
N GLN A 100 4.77 -4.57 2.44
CA GLN A 100 6.15 -4.92 2.13
C GLN A 100 6.24 -6.29 1.48
N MET A 101 5.61 -7.28 2.12
CA MET A 101 5.61 -8.65 1.60
C MET A 101 5.43 -8.65 0.09
N LYS A 102 4.45 -7.88 -0.39
CA LYS A 102 4.18 -7.80 -1.82
C LYS A 102 5.43 -7.36 -2.59
N ARG A 103 6.00 -6.23 -2.19
CA ARG A 103 7.19 -5.72 -2.84
C ARG A 103 8.40 -6.59 -2.54
N TRP A 104 8.78 -6.66 -1.28
CA TRP A 104 9.93 -7.47 -0.87
C TRP A 104 9.94 -8.81 -1.58
N GLU A 105 8.76 -9.41 -1.70
CA GLU A 105 8.63 -10.71 -2.36
C GLU A 105 9.29 -10.68 -3.75
N PHE A 106 8.77 -9.83 -4.63
CA PHE A 106 9.31 -9.71 -5.98
C PHE A 106 10.83 -9.77 -5.96
N HIS A 107 11.43 -9.06 -5.00
CA HIS A 107 12.89 -9.04 -4.88
C HIS A 107 13.44 -10.43 -4.56
N ASN A 108 12.70 -11.17 -3.75
CA ASN A 108 13.11 -12.52 -3.37
C ASN A 108 12.90 -13.50 -4.52
N SER A 109 11.70 -13.47 -5.10
CA SER A 109 11.38 -14.36 -6.21
C SER A 109 12.60 -14.62 -7.09
N PRO A 110 12.86 -15.89 -7.38
CA PRO A 110 13.99 -16.30 -8.22
C PRO A 110 13.82 -15.90 -9.68
N PRO A 111 14.92 -15.89 -10.43
CA PRO A 111 14.92 -15.52 -11.85
C PRO A 111 14.23 -16.58 -12.70
N ALA A 112 14.23 -16.35 -14.02
CA ALA A 112 13.61 -17.27 -14.95
C ALA A 112 13.93 -18.73 -14.58
N PRO A 113 12.95 -19.61 -14.79
CA PRO A 113 13.09 -21.04 -14.48
C PRO A 113 14.07 -21.73 -15.43
N SER A 114 15.15 -22.26 -14.88
CA SER A 114 16.16 -22.96 -15.68
C SER A 114 16.03 -24.47 -15.52
N GLY A 115 14.79 -24.97 -15.65
CA GLY A 115 14.56 -26.39 -15.51
C GLY A 115 14.30 -27.06 -16.85
N PRO A 116 15.37 -27.54 -17.49
CA PRO A 116 15.28 -28.22 -18.80
C PRO A 116 14.60 -29.57 -18.70
N SER A 117 14.50 -30.26 -19.83
CA SER A 117 13.87 -31.59 -19.88
C SER A 117 14.83 -32.66 -19.38
N SER A 118 14.29 -33.63 -18.65
CA SER A 118 15.10 -34.72 -18.11
C SER A 118 16.06 -35.26 -19.17
N GLY A 119 17.34 -34.95 -19.00
CA GLY A 119 18.35 -35.41 -19.95
C GLY A 119 19.56 -34.49 -19.99
N GLY A 1 4.65 -26.74 3.24
CA GLY A 1 5.33 -27.53 2.24
C GLY A 1 4.84 -27.22 0.84
N SER A 2 4.18 -28.20 0.22
CA SER A 2 3.67 -28.04 -1.14
C SER A 2 2.16 -27.82 -1.12
N SER A 3 1.64 -27.20 -2.18
CA SER A 3 0.22 -26.92 -2.29
C SER A 3 -0.20 -25.86 -1.28
N GLY A 4 0.62 -24.82 -1.15
CA GLY A 4 0.31 -23.74 -0.22
C GLY A 4 -0.61 -22.70 -0.83
N SER A 5 -1.39 -22.03 0.01
CA SER A 5 -2.31 -21.00 -0.44
C SER A 5 -1.61 -19.65 -0.53
N SER A 6 -1.06 -19.36 -1.71
CA SER A 6 -0.36 -18.09 -1.93
C SER A 6 -1.32 -17.04 -2.46
N GLY A 7 -1.55 -16.00 -1.66
CA GLY A 7 -2.45 -14.94 -2.07
C GLY A 7 -3.38 -14.49 -0.95
N LYS A 8 -2.92 -13.54 -0.14
CA LYS A 8 -3.71 -13.03 0.97
C LYS A 8 -4.26 -11.64 0.64
N LYS A 9 -5.52 -11.60 0.22
CA LYS A 9 -6.17 -10.34 -0.12
C LYS A 9 -5.78 -9.25 0.88
N LEU A 10 -5.38 -8.10 0.35
CA LEU A 10 -4.98 -6.97 1.19
C LEU A 10 -5.78 -5.73 0.83
N CYS A 11 -6.76 -5.40 1.66
CA CYS A 11 -7.60 -4.22 1.45
C CYS A 11 -7.95 -3.55 2.76
N GLY A 12 -8.46 -2.32 2.68
CA GLY A 12 -8.83 -1.59 3.87
C GLY A 12 -9.02 -0.11 3.60
N TYR A 13 -9.78 0.56 4.47
CA TYR A 13 -10.05 1.98 4.33
C TYR A 13 -8.96 2.82 5.00
N LEU A 14 -8.60 3.93 4.37
CA LEU A 14 -7.57 4.81 4.90
C LEU A 14 -7.97 6.28 4.76
N SER A 15 -7.16 7.17 5.31
CA SER A 15 -7.44 8.60 5.24
C SER A 15 -6.26 9.36 4.64
N LYS A 16 -6.46 9.90 3.44
CA LYS A 16 -5.41 10.65 2.76
C LYS A 16 -5.39 12.10 3.23
N PHE A 17 -4.19 12.61 3.51
CA PHE A 17 -4.04 13.99 3.96
C PHE A 17 -3.90 14.93 2.77
N GLY A 18 -4.53 16.10 2.88
CA GLY A 18 -4.47 17.08 1.82
C GLY A 18 -4.94 16.52 0.48
N GLY A 19 -6.25 16.30 0.38
CA GLY A 19 -6.81 15.76 -0.85
C GLY A 19 -6.70 16.74 -2.01
N LYS A 20 -7.50 16.51 -3.04
CA LYS A 20 -7.49 17.37 -4.22
C LYS A 20 -7.53 18.85 -3.82
N GLY A 21 -8.42 19.17 -2.89
CA GLY A 21 -8.54 20.56 -2.44
C GLY A 21 -7.23 21.10 -1.91
N PRO A 22 -7.15 22.44 -1.79
CA PRO A 22 -5.94 23.11 -1.29
C PRO A 22 -5.72 22.87 0.20
N ILE A 23 -6.77 23.06 0.99
CA ILE A 23 -6.68 22.86 2.43
C ILE A 23 -6.01 21.54 2.76
N ARG A 24 -5.62 21.37 4.03
CA ARG A 24 -4.98 20.15 4.48
C ARG A 24 -5.80 19.46 5.55
N GLY A 25 -6.59 18.46 5.15
CA GLY A 25 -7.41 17.74 6.09
C GLY A 25 -7.62 16.29 5.69
N TRP A 26 -7.74 15.41 6.68
CA TRP A 26 -7.95 14.00 6.42
C TRP A 26 -9.32 13.75 5.80
N LYS A 27 -9.36 12.86 4.81
CA LYS A 27 -10.61 12.53 4.12
C LYS A 27 -10.78 11.03 3.99
N SER A 28 -11.97 10.54 4.33
CA SER A 28 -12.25 9.11 4.26
C SER A 28 -12.10 8.60 2.83
N ARG A 29 -11.16 7.67 2.64
CA ARG A 29 -10.90 7.10 1.32
C ARG A 29 -10.72 5.59 1.42
N TRP A 30 -10.93 4.91 0.29
CA TRP A 30 -10.79 3.46 0.24
C TRP A 30 -9.50 3.06 -0.48
N PHE A 31 -8.79 2.10 0.10
CA PHE A 31 -7.54 1.62 -0.49
C PHE A 31 -7.54 0.10 -0.63
N PHE A 32 -6.97 -0.38 -1.72
CA PHE A 32 -6.90 -1.82 -1.98
C PHE A 32 -5.72 -2.16 -2.88
N TYR A 33 -5.00 -3.22 -2.53
CA TYR A 33 -3.85 -3.65 -3.30
C TYR A 33 -4.26 -4.56 -4.45
N ASP A 34 -3.77 -4.26 -5.65
CA ASP A 34 -4.09 -5.04 -6.83
C ASP A 34 -2.96 -5.99 -7.18
N GLU A 35 -3.12 -7.26 -6.79
CA GLU A 35 -2.10 -8.27 -7.06
C GLU A 35 -2.00 -8.56 -8.55
N ARG A 36 -2.91 -7.98 -9.33
CA ARG A 36 -2.93 -8.16 -10.77
C ARG A 36 -1.74 -7.47 -11.43
N LYS A 37 -1.45 -6.24 -11.00
CA LYS A 37 -0.35 -5.47 -11.54
C LYS A 37 0.68 -5.17 -10.46
N CYS A 38 0.54 -5.82 -9.31
CA CYS A 38 1.46 -5.62 -8.20
C CYS A 38 1.53 -4.14 -7.81
N GLN A 39 0.37 -3.53 -7.62
CA GLN A 39 0.30 -2.12 -7.25
C GLN A 39 -0.76 -1.89 -6.18
N LEU A 40 -0.88 -0.64 -5.74
CA LEU A 40 -1.87 -0.29 -4.72
C LEU A 40 -2.89 0.71 -5.28
N TYR A 41 -4.09 0.23 -5.56
CA TYR A 41 -5.15 1.07 -6.09
C TYR A 41 -6.08 1.55 -4.97
N TYR A 42 -6.40 2.84 -5.00
CA TYR A 42 -7.27 3.42 -3.99
C TYR A 42 -8.37 4.27 -4.63
N SER A 43 -9.60 4.07 -4.20
CA SER A 43 -10.74 4.81 -4.74
C SER A 43 -11.59 5.40 -3.62
N ARG A 44 -12.70 6.03 -3.99
CA ARG A 44 -13.60 6.62 -3.01
C ARG A 44 -14.26 5.56 -2.15
N THR A 45 -14.79 4.52 -2.79
CA THR A 45 -15.46 3.44 -2.08
C THR A 45 -14.77 2.10 -2.36
N ALA A 46 -15.36 1.03 -1.84
CA ALA A 46 -14.81 -0.31 -2.04
C ALA A 46 -15.43 -0.97 -3.26
N GLN A 47 -16.43 -0.33 -3.85
CA GLN A 47 -17.10 -0.86 -5.02
C GLN A 47 -16.93 0.07 -6.22
N ASP A 48 -15.85 0.84 -6.22
CA ASP A 48 -15.58 1.78 -7.30
C ASP A 48 -15.12 1.04 -8.56
N ALA A 49 -16.06 0.73 -9.43
CA ALA A 49 -15.75 0.02 -10.66
C ALA A 49 -14.39 0.43 -11.21
N ASN A 50 -14.07 1.72 -11.11
CA ASN A 50 -12.80 2.24 -11.59
C ASN A 50 -12.08 2.99 -10.48
N PRO A 51 -10.84 2.54 -10.17
CA PRO A 51 -10.01 3.16 -9.14
C PRO A 51 -9.52 4.55 -9.53
N LEU A 52 -9.36 5.41 -8.54
CA LEU A 52 -8.90 6.78 -8.78
C LEU A 52 -7.47 6.78 -9.30
N ASP A 53 -6.58 6.11 -8.57
CA ASP A 53 -5.17 6.02 -8.96
C ASP A 53 -4.48 4.87 -8.24
N SER A 54 -3.26 4.56 -8.67
CA SER A 54 -2.49 3.47 -8.08
C SER A 54 -1.10 3.94 -7.70
N ILE A 55 -0.43 3.17 -6.84
CA ILE A 55 0.91 3.51 -6.40
C ILE A 55 1.86 2.32 -6.55
N ASP A 56 2.95 2.52 -7.28
CA ASP A 56 3.93 1.47 -7.50
C ASP A 56 4.67 1.14 -6.21
N LEU A 57 4.28 0.05 -5.57
CA LEU A 57 4.90 -0.37 -4.32
C LEU A 57 6.27 -1.01 -4.58
N SER A 58 6.48 -1.44 -5.82
CA SER A 58 7.75 -2.07 -6.20
C SER A 58 8.93 -1.25 -5.68
N SER A 59 8.78 0.07 -5.71
CA SER A 59 9.84 0.96 -5.24
C SER A 59 9.30 2.00 -4.26
N ALA A 60 8.30 1.59 -3.49
CA ALA A 60 7.68 2.48 -2.50
C ALA A 60 8.11 2.11 -1.09
N VAL A 61 8.55 3.09 -0.33
CA VAL A 61 8.98 2.88 1.05
C VAL A 61 7.97 3.41 2.04
N PHE A 62 7.45 2.53 2.88
CA PHE A 62 6.46 2.90 3.88
C PHE A 62 7.13 3.21 5.22
N ASP A 63 6.68 4.28 5.86
CA ASP A 63 7.24 4.68 7.16
C ASP A 63 6.14 5.15 8.10
N CYS A 64 6.50 5.36 9.35
CA CYS A 64 5.54 5.81 10.36
C CYS A 64 5.85 7.25 10.80
N LYS A 65 4.79 8.06 10.93
CA LYS A 65 4.95 9.45 11.34
C LYS A 65 5.35 9.54 12.80
N ALA A 66 5.54 10.77 13.29
CA ALA A 66 5.93 11.00 14.68
C ALA A 66 4.79 10.62 15.63
N ASP A 67 3.57 10.94 15.22
CA ASP A 67 2.39 10.64 16.03
C ASP A 67 1.84 9.25 15.71
N ALA A 68 2.74 8.33 15.37
CA ALA A 68 2.33 6.97 15.04
C ALA A 68 1.44 6.38 16.13
N GLU A 69 1.66 6.80 17.37
CA GLU A 69 0.88 6.31 18.50
C GLU A 69 -0.58 6.09 18.09
N GLU A 70 -1.05 6.90 17.15
CA GLU A 70 -2.42 6.79 16.67
C GLU A 70 -2.52 5.80 15.51
N GLY A 71 -1.58 5.90 14.57
CA GLY A 71 -1.58 5.01 13.42
C GLY A 71 -1.45 5.76 12.11
N ILE A 72 -0.34 6.47 11.95
CA ILE A 72 -0.09 7.24 10.74
C ILE A 72 1.20 6.79 10.06
N PHE A 73 1.17 6.72 8.73
CA PHE A 73 2.35 6.31 7.97
C PHE A 73 2.50 7.16 6.71
N GLU A 74 3.58 6.94 5.98
CA GLU A 74 3.85 7.68 4.76
C GLU A 74 4.52 6.80 3.71
N ILE A 75 4.04 6.87 2.48
CA ILE A 75 4.59 6.08 1.39
C ILE A 75 5.45 6.94 0.47
N LYS A 76 6.77 6.86 0.67
CA LYS A 76 7.70 7.63 -0.15
C LYS A 76 7.97 6.93 -1.47
N THR A 77 7.59 7.58 -2.57
CA THR A 77 7.79 7.01 -3.90
C THR A 77 8.47 8.02 -4.83
N PRO A 78 9.18 7.51 -5.84
CA PRO A 78 9.89 8.35 -6.82
C PRO A 78 8.93 9.09 -7.73
N SER A 79 7.64 8.93 -7.49
CA SER A 79 6.62 9.58 -8.31
C SER A 79 5.90 10.66 -7.51
N ARG A 80 5.42 10.30 -6.32
CA ARG A 80 4.72 11.24 -5.47
C ARG A 80 4.58 10.68 -4.06
N VAL A 81 4.95 11.48 -3.06
CA VAL A 81 4.87 11.08 -1.67
C VAL A 81 3.43 11.09 -1.17
N ILE A 82 2.98 9.95 -0.65
CA ILE A 82 1.62 9.83 -0.14
C ILE A 82 1.61 9.74 1.38
N THR A 83 0.60 10.35 2.00
CA THR A 83 0.47 10.33 3.45
C THR A 83 -0.89 9.78 3.87
N LEU A 84 -0.90 8.54 4.32
CA LEU A 84 -2.14 7.89 4.76
C LEU A 84 -2.04 7.47 6.22
N LYS A 85 -3.19 7.41 6.90
CA LYS A 85 -3.23 7.02 8.30
C LYS A 85 -4.26 5.90 8.52
N ALA A 86 -3.90 4.93 9.34
CA ALA A 86 -4.79 3.81 9.63
C ALA A 86 -5.66 4.11 10.85
N ALA A 87 -6.48 3.13 11.23
CA ALA A 87 -7.37 3.29 12.37
C ALA A 87 -6.58 3.44 13.67
N THR A 88 -5.96 2.34 14.12
CA THR A 88 -5.17 2.34 15.34
C THR A 88 -3.70 2.09 15.04
N LYS A 89 -2.90 1.96 16.10
CA LYS A 89 -1.47 1.70 15.95
C LYS A 89 -1.22 0.32 15.38
N GLN A 90 -1.96 -0.66 15.87
CA GLN A 90 -1.82 -2.04 15.41
C GLN A 90 -2.37 -2.20 14.00
N ALA A 91 -3.15 -1.22 13.56
CA ALA A 91 -3.73 -1.25 12.23
C ALA A 91 -2.67 -1.02 11.15
N MET A 92 -2.07 0.16 11.17
CA MET A 92 -1.03 0.50 10.20
C MET A 92 0.07 -0.56 10.19
N LEU A 93 0.50 -0.98 11.37
CA LEU A 93 1.54 -1.98 11.49
C LEU A 93 1.27 -3.16 10.56
N TYR A 94 0.00 -3.50 10.39
CA TYR A 94 -0.40 -4.60 9.52
C TYR A 94 -0.20 -4.25 8.06
N TRP A 95 -0.49 -2.99 7.72
CA TRP A 95 -0.35 -2.52 6.35
C TRP A 95 1.12 -2.42 5.96
N LEU A 96 1.90 -1.71 6.77
CA LEU A 96 3.32 -1.53 6.50
C LEU A 96 4.01 -2.87 6.32
N GLN A 97 3.64 -3.84 7.16
CA GLN A 97 4.23 -5.17 7.10
C GLN A 97 3.83 -5.88 5.81
N GLN A 98 2.53 -6.13 5.67
CA GLN A 98 2.01 -6.81 4.49
C GLN A 98 2.45 -6.08 3.21
N LEU A 99 2.07 -4.82 3.10
CA LEU A 99 2.42 -4.02 1.94
C LEU A 99 3.78 -4.42 1.38
N GLN A 100 4.72 -4.71 2.28
CA GLN A 100 6.06 -5.12 1.88
C GLN A 100 6.04 -6.51 1.25
N MET A 101 5.40 -7.45 1.91
CA MET A 101 5.31 -8.82 1.41
C MET A 101 5.18 -8.83 -0.11
N LYS A 102 4.19 -8.08 -0.61
CA LYS A 102 3.97 -8.01 -2.05
C LYS A 102 5.22 -7.55 -2.78
N ARG A 103 5.78 -6.42 -2.34
CA ARG A 103 6.99 -5.88 -2.95
C ARG A 103 8.19 -6.78 -2.67
N TRP A 104 8.59 -6.83 -1.41
CA TRP A 104 9.74 -7.65 -1.01
C TRP A 104 9.80 -8.93 -1.83
N GLU A 105 8.67 -9.62 -1.94
CA GLU A 105 8.60 -10.86 -2.69
C GLU A 105 9.21 -10.69 -4.08
N PHE A 106 8.69 -9.72 -4.83
CA PHE A 106 9.18 -9.45 -6.18
C PHE A 106 10.70 -9.42 -6.21
N HIS A 107 11.29 -8.74 -5.24
CA HIS A 107 12.75 -8.64 -5.15
C HIS A 107 13.39 -10.01 -4.94
N ASN A 108 12.70 -10.86 -4.18
CA ASN A 108 13.20 -12.21 -3.92
C ASN A 108 13.03 -13.11 -5.14
N SER A 109 11.80 -13.28 -5.58
CA SER A 109 11.50 -14.12 -6.73
C SER A 109 12.27 -13.63 -7.96
N PRO A 110 12.68 -14.58 -8.82
CA PRO A 110 13.42 -14.27 -10.04
C PRO A 110 12.55 -13.57 -11.09
N PRO A 111 13.20 -12.80 -11.97
CA PRO A 111 12.52 -12.07 -13.03
C PRO A 111 11.95 -12.98 -14.10
N ALA A 112 11.34 -12.39 -15.13
CA ALA A 112 10.76 -13.16 -16.22
C ALA A 112 10.72 -12.35 -17.51
N PRO A 113 10.84 -13.04 -18.65
CA PRO A 113 10.83 -12.40 -19.97
C PRO A 113 9.45 -11.86 -20.33
N SER A 114 9.19 -10.61 -19.98
CA SER A 114 7.92 -9.97 -20.27
C SER A 114 7.83 -9.56 -21.73
N GLY A 115 6.65 -9.09 -22.15
CA GLY A 115 6.46 -8.67 -23.52
C GLY A 115 6.34 -7.17 -23.65
N PRO A 116 5.73 -6.71 -24.76
CA PRO A 116 5.54 -5.28 -25.03
C PRO A 116 4.53 -4.64 -24.09
N SER A 117 5.02 -4.02 -23.02
CA SER A 117 4.16 -3.37 -22.05
C SER A 117 3.81 -1.95 -22.49
N SER A 118 2.84 -1.34 -21.80
CA SER A 118 2.41 0.01 -22.12
C SER A 118 3.05 1.02 -21.17
N GLY A 119 3.21 2.25 -21.65
CA GLY A 119 3.82 3.29 -20.83
C GLY A 119 4.83 4.12 -21.60
N GLY A 1 4.95 -22.65 1.54
CA GLY A 1 3.89 -21.81 2.08
C GLY A 1 4.28 -21.19 3.41
N SER A 2 3.40 -20.37 3.96
CA SER A 2 3.65 -19.72 5.25
C SER A 2 2.59 -20.12 6.28
N SER A 3 2.95 -19.99 7.55
CA SER A 3 2.03 -20.33 8.63
C SER A 3 1.68 -19.10 9.46
N GLY A 4 0.43 -18.68 9.39
CA GLY A 4 -0.01 -17.51 10.14
C GLY A 4 -0.73 -16.51 9.26
N SER A 5 -0.17 -16.21 8.10
CA SER A 5 -0.77 -15.25 7.17
C SER A 5 -1.93 -15.88 6.42
N SER A 6 -3.15 -15.62 6.88
CA SER A 6 -4.33 -16.17 6.24
C SER A 6 -4.87 -15.22 5.17
N GLY A 7 -5.54 -15.78 4.17
CA GLY A 7 -6.10 -14.97 3.10
C GLY A 7 -5.02 -14.20 2.34
N LYS A 8 -5.06 -14.29 1.02
CA LYS A 8 -4.08 -13.61 0.18
C LYS A 8 -4.65 -12.30 -0.36
N LYS A 9 -5.37 -11.58 0.50
CA LYS A 9 -5.97 -10.30 0.12
C LYS A 9 -5.55 -9.20 1.09
N LEU A 10 -5.30 -8.01 0.56
CA LEU A 10 -4.90 -6.87 1.38
C LEU A 10 -5.73 -5.64 1.04
N CYS A 11 -6.69 -5.32 1.90
CA CYS A 11 -7.55 -4.16 1.68
C CYS A 11 -7.88 -3.48 3.01
N GLY A 12 -8.40 -2.26 2.92
CA GLY A 12 -8.74 -1.51 4.13
C GLY A 12 -8.91 -0.04 3.86
N TYR A 13 -9.71 0.62 4.69
CA TYR A 13 -9.97 2.05 4.54
C TYR A 13 -8.84 2.87 5.16
N LEU A 14 -8.55 4.02 4.54
CA LEU A 14 -7.49 4.89 5.03
C LEU A 14 -7.87 6.36 4.85
N SER A 15 -7.02 7.26 5.36
CA SER A 15 -7.27 8.68 5.25
C SER A 15 -6.18 9.37 4.42
N LYS A 16 -6.60 10.08 3.38
CA LYS A 16 -5.67 10.77 2.51
C LYS A 16 -5.52 12.24 2.93
N PHE A 17 -4.30 12.63 3.27
CA PHE A 17 -4.02 13.99 3.70
C PHE A 17 -3.81 14.90 2.49
N GLY A 18 -3.64 16.20 2.76
CA GLY A 18 -3.42 17.15 1.68
C GLY A 18 -2.48 16.63 0.62
N GLY A 19 -2.54 17.21 -0.57
CA GLY A 19 -1.68 16.78 -1.66
C GLY A 19 -1.89 17.59 -2.92
N LYS A 20 -2.75 17.09 -3.81
CA LYS A 20 -3.04 17.78 -5.06
C LYS A 20 -4.02 18.93 -4.84
N GLY A 21 -5.02 18.69 -4.00
CA GLY A 21 -6.01 19.71 -3.72
C GLY A 21 -5.38 21.01 -3.27
N PRO A 22 -6.19 22.09 -3.22
CA PRO A 22 -5.72 23.42 -2.80
C PRO A 22 -5.41 23.47 -1.31
N ILE A 23 -6.28 22.86 -0.51
CA ILE A 23 -6.10 22.84 0.94
C ILE A 23 -5.68 21.46 1.42
N ARG A 24 -5.30 21.37 2.69
CA ARG A 24 -4.88 20.10 3.28
C ARG A 24 -5.89 19.62 4.31
N GLY A 25 -5.98 18.30 4.48
CA GLY A 25 -6.91 17.74 5.43
C GLY A 25 -7.10 16.25 5.24
N TRP A 26 -7.68 15.59 6.24
CA TRP A 26 -7.92 14.15 6.18
C TRP A 26 -9.22 13.85 5.43
N LYS A 27 -9.17 12.90 4.50
CA LYS A 27 -10.34 12.52 3.73
C LYS A 27 -10.50 11.00 3.69
N SER A 28 -11.70 10.53 4.00
CA SER A 28 -11.98 9.10 4.00
C SER A 28 -11.88 8.52 2.60
N ARG A 29 -10.85 7.71 2.38
CA ARG A 29 -10.63 7.10 1.07
C ARG A 29 -10.34 5.60 1.22
N TRP A 30 -10.94 4.79 0.36
CA TRP A 30 -10.73 3.35 0.40
C TRP A 30 -9.48 2.96 -0.38
N PHE A 31 -8.66 2.10 0.22
CA PHE A 31 -7.44 1.64 -0.42
C PHE A 31 -7.42 0.12 -0.55
N PHE A 32 -6.91 -0.37 -1.67
CA PHE A 32 -6.84 -1.81 -1.92
C PHE A 32 -5.65 -2.15 -2.81
N TYR A 33 -4.97 -3.23 -2.48
CA TYR A 33 -3.81 -3.67 -3.26
C TYR A 33 -4.23 -4.57 -4.41
N ASP A 34 -3.44 -4.55 -5.48
CA ASP A 34 -3.73 -5.37 -6.65
C ASP A 34 -2.64 -6.41 -6.87
N GLU A 35 -3.05 -7.66 -7.10
CA GLU A 35 -2.11 -8.75 -7.33
C GLU A 35 -1.96 -9.03 -8.82
N ARG A 36 -2.30 -8.06 -9.64
CA ARG A 36 -2.20 -8.20 -11.09
C ARG A 36 -1.05 -7.38 -11.64
N LYS A 37 -0.96 -6.13 -11.20
CA LYS A 37 0.11 -5.23 -11.65
C LYS A 37 1.03 -4.87 -10.50
N CYS A 38 0.88 -5.56 -9.38
CA CYS A 38 1.71 -5.31 -8.21
C CYS A 38 1.68 -3.83 -7.83
N GLN A 39 0.48 -3.25 -7.86
CA GLN A 39 0.32 -1.83 -7.52
C GLN A 39 -0.77 -1.65 -6.47
N LEU A 40 -0.83 -0.46 -5.88
CA LEU A 40 -1.82 -0.16 -4.87
C LEU A 40 -2.90 0.78 -5.42
N TYR A 41 -4.09 0.24 -5.62
CA TYR A 41 -5.20 1.02 -6.14
C TYR A 41 -6.17 1.42 -5.02
N TYR A 42 -6.51 2.70 -4.99
CA TYR A 42 -7.43 3.21 -3.97
C TYR A 42 -8.53 4.05 -4.60
N SER A 43 -9.74 3.95 -4.05
CA SER A 43 -10.88 4.70 -4.56
C SER A 43 -11.71 5.27 -3.42
N ARG A 44 -12.82 5.91 -3.76
CA ARG A 44 -13.71 6.49 -2.76
C ARG A 44 -14.37 5.40 -1.91
N THR A 45 -14.68 4.28 -2.55
CA THR A 45 -15.32 3.17 -1.86
C THR A 45 -14.60 1.85 -2.16
N ALA A 46 -15.15 0.75 -1.65
CA ALA A 46 -14.57 -0.57 -1.87
C ALA A 46 -15.21 -1.26 -3.06
N GLN A 47 -16.09 -0.54 -3.77
CA GLN A 47 -16.77 -1.09 -4.93
C GLN A 47 -16.66 -0.14 -6.12
N ASP A 48 -15.59 0.65 -6.15
CA ASP A 48 -15.38 1.60 -7.23
C ASP A 48 -14.88 0.89 -8.49
N ALA A 49 -15.82 0.56 -9.38
CA ALA A 49 -15.49 -0.13 -10.62
C ALA A 49 -14.13 0.31 -11.15
N ASN A 50 -13.86 1.61 -11.06
CA ASN A 50 -12.59 2.17 -11.52
C ASN A 50 -11.89 2.94 -10.40
N PRO A 51 -10.65 2.53 -10.10
CA PRO A 51 -9.85 3.17 -9.05
C PRO A 51 -9.40 4.57 -9.44
N LEU A 52 -9.52 5.50 -8.50
CA LEU A 52 -9.12 6.89 -8.75
C LEU A 52 -7.70 6.96 -9.30
N ASP A 53 -6.77 6.29 -8.63
CA ASP A 53 -5.38 6.27 -9.06
C ASP A 53 -4.62 5.13 -8.40
N SER A 54 -3.43 4.83 -8.94
CA SER A 54 -2.61 3.75 -8.39
C SER A 54 -1.22 4.26 -8.02
N ILE A 55 -0.51 3.48 -7.22
CA ILE A 55 0.83 3.85 -6.78
C ILE A 55 1.79 2.67 -6.84
N ASP A 56 2.94 2.88 -7.47
CA ASP A 56 3.94 1.83 -7.61
C ASP A 56 4.62 1.56 -6.27
N LEU A 57 4.29 0.43 -5.66
CA LEU A 57 4.88 0.07 -4.37
C LEU A 57 6.31 -0.43 -4.54
N SER A 58 6.64 -0.85 -5.76
CA SER A 58 7.98 -1.34 -6.06
C SER A 58 9.04 -0.48 -5.38
N SER A 59 9.10 0.79 -5.76
CA SER A 59 10.08 1.71 -5.18
C SER A 59 9.43 2.58 -4.10
N ALA A 60 8.39 2.05 -3.48
CA ALA A 60 7.68 2.78 -2.44
C ALA A 60 8.09 2.29 -1.05
N VAL A 61 8.47 3.22 -0.18
CA VAL A 61 8.88 2.89 1.18
C VAL A 61 7.88 3.40 2.20
N PHE A 62 7.33 2.48 2.99
CA PHE A 62 6.36 2.84 4.01
C PHE A 62 7.06 3.26 5.31
N ASP A 63 6.74 4.46 5.78
CA ASP A 63 7.33 4.98 7.02
C ASP A 63 6.24 5.38 8.01
N CYS A 64 6.65 5.55 9.26
CA CYS A 64 5.72 5.94 10.32
C CYS A 64 5.93 7.40 10.73
N LYS A 65 4.84 8.15 10.82
CA LYS A 65 4.90 9.55 11.20
C LYS A 65 5.35 9.70 12.65
N ALA A 66 5.47 10.94 13.11
CA ALA A 66 5.88 11.22 14.47
C ALA A 66 4.78 10.88 15.46
N ASP A 67 3.54 11.16 15.07
CA ASP A 67 2.38 10.88 15.92
C ASP A 67 1.82 9.50 15.64
N ALA A 68 2.70 8.55 15.33
CA ALA A 68 2.29 7.18 15.04
C ALA A 68 1.52 6.59 16.21
N GLU A 69 1.66 7.19 17.39
CA GLU A 69 0.97 6.73 18.57
C GLU A 69 -0.52 6.50 18.30
N GLU A 70 -1.02 7.15 17.25
CA GLU A 70 -2.43 7.03 16.88
C GLU A 70 -2.60 6.03 15.75
N GLY A 71 -1.64 6.02 14.82
CA GLY A 71 -1.71 5.09 13.70
C GLY A 71 -1.62 5.81 12.37
N ILE A 72 -0.54 6.55 12.16
CA ILE A 72 -0.34 7.29 10.92
C ILE A 72 0.97 6.88 10.25
N PHE A 73 0.92 6.73 8.93
CA PHE A 73 2.09 6.33 8.16
C PHE A 73 2.23 7.18 6.90
N GLU A 74 3.28 6.93 6.13
CA GLU A 74 3.53 7.68 4.90
C GLU A 74 4.29 6.83 3.89
N ILE A 75 3.80 6.79 2.66
CA ILE A 75 4.44 6.01 1.60
C ILE A 75 5.30 6.90 0.71
N LYS A 76 6.61 6.79 0.87
CA LYS A 76 7.55 7.59 0.08
C LYS A 76 7.86 6.90 -1.24
N THR A 77 7.57 7.59 -2.34
CA THR A 77 7.82 7.04 -3.67
C THR A 77 8.57 8.04 -4.54
N PRO A 78 9.29 7.52 -5.55
CA PRO A 78 10.07 8.35 -6.47
C PRO A 78 9.18 9.17 -7.41
N SER A 79 7.88 9.07 -7.20
CA SER A 79 6.91 9.80 -8.02
C SER A 79 6.20 10.87 -7.20
N ARG A 80 5.67 10.46 -6.05
CA ARG A 80 4.96 11.38 -5.17
C ARG A 80 4.77 10.76 -3.78
N VAL A 81 5.23 11.46 -2.76
CA VAL A 81 5.10 10.99 -1.39
C VAL A 81 3.67 11.12 -0.89
N ILE A 82 3.05 9.98 -0.58
CA ILE A 82 1.67 9.97 -0.10
C ILE A 82 1.63 9.78 1.41
N THR A 83 0.57 10.29 2.04
CA THR A 83 0.41 10.17 3.48
C THR A 83 -0.95 9.57 3.84
N LEU A 84 -0.94 8.35 4.36
CA LEU A 84 -2.17 7.68 4.75
C LEU A 84 -2.10 7.20 6.19
N LYS A 85 -3.24 7.22 6.87
CA LYS A 85 -3.33 6.79 8.26
C LYS A 85 -4.28 5.61 8.41
N ALA A 86 -4.06 4.81 9.46
CA ALA A 86 -4.89 3.65 9.72
C ALA A 86 -5.77 3.88 10.95
N ALA A 87 -6.62 2.90 11.25
CA ALA A 87 -7.51 2.98 12.40
C ALA A 87 -6.72 3.17 13.70
N THR A 88 -6.01 2.12 14.11
CA THR A 88 -5.21 2.17 15.32
C THR A 88 -3.73 2.01 15.02
N LYS A 89 -2.92 1.98 16.07
CA LYS A 89 -1.48 1.83 15.91
C LYS A 89 -1.12 0.47 15.33
N GLN A 90 -1.83 -0.56 15.80
CA GLN A 90 -1.59 -1.92 15.32
C GLN A 90 -2.13 -2.11 13.91
N ALA A 91 -3.04 -1.23 13.51
CA ALA A 91 -3.63 -1.30 12.18
C ALA A 91 -2.59 -1.05 11.10
N MET A 92 -2.02 0.15 11.09
CA MET A 92 -1.00 0.51 10.11
C MET A 92 0.08 -0.56 10.03
N LEU A 93 0.58 -0.98 11.19
CA LEU A 93 1.62 -1.99 11.27
C LEU A 93 1.32 -3.14 10.31
N TYR A 94 0.06 -3.54 10.25
CA TYR A 94 -0.37 -4.63 9.38
C TYR A 94 -0.20 -4.26 7.92
N TRP A 95 -0.52 -3.01 7.59
CA TRP A 95 -0.40 -2.53 6.22
C TRP A 95 1.06 -2.46 5.79
N LEU A 96 1.86 -1.73 6.56
CA LEU A 96 3.29 -1.58 6.27
C LEU A 96 3.96 -2.93 6.14
N GLN A 97 3.63 -3.84 7.06
CA GLN A 97 4.21 -5.18 7.06
C GLN A 97 3.73 -5.97 5.84
N GLN A 98 2.41 -6.05 5.68
CA GLN A 98 1.81 -6.78 4.57
C GLN A 98 2.30 -6.21 3.23
N LEU A 99 1.97 -4.95 2.98
CA LEU A 99 2.36 -4.28 1.75
C LEU A 99 3.72 -4.79 1.27
N GLN A 100 4.70 -4.80 2.17
CA GLN A 100 6.04 -5.26 1.84
C GLN A 100 6.00 -6.65 1.21
N MET A 101 5.35 -7.59 1.90
CA MET A 101 5.24 -8.96 1.41
C MET A 101 5.09 -8.98 -0.11
N LYS A 102 4.25 -8.10 -0.63
CA LYS A 102 4.01 -8.02 -2.07
C LYS A 102 5.28 -7.56 -2.80
N ARG A 103 5.85 -6.45 -2.35
CA ARG A 103 7.05 -5.91 -2.97
C ARG A 103 8.25 -6.81 -2.68
N TRP A 104 8.59 -6.94 -1.40
CA TRP A 104 9.72 -7.76 -0.99
C TRP A 104 9.76 -9.05 -1.78
N GLU A 105 8.62 -9.72 -1.89
CA GLU A 105 8.54 -10.98 -2.62
C GLU A 105 9.21 -10.86 -3.98
N PHE A 106 8.69 -9.98 -4.82
CA PHE A 106 9.23 -9.76 -6.16
C PHE A 106 10.76 -9.70 -6.11
N HIS A 107 11.29 -8.94 -5.16
CA HIS A 107 12.74 -8.80 -5.01
C HIS A 107 13.38 -10.16 -4.74
N ASN A 108 12.71 -10.98 -3.94
CA ASN A 108 13.23 -12.31 -3.61
C ASN A 108 13.20 -13.23 -4.82
N SER A 109 12.00 -13.44 -5.36
CA SER A 109 11.84 -14.31 -6.53
C SER A 109 12.88 -13.98 -7.60
N PRO A 110 13.63 -15.00 -8.02
CA PRO A 110 14.68 -14.84 -9.04
C PRO A 110 14.09 -14.59 -10.43
N PRO A 111 14.91 -13.98 -11.31
CA PRO A 111 14.49 -13.67 -12.68
C PRO A 111 14.32 -14.91 -13.54
N ALA A 112 13.90 -14.71 -14.79
CA ALA A 112 13.70 -15.82 -15.71
C ALA A 112 14.85 -16.83 -15.62
N PRO A 113 14.62 -18.04 -16.14
CA PRO A 113 15.62 -19.11 -16.12
C PRO A 113 16.79 -18.82 -17.05
N SER A 114 17.68 -19.81 -17.22
CA SER A 114 18.84 -19.65 -18.07
C SER A 114 19.40 -18.23 -17.99
N GLY A 115 19.50 -17.71 -16.77
CA GLY A 115 20.01 -16.37 -16.57
C GLY A 115 21.37 -16.36 -15.91
N PRO A 116 22.03 -15.20 -15.94
CA PRO A 116 23.37 -15.04 -15.35
C PRO A 116 23.34 -15.09 -13.82
N SER A 117 23.60 -16.28 -13.27
CA SER A 117 23.60 -16.46 -11.83
C SER A 117 24.70 -17.43 -11.40
N SER A 118 25.61 -16.94 -10.56
CA SER A 118 26.72 -17.76 -10.08
C SER A 118 26.80 -17.73 -8.56
N GLY A 119 27.15 -18.87 -7.97
CA GLY A 119 27.25 -18.95 -6.52
C GLY A 119 25.92 -18.68 -5.84
N GLY A 1 7.74 -15.96 5.86
CA GLY A 1 6.42 -16.07 6.44
C GLY A 1 6.32 -17.19 7.45
N SER A 2 6.76 -16.91 8.68
CA SER A 2 6.73 -17.91 9.74
C SER A 2 5.34 -18.50 9.89
N SER A 3 4.37 -17.64 10.19
CA SER A 3 2.98 -18.09 10.36
C SER A 3 2.34 -18.39 9.01
N GLY A 4 2.24 -17.37 8.17
CA GLY A 4 1.64 -17.55 6.85
C GLY A 4 0.13 -17.54 6.91
N SER A 5 -0.47 -16.51 6.30
CA SER A 5 -1.92 -16.38 6.28
C SER A 5 -2.49 -16.87 4.95
N SER A 6 -3.71 -17.41 5.00
CA SER A 6 -4.37 -17.92 3.81
C SER A 6 -5.08 -16.79 3.05
N GLY A 7 -4.73 -16.61 1.80
CA GLY A 7 -5.34 -15.57 0.99
C GLY A 7 -4.48 -14.32 0.89
N LYS A 8 -3.94 -14.08 -0.29
CA LYS A 8 -3.09 -12.91 -0.52
C LYS A 8 -3.92 -11.67 -0.79
N LYS A 9 -4.97 -11.48 0.01
CA LYS A 9 -5.85 -10.34 -0.14
C LYS A 9 -5.52 -9.26 0.88
N LEU A 10 -5.21 -8.07 0.40
CA LEU A 10 -4.88 -6.95 1.28
C LEU A 10 -5.66 -5.70 0.90
N CYS A 11 -6.71 -5.41 1.67
CA CYS A 11 -7.54 -4.24 1.41
C CYS A 11 -8.00 -3.59 2.72
N GLY A 12 -8.27 -2.30 2.67
CA GLY A 12 -8.71 -1.58 3.86
C GLY A 12 -8.82 -0.09 3.63
N TYR A 13 -9.82 0.52 4.27
CA TYR A 13 -10.05 1.95 4.12
C TYR A 13 -8.97 2.75 4.85
N LEU A 14 -8.65 3.93 4.32
CA LEU A 14 -7.63 4.79 4.91
C LEU A 14 -8.01 6.26 4.76
N SER A 15 -7.31 7.12 5.49
CA SER A 15 -7.58 8.55 5.43
C SER A 15 -6.58 9.26 4.52
N LYS A 16 -7.05 9.66 3.35
CA LYS A 16 -6.21 10.35 2.37
C LYS A 16 -5.88 11.77 2.84
N PHE A 17 -4.59 12.07 2.92
CA PHE A 17 -4.15 13.39 3.35
C PHE A 17 -3.81 14.28 2.15
N GLY A 18 -4.47 15.43 2.08
CA GLY A 18 -4.24 16.34 0.97
C GLY A 18 -4.78 15.82 -0.34
N GLY A 19 -6.09 15.97 -0.54
CA GLY A 19 -6.71 15.51 -1.77
C GLY A 19 -6.38 16.39 -2.96
N LYS A 20 -7.36 17.18 -3.39
CA LYS A 20 -7.18 18.08 -4.54
C LYS A 20 -7.20 19.53 -4.08
N GLY A 21 -6.51 19.82 -2.99
CA GLY A 21 -6.46 21.18 -2.47
C GLY A 21 -5.08 21.54 -1.93
N PRO A 22 -4.81 22.85 -1.84
CA PRO A 22 -3.53 23.36 -1.33
C PRO A 22 -3.37 23.12 0.16
N ILE A 23 -4.49 22.97 0.86
CA ILE A 23 -4.46 22.73 2.30
C ILE A 23 -4.17 21.26 2.61
N ARG A 24 -4.02 20.96 3.89
CA ARG A 24 -3.73 19.59 4.32
C ARG A 24 -4.82 19.08 5.27
N GLY A 25 -5.49 18.01 4.86
CA GLY A 25 -6.55 17.45 5.68
C GLY A 25 -6.84 16.00 5.33
N TRP A 26 -7.30 15.24 6.32
CA TRP A 26 -7.62 13.83 6.11
C TRP A 26 -8.94 13.67 5.38
N LYS A 27 -9.08 12.58 4.64
CA LYS A 27 -10.31 12.30 3.89
C LYS A 27 -10.57 10.80 3.82
N SER A 28 -11.84 10.43 3.95
CA SER A 28 -12.24 9.03 3.90
C SER A 28 -12.15 8.48 2.48
N ARG A 29 -11.12 7.68 2.23
CA ARG A 29 -10.91 7.09 0.92
C ARG A 29 -10.76 5.57 1.01
N TRP A 30 -11.15 4.88 -0.05
CA TRP A 30 -11.06 3.42 -0.09
C TRP A 30 -9.77 2.96 -0.75
N PHE A 31 -8.98 2.18 -0.04
CA PHE A 31 -7.72 1.68 -0.56
C PHE A 31 -7.76 0.17 -0.74
N PHE A 32 -7.17 -0.32 -1.83
CA PHE A 32 -7.14 -1.75 -2.11
C PHE A 32 -5.92 -2.11 -2.96
N TYR A 33 -5.25 -3.20 -2.60
CA TYR A 33 -4.07 -3.65 -3.33
C TYR A 33 -4.47 -4.42 -4.58
N ASP A 34 -3.58 -4.42 -5.56
CA ASP A 34 -3.84 -5.14 -6.82
C ASP A 34 -2.75 -6.16 -7.10
N GLU A 35 -3.09 -7.43 -6.91
CA GLU A 35 -2.13 -8.52 -7.14
C GLU A 35 -2.08 -8.90 -8.62
N ARG A 36 -2.51 -7.97 -9.48
CA ARG A 36 -2.52 -8.21 -10.92
C ARG A 36 -1.35 -7.48 -11.58
N LYS A 37 -1.08 -6.27 -11.11
CA LYS A 37 0.01 -5.46 -11.67
C LYS A 37 0.99 -5.05 -10.57
N CYS A 38 0.77 -5.55 -9.37
CA CYS A 38 1.64 -5.23 -8.24
C CYS A 38 1.60 -3.74 -7.93
N GLN A 39 0.39 -3.18 -7.89
CA GLN A 39 0.22 -1.76 -7.60
C GLN A 39 -0.94 -1.54 -6.63
N LEU A 40 -0.84 -0.50 -5.82
CA LEU A 40 -1.88 -0.17 -4.86
C LEU A 40 -2.85 0.86 -5.43
N TYR A 41 -4.11 0.49 -5.55
CA TYR A 41 -5.13 1.37 -6.08
C TYR A 41 -6.14 1.77 -4.99
N TYR A 42 -6.66 2.98 -5.09
CA TYR A 42 -7.62 3.47 -4.12
C TYR A 42 -8.65 4.40 -4.78
N SER A 43 -9.91 4.25 -4.38
CA SER A 43 -10.98 5.06 -4.94
C SER A 43 -11.85 5.66 -3.83
N ARG A 44 -12.91 6.35 -4.22
CA ARG A 44 -13.82 6.96 -3.26
C ARG A 44 -14.52 5.91 -2.42
N THR A 45 -14.99 4.85 -3.07
CA THR A 45 -15.68 3.77 -2.39
C THR A 45 -15.53 2.45 -3.13
N ALA A 46 -15.59 1.35 -2.40
CA ALA A 46 -15.45 0.02 -3.00
C ALA A 46 -16.41 -0.15 -4.18
N GLN A 47 -17.53 0.57 -4.14
CA GLN A 47 -18.52 0.49 -5.20
C GLN A 47 -17.96 1.03 -6.51
N ASP A 48 -17.07 2.02 -6.41
CA ASP A 48 -16.46 2.61 -7.59
C ASP A 48 -15.30 1.75 -8.09
N ALA A 49 -15.63 0.58 -8.63
CA ALA A 49 -14.61 -0.33 -9.14
C ALA A 49 -13.44 0.44 -9.74
N ASN A 50 -13.75 1.51 -10.46
CA ASN A 50 -12.73 2.33 -11.09
C ASN A 50 -11.85 3.02 -10.04
N PRO A 51 -10.58 2.59 -9.96
CA PRO A 51 -9.63 3.15 -9.00
C PRO A 51 -9.23 4.59 -9.35
N LEU A 52 -9.44 5.51 -8.41
CA LEU A 52 -9.11 6.91 -8.62
C LEU A 52 -7.67 7.06 -9.08
N ASP A 53 -6.74 6.43 -8.35
CA ASP A 53 -5.33 6.50 -8.68
C ASP A 53 -4.60 5.26 -8.17
N SER A 54 -3.39 5.04 -8.68
CA SER A 54 -2.59 3.89 -8.28
C SER A 54 -1.18 4.32 -7.88
N ILE A 55 -0.55 3.55 -7.00
CA ILE A 55 0.79 3.85 -6.53
C ILE A 55 1.71 2.64 -6.67
N ASP A 56 2.85 2.83 -7.33
CA ASP A 56 3.81 1.76 -7.54
C ASP A 56 4.53 1.43 -6.23
N LEU A 57 4.12 0.34 -5.59
CA LEU A 57 4.73 -0.09 -4.34
C LEU A 57 6.12 -0.66 -4.57
N SER A 58 6.33 -1.26 -5.74
CA SER A 58 7.61 -1.84 -6.09
C SER A 58 8.76 -0.90 -5.70
N SER A 59 8.56 0.39 -5.95
CA SER A 59 9.58 1.39 -5.64
C SER A 59 9.07 2.36 -4.58
N ALA A 60 8.27 1.86 -3.65
CA ALA A 60 7.72 2.68 -2.59
C ALA A 60 8.25 2.25 -1.22
N VAL A 61 8.42 3.22 -0.33
CA VAL A 61 8.93 2.94 1.00
C VAL A 61 7.95 3.43 2.07
N PHE A 62 7.44 2.49 2.86
CA PHE A 62 6.48 2.82 3.92
C PHE A 62 7.21 3.22 5.20
N ASP A 63 6.77 4.31 5.81
CA ASP A 63 7.37 4.80 7.04
C ASP A 63 6.31 5.26 8.03
N CYS A 64 6.73 5.49 9.27
CA CYS A 64 5.80 5.94 10.31
C CYS A 64 6.08 7.39 10.71
N LYS A 65 5.02 8.14 10.96
CA LYS A 65 5.16 9.54 11.35
C LYS A 65 5.57 9.66 12.81
N ALA A 66 5.78 10.89 13.26
CA ALA A 66 6.18 11.15 14.64
C ALA A 66 5.09 10.70 15.62
N ASP A 67 3.85 11.03 15.30
CA ASP A 67 2.72 10.65 16.14
C ASP A 67 2.25 9.23 15.83
N ALA A 68 3.19 8.35 15.52
CA ALA A 68 2.86 6.97 15.21
C ALA A 68 1.97 6.35 16.27
N GLU A 69 2.17 6.77 17.51
CA GLU A 69 1.39 6.25 18.64
C GLU A 69 -0.09 6.15 18.26
N GLU A 70 -0.55 7.07 17.43
CA GLU A 70 -1.93 7.09 16.99
C GLU A 70 -2.17 6.08 15.87
N GLY A 71 -1.23 6.03 14.92
CA GLY A 71 -1.35 5.10 13.81
C GLY A 71 -1.28 5.80 12.47
N ILE A 72 -0.17 6.47 12.20
CA ILE A 72 0.02 7.17 10.94
C ILE A 72 1.29 6.73 10.23
N PHE A 73 1.25 6.71 8.91
CA PHE A 73 2.41 6.30 8.12
C PHE A 73 2.53 7.16 6.86
N GLU A 74 3.58 6.90 6.07
CA GLU A 74 3.81 7.65 4.85
C GLU A 74 4.51 6.78 3.81
N ILE A 75 4.03 6.83 2.58
CA ILE A 75 4.62 6.06 1.49
C ILE A 75 5.44 6.94 0.56
N LYS A 76 6.75 6.88 0.71
CA LYS A 76 7.65 7.68 -0.12
C LYS A 76 7.88 7.00 -1.47
N THR A 77 7.42 7.66 -2.53
CA THR A 77 7.58 7.12 -3.89
C THR A 77 8.23 8.15 -4.81
N PRO A 78 8.93 7.65 -5.84
CA PRO A 78 9.61 8.52 -6.82
C PRO A 78 8.62 9.26 -7.72
N SER A 79 7.33 9.10 -7.43
CA SER A 79 6.30 9.76 -8.22
C SER A 79 5.59 10.82 -7.39
N ARG A 80 5.15 10.45 -6.19
CA ARG A 80 4.45 11.37 -5.31
C ARG A 80 4.36 10.80 -3.90
N VAL A 81 4.75 11.60 -2.91
CA VAL A 81 4.72 11.19 -1.52
C VAL A 81 3.29 11.17 -0.99
N ILE A 82 2.82 9.99 -0.59
CA ILE A 82 1.47 9.85 -0.06
C ILE A 82 1.49 9.68 1.46
N THR A 83 0.54 10.32 2.13
CA THR A 83 0.45 10.24 3.59
C THR A 83 -0.89 9.64 4.02
N LEU A 84 -0.86 8.35 4.36
CA LEU A 84 -2.06 7.65 4.80
C LEU A 84 -1.93 7.19 6.24
N LYS A 85 -3.05 7.20 6.96
CA LYS A 85 -3.07 6.77 8.35
C LYS A 85 -4.03 5.61 8.56
N ALA A 86 -3.83 4.87 9.65
CA ALA A 86 -4.68 3.72 9.97
C ALA A 86 -5.45 3.95 11.26
N ALA A 87 -6.34 3.02 11.58
CA ALA A 87 -7.14 3.13 12.79
C ALA A 87 -6.26 3.34 14.02
N THR A 88 -5.48 2.33 14.38
CA THR A 88 -4.60 2.40 15.53
C THR A 88 -3.16 2.04 15.15
N LYS A 89 -2.25 2.14 16.11
CA LYS A 89 -0.85 1.82 15.88
C LYS A 89 -0.70 0.41 15.32
N GLN A 90 -1.54 -0.50 15.80
CA GLN A 90 -1.51 -1.89 15.33
C GLN A 90 -2.03 -2.00 13.91
N ALA A 91 -3.01 -1.18 13.58
CA ALA A 91 -3.60 -1.19 12.24
C ALA A 91 -2.53 -1.01 11.17
N MET A 92 -1.85 0.13 11.21
CA MET A 92 -0.80 0.42 10.23
C MET A 92 0.23 -0.70 10.20
N LEU A 93 0.69 -1.12 11.37
CA LEU A 93 1.67 -2.18 11.48
C LEU A 93 1.34 -3.33 10.54
N TYR A 94 0.04 -3.58 10.35
CA TYR A 94 -0.41 -4.66 9.47
C TYR A 94 -0.23 -4.27 8.01
N TRP A 95 -0.49 -3.01 7.70
CA TRP A 95 -0.36 -2.51 6.33
C TRP A 95 1.10 -2.43 5.91
N LEU A 96 1.94 -1.89 6.79
CA LEU A 96 3.36 -1.75 6.52
C LEU A 96 4.02 -3.12 6.36
N GLN A 97 3.68 -4.04 7.26
CA GLN A 97 4.23 -5.38 7.22
C GLN A 97 3.77 -6.12 5.97
N GLN A 98 2.47 -6.11 5.73
CA GLN A 98 1.89 -6.78 4.56
C GLN A 98 2.37 -6.12 3.27
N LEU A 99 2.10 -4.84 3.14
CA LEU A 99 2.50 -4.08 1.94
C LEU A 99 3.90 -4.49 1.50
N GLN A 100 4.79 -4.68 2.46
CA GLN A 100 6.16 -5.07 2.16
C GLN A 100 6.21 -6.46 1.53
N MET A 101 5.51 -7.41 2.14
CA MET A 101 5.47 -8.77 1.63
C MET A 101 5.37 -8.78 0.10
N LYS A 102 4.43 -8.01 -0.43
CA LYS A 102 4.23 -7.93 -1.86
C LYS A 102 5.51 -7.51 -2.57
N ARG A 103 6.11 -6.42 -2.12
CA ARG A 103 7.35 -5.92 -2.70
C ARG A 103 8.49 -6.91 -2.49
N TRP A 104 8.84 -7.16 -1.23
CA TRP A 104 9.91 -8.07 -0.89
C TRP A 104 9.79 -9.37 -1.70
N GLU A 105 8.57 -9.89 -1.78
CA GLU A 105 8.32 -11.13 -2.51
C GLU A 105 8.84 -11.02 -3.94
N PHE A 106 8.61 -9.86 -4.57
CA PHE A 106 9.06 -9.65 -5.94
C PHE A 106 10.58 -9.72 -6.03
N HIS A 107 11.25 -9.17 -5.03
CA HIS A 107 12.71 -9.17 -5.01
C HIS A 107 13.25 -10.56 -4.70
N ASN A 108 12.87 -11.10 -3.55
CA ASN A 108 13.31 -12.43 -3.14
C ASN A 108 12.78 -13.50 -4.09
N SER A 109 11.85 -13.11 -4.96
CA SER A 109 11.26 -14.03 -5.93
C SER A 109 12.30 -15.03 -6.42
N PRO A 110 12.22 -16.26 -5.90
CA PRO A 110 13.15 -17.33 -6.28
C PRO A 110 12.93 -17.82 -7.71
N PRO A 111 13.88 -18.62 -8.22
CA PRO A 111 13.81 -19.16 -9.58
C PRO A 111 12.70 -20.20 -9.74
N ALA A 112 12.64 -20.81 -10.92
CA ALA A 112 11.63 -21.83 -11.19
C ALA A 112 11.52 -22.82 -10.03
N PRO A 113 10.28 -23.26 -9.75
CA PRO A 113 10.01 -24.21 -8.66
C PRO A 113 10.53 -25.60 -8.97
N SER A 114 10.17 -26.57 -8.14
CA SER A 114 10.62 -27.95 -8.32
C SER A 114 9.73 -28.91 -7.52
N GLY A 115 9.35 -30.01 -8.16
CA GLY A 115 8.51 -30.99 -7.49
C GLY A 115 7.94 -32.01 -8.46
N PRO A 116 8.67 -33.11 -8.68
CA PRO A 116 8.24 -34.18 -9.59
C PRO A 116 7.04 -34.96 -9.05
N SER A 117 6.01 -35.08 -9.87
CA SER A 117 4.80 -35.80 -9.47
C SER A 117 4.65 -37.10 -10.26
N SER A 118 4.86 -37.02 -11.57
CA SER A 118 4.75 -38.18 -12.44
C SER A 118 5.98 -38.32 -13.33
N GLY A 119 6.58 -39.51 -13.31
CA GLY A 119 7.77 -39.75 -14.11
C GLY A 119 7.72 -41.08 -14.84
N GLY A 1 -20.75 -14.12 6.19
CA GLY A 1 -21.30 -15.25 5.47
C GLY A 1 -20.22 -16.23 5.02
N SER A 2 -20.24 -16.58 3.74
CA SER A 2 -19.27 -17.51 3.19
C SER A 2 -17.89 -17.27 3.78
N SER A 3 -17.41 -18.23 4.57
CA SER A 3 -16.10 -18.12 5.20
C SER A 3 -15.16 -19.20 4.68
N GLY A 4 -14.43 -18.87 3.62
CA GLY A 4 -13.50 -19.82 3.04
C GLY A 4 -12.06 -19.41 3.24
N SER A 5 -11.35 -20.13 4.11
CA SER A 5 -9.95 -19.84 4.39
C SER A 5 -9.10 -19.94 3.12
N SER A 6 -8.97 -18.81 2.42
CA SER A 6 -8.18 -18.77 1.20
C SER A 6 -7.39 -17.47 1.10
N GLY A 7 -6.47 -17.42 0.14
CA GLY A 7 -5.66 -16.23 -0.03
C GLY A 7 -6.44 -14.96 0.19
N LYS A 8 -6.28 -14.37 1.38
CA LYS A 8 -6.98 -13.14 1.72
C LYS A 8 -6.28 -11.92 1.12
N LYS A 9 -6.95 -11.26 0.18
CA LYS A 9 -6.40 -10.09 -0.49
C LYS A 9 -6.14 -8.97 0.52
N LEU A 10 -5.13 -8.16 0.25
CA LEU A 10 -4.77 -7.05 1.13
C LEU A 10 -5.59 -5.80 0.77
N CYS A 11 -6.59 -5.50 1.59
CA CYS A 11 -7.44 -4.34 1.37
C CYS A 11 -7.80 -3.67 2.69
N GLY A 12 -8.27 -2.44 2.60
CA GLY A 12 -8.64 -1.70 3.80
C GLY A 12 -8.84 -0.22 3.54
N TYR A 13 -9.61 0.44 4.41
CA TYR A 13 -9.88 1.86 4.26
C TYR A 13 -8.79 2.70 4.91
N LEU A 14 -8.53 3.87 4.35
CA LEU A 14 -7.52 4.77 4.88
C LEU A 14 -7.90 6.22 4.67
N SER A 15 -7.08 7.14 5.18
CA SER A 15 -7.34 8.56 5.04
C SER A 15 -6.13 9.28 4.45
N LYS A 16 -6.35 9.95 3.32
CA LYS A 16 -5.27 10.67 2.65
C LYS A 16 -5.22 12.12 3.13
N PHE A 17 -4.02 12.57 3.49
CA PHE A 17 -3.83 13.94 3.97
C PHE A 17 -3.37 14.85 2.83
N GLY A 18 -4.28 15.69 2.35
CA GLY A 18 -3.96 16.60 1.27
C GLY A 18 -3.31 15.91 0.09
N GLY A 19 -4.14 15.31 -0.77
CA GLY A 19 -3.62 14.61 -1.92
C GLY A 19 -4.13 15.18 -3.23
N LYS A 20 -5.44 15.03 -3.47
CA LYS A 20 -6.06 15.54 -4.68
C LYS A 20 -6.22 17.05 -4.61
N GLY A 21 -6.97 17.52 -3.62
CA GLY A 21 -7.19 18.95 -3.47
C GLY A 21 -5.97 19.66 -2.92
N PRO A 22 -5.92 20.99 -3.15
CA PRO A 22 -4.81 21.82 -2.68
C PRO A 22 -4.79 21.98 -1.17
N ILE A 23 -5.97 21.92 -0.56
CA ILE A 23 -6.10 22.06 0.89
C ILE A 23 -5.52 20.84 1.60
N ARG A 24 -5.19 21.03 2.87
CA ARG A 24 -4.62 19.95 3.67
C ARG A 24 -5.65 19.39 4.65
N GLY A 25 -5.93 18.10 4.54
CA GLY A 25 -6.90 17.47 5.41
C GLY A 25 -7.09 15.99 5.11
N TRP A 26 -7.46 15.22 6.13
CA TRP A 26 -7.67 13.79 5.96
C TRP A 26 -9.02 13.51 5.27
N LYS A 27 -9.00 12.57 4.34
CA LYS A 27 -10.21 12.21 3.60
C LYS A 27 -10.37 10.69 3.55
N SER A 28 -11.54 10.21 3.98
CA SER A 28 -11.82 8.78 3.98
C SER A 28 -11.84 8.23 2.56
N ARG A 29 -10.96 7.28 2.28
CA ARG A 29 -10.87 6.68 0.96
C ARG A 29 -10.67 5.17 1.06
N TRP A 30 -11.13 4.45 0.05
CA TRP A 30 -10.99 3.00 0.02
C TRP A 30 -9.73 2.57 -0.72
N PHE A 31 -8.77 2.03 0.03
CA PHE A 31 -7.51 1.58 -0.55
C PHE A 31 -7.48 0.06 -0.68
N PHE A 32 -7.06 -0.42 -1.85
CA PHE A 32 -6.98 -1.85 -2.11
C PHE A 32 -5.79 -2.18 -3.00
N TYR A 33 -5.03 -3.20 -2.60
CA TYR A 33 -3.85 -3.61 -3.35
C TYR A 33 -4.24 -4.51 -4.52
N ASP A 34 -3.53 -4.39 -5.63
CA ASP A 34 -3.79 -5.20 -6.81
C ASP A 34 -2.59 -6.09 -7.15
N GLU A 35 -2.83 -7.39 -7.16
CA GLU A 35 -1.77 -8.35 -7.46
C GLU A 35 -1.67 -8.59 -8.97
N ARG A 36 -2.56 -7.95 -9.72
CA ARG A 36 -2.56 -8.09 -11.17
C ARG A 36 -1.46 -7.25 -11.81
N LYS A 37 -1.36 -6.00 -11.37
CA LYS A 37 -0.35 -5.08 -11.90
C LYS A 37 0.65 -4.71 -10.82
N CYS A 38 0.57 -5.39 -9.68
CA CYS A 38 1.47 -5.13 -8.57
C CYS A 38 1.45 -3.66 -8.18
N GLN A 39 0.26 -3.11 -7.99
CA GLN A 39 0.09 -1.71 -7.62
C GLN A 39 -1.03 -1.55 -6.61
N LEU A 40 -1.02 -0.42 -5.90
CA LEU A 40 -2.05 -0.15 -4.91
C LEU A 40 -3.07 0.87 -5.44
N TYR A 41 -4.27 0.38 -5.74
CA TYR A 41 -5.33 1.24 -6.26
C TYR A 41 -6.32 1.60 -5.16
N TYR A 42 -6.83 2.83 -5.22
CA TYR A 42 -7.79 3.30 -4.22
C TYR A 42 -8.88 4.15 -4.88
N SER A 43 -10.11 3.97 -4.43
CA SER A 43 -11.24 4.72 -4.97
C SER A 43 -12.05 5.37 -3.85
N ARG A 44 -13.13 6.06 -4.23
CA ARG A 44 -13.98 6.73 -3.26
C ARG A 44 -14.65 5.72 -2.34
N THR A 45 -15.03 4.57 -2.89
CA THR A 45 -15.69 3.53 -2.11
C THR A 45 -15.42 2.15 -2.72
N ALA A 46 -15.42 1.13 -1.87
CA ALA A 46 -15.18 -0.24 -2.31
C ALA A 46 -16.17 -0.64 -3.38
N GLN A 47 -17.28 0.09 -3.46
CA GLN A 47 -18.32 -0.21 -4.45
C GLN A 47 -17.90 0.27 -5.84
N ASP A 48 -16.99 1.24 -5.88
CA ASP A 48 -16.50 1.78 -7.14
C ASP A 48 -15.38 0.92 -7.71
N ALA A 49 -15.63 0.32 -8.86
CA ALA A 49 -14.64 -0.53 -9.51
C ALA A 49 -13.61 0.30 -10.28
N ASN A 50 -13.84 1.62 -10.32
CA ASN A 50 -12.94 2.53 -11.02
C ASN A 50 -12.07 3.29 -10.04
N PRO A 51 -10.81 2.84 -9.87
CA PRO A 51 -9.86 3.47 -8.96
C PRO A 51 -9.40 4.83 -9.45
N LEU A 52 -9.47 5.83 -8.58
CA LEU A 52 -9.07 7.19 -8.92
C LEU A 52 -7.60 7.23 -9.33
N ASP A 53 -6.73 6.76 -8.45
CA ASP A 53 -5.29 6.74 -8.70
C ASP A 53 -4.65 5.49 -8.12
N SER A 54 -3.41 5.22 -8.53
CA SER A 54 -2.68 4.05 -8.04
C SER A 54 -1.28 4.43 -7.60
N ILE A 55 -0.67 3.58 -6.78
CA ILE A 55 0.67 3.82 -6.29
C ILE A 55 1.56 2.59 -6.48
N ASP A 56 2.69 2.79 -7.16
CA ASP A 56 3.63 1.70 -7.42
C ASP A 56 4.45 1.38 -6.17
N LEU A 57 4.06 0.32 -5.48
CA LEU A 57 4.75 -0.09 -4.25
C LEU A 57 6.06 -0.80 -4.60
N SER A 58 6.22 -1.17 -5.86
CA SER A 58 7.42 -1.85 -6.32
C SER A 58 8.68 -1.11 -5.84
N SER A 59 8.61 0.21 -5.83
CA SER A 59 9.74 1.03 -5.40
C SER A 59 9.29 2.09 -4.40
N ALA A 60 8.44 1.68 -3.46
CA ALA A 60 7.93 2.61 -2.44
C ALA A 60 8.35 2.16 -1.05
N VAL A 61 8.66 3.12 -0.19
CA VAL A 61 9.06 2.83 1.18
C VAL A 61 8.06 3.38 2.19
N PHE A 62 7.49 2.49 2.99
CA PHE A 62 6.52 2.89 4.00
C PHE A 62 7.21 3.32 5.28
N ASP A 63 6.83 4.50 5.78
CA ASP A 63 7.42 5.03 7.01
C ASP A 63 6.34 5.42 8.01
N CYS A 64 6.72 5.55 9.27
CA CYS A 64 5.78 5.90 10.33
C CYS A 64 6.03 7.33 10.81
N LYS A 65 4.94 8.07 11.03
CA LYS A 65 5.04 9.45 11.49
C LYS A 65 5.53 9.51 12.94
N ALA A 66 5.75 10.71 13.43
CA ALA A 66 6.22 10.91 14.80
C ALA A 66 5.10 10.61 15.80
N ASP A 67 3.87 10.89 15.41
CA ASP A 67 2.72 10.65 16.28
C ASP A 67 2.06 9.32 15.95
N ALA A 68 2.87 8.36 15.50
CA ALA A 68 2.36 7.04 15.16
C ALA A 68 1.50 6.47 16.28
N GLU A 69 1.68 7.00 17.47
CA GLU A 69 0.92 6.54 18.64
C GLU A 69 -0.56 6.39 18.29
N GLU A 70 -1.01 7.13 17.29
CA GLU A 70 -2.40 7.07 16.86
C GLU A 70 -2.58 6.07 15.72
N GLY A 71 -1.59 5.99 14.84
CA GLY A 71 -1.65 5.07 13.73
C GLY A 71 -1.56 5.78 12.39
N ILE A 72 -0.45 6.47 12.16
CA ILE A 72 -0.25 7.19 10.90
C ILE A 72 1.06 6.78 10.25
N PHE A 73 1.05 6.73 8.92
CA PHE A 73 2.23 6.36 8.15
C PHE A 73 2.37 7.21 6.89
N GLU A 74 3.43 6.96 6.13
CA GLU A 74 3.67 7.70 4.90
C GLU A 74 4.47 6.86 3.90
N ILE A 75 3.96 6.78 2.68
CA ILE A 75 4.61 6.00 1.63
C ILE A 75 5.46 6.90 0.73
N LYS A 76 6.78 6.76 0.84
CA LYS A 76 7.70 7.56 0.03
C LYS A 76 7.98 6.88 -1.30
N THR A 77 7.67 7.58 -2.39
CA THR A 77 7.88 7.05 -3.72
C THR A 77 8.62 8.05 -4.60
N PRO A 78 9.33 7.54 -5.61
CA PRO A 78 10.11 8.37 -6.54
C PRO A 78 9.21 9.20 -7.46
N SER A 79 7.90 9.12 -7.23
CA SER A 79 6.93 9.85 -8.05
C SER A 79 6.18 10.87 -7.20
N ARG A 80 5.67 10.42 -6.07
CA ARG A 80 4.93 11.30 -5.16
C ARG A 80 4.73 10.65 -3.80
N VAL A 81 5.24 11.30 -2.76
CA VAL A 81 5.13 10.78 -1.40
C VAL A 81 3.71 10.94 -0.87
N ILE A 82 3.06 9.81 -0.58
CA ILE A 82 1.71 9.83 -0.06
C ILE A 82 1.69 9.74 1.46
N THR A 83 0.61 10.22 2.07
CA THR A 83 0.47 10.19 3.52
C THR A 83 -0.89 9.63 3.94
N LEU A 84 -0.89 8.39 4.43
CA LEU A 84 -2.13 7.75 4.85
C LEU A 84 -2.04 7.33 6.32
N LYS A 85 -3.19 7.27 6.98
CA LYS A 85 -3.25 6.88 8.39
C LYS A 85 -4.22 5.73 8.59
N ALA A 86 -3.85 4.79 9.45
CA ALA A 86 -4.69 3.63 9.73
C ALA A 86 -5.57 3.89 10.94
N ALA A 87 -6.40 2.91 11.29
CA ALA A 87 -7.30 3.04 12.43
C ALA A 87 -6.52 3.31 13.71
N THR A 88 -5.62 2.41 14.06
CA THR A 88 -4.81 2.57 15.26
C THR A 88 -3.34 2.25 15.00
N LYS A 89 -2.51 2.45 16.00
CA LYS A 89 -1.07 2.19 15.87
C LYS A 89 -0.83 0.78 15.33
N GLN A 90 -1.71 -0.15 15.67
CA GLN A 90 -1.59 -1.52 15.21
C GLN A 90 -2.07 -1.67 13.77
N ALA A 91 -3.20 -1.03 13.46
CA ALA A 91 -3.76 -1.08 12.12
C ALA A 91 -2.69 -0.86 11.06
N MET A 92 -1.91 0.21 11.23
CA MET A 92 -0.85 0.54 10.28
C MET A 92 0.21 -0.55 10.27
N LEU A 93 0.60 -1.01 11.46
CA LEU A 93 1.61 -2.05 11.59
C LEU A 93 1.32 -3.22 10.67
N TYR A 94 0.03 -3.49 10.47
CA TYR A 94 -0.40 -4.59 9.61
C TYR A 94 -0.18 -4.25 8.14
N TRP A 95 -0.46 -2.99 7.79
CA TRP A 95 -0.31 -2.53 6.41
C TRP A 95 1.17 -2.45 6.03
N LEU A 96 1.95 -1.76 6.85
CA LEU A 96 3.37 -1.62 6.60
C LEU A 96 4.04 -2.97 6.43
N GLN A 97 3.68 -3.92 7.28
CA GLN A 97 4.24 -5.27 7.22
C GLN A 97 3.83 -5.98 5.93
N GLN A 98 2.52 -6.19 5.78
CA GLN A 98 1.99 -6.86 4.60
C GLN A 98 2.43 -6.15 3.33
N LEU A 99 2.08 -4.87 3.22
CA LEU A 99 2.44 -4.08 2.05
C LEU A 99 3.79 -4.50 1.49
N GLN A 100 4.73 -4.82 2.39
CA GLN A 100 6.06 -5.26 1.98
C GLN A 100 6.00 -6.63 1.33
N MET A 101 5.34 -7.57 2.00
CA MET A 101 5.22 -8.93 1.48
C MET A 101 5.08 -8.93 -0.03
N LYS A 102 4.13 -8.15 -0.54
CA LYS A 102 3.89 -8.06 -1.98
C LYS A 102 5.16 -7.64 -2.71
N ARG A 103 5.72 -6.51 -2.30
CA ARG A 103 6.94 -6.00 -2.92
C ARG A 103 8.13 -6.92 -2.64
N TRP A 104 8.52 -6.99 -1.37
CA TRP A 104 9.63 -7.84 -0.97
C TRP A 104 9.65 -9.14 -1.77
N GLU A 105 8.48 -9.75 -1.93
CA GLU A 105 8.36 -10.98 -2.68
C GLU A 105 8.96 -10.85 -4.08
N PHE A 106 8.62 -9.77 -4.76
CA PHE A 106 9.14 -9.51 -6.10
C PHE A 106 10.67 -9.52 -6.11
N HIS A 107 11.26 -8.86 -5.13
CA HIS A 107 12.71 -8.79 -5.02
C HIS A 107 13.32 -10.18 -4.87
N ASN A 108 12.74 -10.97 -3.96
CA ASN A 108 13.23 -12.32 -3.71
C ASN A 108 12.88 -13.24 -4.89
N SER A 109 11.81 -12.92 -5.60
CA SER A 109 11.37 -13.72 -6.73
C SER A 109 12.57 -14.22 -7.53
N PRO A 110 12.93 -15.50 -7.29
CA PRO A 110 14.06 -16.14 -7.97
C PRO A 110 13.78 -16.39 -9.45
N PRO A 111 14.83 -16.78 -10.19
CA PRO A 111 14.72 -17.06 -11.63
C PRO A 111 13.93 -18.33 -11.91
N ALA A 112 13.73 -18.64 -13.19
CA ALA A 112 12.99 -19.82 -13.59
C ALA A 112 13.30 -21.00 -12.67
N PRO A 113 12.28 -21.82 -12.39
CA PRO A 113 12.41 -22.98 -11.52
C PRO A 113 13.24 -24.09 -12.16
N SER A 114 13.26 -25.26 -11.52
CA SER A 114 14.02 -26.39 -12.04
C SER A 114 13.34 -27.72 -11.67
N GLY A 115 13.43 -28.69 -12.58
CA GLY A 115 12.82 -29.98 -12.33
C GLY A 115 13.76 -30.94 -11.61
N PRO A 116 13.18 -31.79 -10.75
CA PRO A 116 13.95 -32.77 -9.97
C PRO A 116 14.52 -33.88 -10.85
N SER A 117 15.31 -34.77 -10.24
CA SER A 117 15.91 -35.87 -10.97
C SER A 117 16.51 -36.89 -10.00
N SER A 118 16.60 -38.14 -10.44
CA SER A 118 17.14 -39.21 -9.62
C SER A 118 18.67 -39.17 -9.61
N GLY A 119 19.25 -39.19 -8.42
CA GLY A 119 20.70 -39.15 -8.29
C GLY A 119 21.17 -39.36 -6.88
N GLY A 1 8.96 -11.59 13.03
CA GLY A 1 8.78 -10.56 12.01
C GLY A 1 7.62 -10.85 11.09
N SER A 2 7.57 -12.07 10.57
CA SER A 2 6.51 -12.47 9.67
C SER A 2 5.50 -13.37 10.37
N SER A 3 4.37 -12.79 10.78
CA SER A 3 3.33 -13.54 11.47
C SER A 3 2.11 -13.74 10.57
N GLY A 4 1.59 -12.63 10.04
CA GLY A 4 0.44 -12.70 9.17
C GLY A 4 0.58 -13.76 8.09
N SER A 5 1.25 -13.40 7.00
CA SER A 5 1.46 -14.34 5.89
C SER A 5 0.21 -15.17 5.65
N SER A 6 -0.95 -14.52 5.66
CA SER A 6 -2.21 -15.20 5.45
C SER A 6 -2.85 -14.77 4.13
N GLY A 7 -3.29 -15.74 3.34
CA GLY A 7 -3.92 -15.44 2.07
C GLY A 7 -3.15 -14.39 1.28
N LYS A 8 -3.75 -13.92 0.20
CA LYS A 8 -3.11 -12.91 -0.65
C LYS A 8 -4.05 -11.72 -0.88
N LYS A 9 -4.93 -11.48 0.08
CA LYS A 9 -5.87 -10.37 -0.02
C LYS A 9 -5.55 -9.28 0.99
N LEU A 10 -5.31 -8.07 0.49
CA LEU A 10 -4.98 -6.94 1.36
C LEU A 10 -5.80 -5.71 0.97
N CYS A 11 -6.78 -5.37 1.80
CA CYS A 11 -7.62 -4.22 1.55
C CYS A 11 -7.98 -3.51 2.85
N GLY A 12 -8.47 -2.28 2.73
CA GLY A 12 -8.84 -1.51 3.91
C GLY A 12 -9.08 -0.04 3.60
N TYR A 13 -9.81 0.64 4.47
CA TYR A 13 -10.12 2.04 4.27
C TYR A 13 -9.12 2.93 5.02
N LEU A 14 -8.54 3.88 4.30
CA LEU A 14 -7.55 4.79 4.88
C LEU A 14 -7.94 6.24 4.61
N SER A 15 -7.32 7.16 5.35
CA SER A 15 -7.59 8.57 5.20
C SER A 15 -6.51 9.25 4.38
N LYS A 16 -6.84 9.59 3.13
CA LYS A 16 -5.90 10.25 2.24
C LYS A 16 -5.67 11.70 2.66
N PHE A 17 -4.40 12.05 2.89
CA PHE A 17 -4.06 13.41 3.29
C PHE A 17 -4.01 14.34 2.09
N GLY A 18 -4.44 15.58 2.29
CA GLY A 18 -4.45 16.55 1.22
C GLY A 18 -3.29 16.37 0.26
N GLY A 19 -2.10 16.14 0.80
CA GLY A 19 -0.93 15.94 -0.03
C GLY A 19 -0.76 17.04 -1.05
N LYS A 20 -0.61 16.63 -2.31
CA LYS A 20 -0.45 17.59 -3.40
C LYS A 20 -1.76 18.30 -3.71
N GLY A 21 -2.08 19.32 -2.92
CA GLY A 21 -3.31 20.07 -3.14
C GLY A 21 -3.24 21.46 -2.56
N PRO A 22 -4.30 22.26 -2.79
CA PRO A 22 -4.38 23.63 -2.30
C PRO A 22 -4.53 23.70 -0.78
N ILE A 23 -5.42 22.87 -0.24
CA ILE A 23 -5.66 22.84 1.20
C ILE A 23 -5.05 21.59 1.82
N ARG A 24 -5.00 21.57 3.15
CA ARG A 24 -4.44 20.42 3.87
C ARG A 24 -5.48 19.82 4.82
N GLY A 25 -5.71 18.53 4.68
CA GLY A 25 -6.68 17.85 5.52
C GLY A 25 -6.86 16.39 5.15
N TRP A 26 -7.44 15.62 6.05
CA TRP A 26 -7.68 14.20 5.82
C TRP A 26 -8.98 13.98 5.05
N LYS A 27 -9.05 12.86 4.32
CA LYS A 27 -10.23 12.54 3.54
C LYS A 27 -10.46 11.03 3.49
N SER A 28 -11.67 10.60 3.81
CA SER A 28 -12.01 9.19 3.80
C SER A 28 -11.93 8.62 2.39
N ARG A 29 -11.03 7.66 2.19
CA ARG A 29 -10.85 7.03 0.89
C ARG A 29 -10.71 5.52 1.02
N TRP A 30 -11.02 4.80 -0.06
CA TRP A 30 -10.94 3.35 -0.05
C TRP A 30 -9.65 2.88 -0.72
N PHE A 31 -8.82 2.16 0.04
CA PHE A 31 -7.56 1.65 -0.48
C PHE A 31 -7.60 0.14 -0.62
N PHE A 32 -7.07 -0.36 -1.74
CA PHE A 32 -7.05 -1.79 -2.00
C PHE A 32 -5.87 -2.17 -2.90
N TYR A 33 -5.14 -3.20 -2.50
CA TYR A 33 -3.98 -3.65 -3.26
C TYR A 33 -4.39 -4.63 -4.36
N ASP A 34 -3.75 -4.53 -5.51
CA ASP A 34 -4.04 -5.40 -6.63
C ASP A 34 -2.96 -6.47 -6.80
N GLU A 35 -3.40 -7.72 -6.95
CA GLU A 35 -2.47 -8.83 -7.11
C GLU A 35 -2.27 -9.17 -8.59
N ARG A 36 -2.55 -8.20 -9.45
CA ARG A 36 -2.40 -8.38 -10.88
C ARG A 36 -1.20 -7.61 -11.42
N LYS A 37 -1.09 -6.35 -11.02
CA LYS A 37 0.01 -5.50 -11.46
C LYS A 37 0.94 -5.18 -10.29
N CYS A 38 0.64 -5.74 -9.13
CA CYS A 38 1.46 -5.52 -7.93
C CYS A 38 1.51 -4.03 -7.58
N GLN A 39 0.34 -3.42 -7.47
CA GLN A 39 0.26 -1.99 -7.14
C GLN A 39 -0.83 -1.73 -6.12
N LEU A 40 -0.88 -0.51 -5.62
CA LEU A 40 -1.89 -0.13 -4.62
C LEU A 40 -2.90 0.85 -5.21
N TYR A 41 -4.09 0.35 -5.51
CA TYR A 41 -5.15 1.17 -6.07
C TYR A 41 -6.15 1.59 -5.01
N TYR A 42 -6.60 2.84 -5.08
CA TYR A 42 -7.56 3.36 -4.11
C TYR A 42 -8.57 4.26 -4.80
N SER A 43 -9.82 4.20 -4.33
CA SER A 43 -10.89 5.01 -4.91
C SER A 43 -11.77 5.60 -3.81
N ARG A 44 -12.65 6.51 -4.19
CA ARG A 44 -13.55 7.16 -3.24
C ARG A 44 -14.33 6.12 -2.43
N THR A 45 -14.69 5.03 -3.09
CA THR A 45 -15.44 3.96 -2.44
C THR A 45 -15.14 2.62 -3.08
N ALA A 46 -15.53 1.55 -2.40
CA ALA A 46 -15.31 0.19 -2.90
C ALA A 46 -16.25 -0.14 -4.05
N GLN A 47 -17.38 0.56 -4.09
CA GLN A 47 -18.37 0.34 -5.15
C GLN A 47 -17.85 0.83 -6.49
N ASP A 48 -16.70 1.52 -6.47
CA ASP A 48 -16.11 2.04 -7.68
C ASP A 48 -15.36 0.95 -8.44
N ALA A 49 -15.78 0.69 -9.67
CA ALA A 49 -15.15 -0.33 -10.50
C ALA A 49 -13.80 0.15 -11.02
N ASN A 50 -13.61 1.48 -11.04
CA ASN A 50 -12.36 2.05 -11.52
C ASN A 50 -11.67 2.84 -10.42
N PRO A 51 -10.41 2.47 -10.12
CA PRO A 51 -9.61 3.12 -9.09
C PRO A 51 -9.21 4.55 -9.47
N LEU A 52 -9.34 5.47 -8.53
CA LEU A 52 -8.99 6.86 -8.78
C LEU A 52 -7.52 7.00 -9.18
N ASP A 53 -6.65 6.37 -8.39
CA ASP A 53 -5.22 6.42 -8.67
C ASP A 53 -4.53 5.15 -8.14
N SER A 54 -3.26 4.99 -8.51
CA SER A 54 -2.49 3.83 -8.08
C SER A 54 -1.06 4.23 -7.71
N ILE A 55 -0.42 3.42 -6.88
CA ILE A 55 0.94 3.69 -6.45
C ILE A 55 1.81 2.45 -6.59
N ASP A 56 2.95 2.60 -7.27
CA ASP A 56 3.87 1.49 -7.48
C ASP A 56 4.64 1.18 -6.20
N LEU A 57 4.22 0.11 -5.52
CA LEU A 57 4.86 -0.30 -4.28
C LEU A 57 6.20 -0.99 -4.56
N SER A 58 6.38 -1.43 -5.79
CA SER A 58 7.61 -2.11 -6.19
C SER A 58 8.84 -1.31 -5.76
N SER A 59 8.70 0.01 -5.74
CA SER A 59 9.79 0.89 -5.36
C SER A 59 9.32 1.93 -4.34
N ALA A 60 8.33 1.56 -3.55
CA ALA A 60 7.78 2.46 -2.54
C ALA A 60 8.24 2.05 -1.13
N VAL A 61 8.60 3.03 -0.33
CA VAL A 61 9.05 2.78 1.04
C VAL A 61 8.07 3.33 2.06
N PHE A 62 7.50 2.44 2.86
CA PHE A 62 6.53 2.83 3.88
C PHE A 62 7.25 3.26 5.17
N ASP A 63 6.83 4.39 5.72
CA ASP A 63 7.43 4.91 6.94
C ASP A 63 6.35 5.29 7.96
N CYS A 64 6.77 5.58 9.18
CA CYS A 64 5.84 5.94 10.24
C CYS A 64 6.05 7.40 10.66
N LYS A 65 4.96 8.10 10.95
CA LYS A 65 5.02 9.49 11.36
C LYS A 65 5.53 9.60 12.81
N ALA A 66 5.65 10.84 13.28
CA ALA A 66 6.12 11.08 14.64
C ALA A 66 5.04 10.75 15.67
N ASP A 67 3.78 10.91 15.27
CA ASP A 67 2.66 10.62 16.16
C ASP A 67 2.08 9.24 15.86
N ALA A 68 2.95 8.30 15.51
CA ALA A 68 2.52 6.94 15.20
C ALA A 68 1.65 6.37 16.32
N GLU A 69 1.83 6.90 17.53
CA GLU A 69 1.06 6.43 18.68
C GLU A 69 -0.42 6.28 18.32
N GLU A 70 -0.87 7.06 17.34
CA GLU A 70 -2.26 6.99 16.90
C GLU A 70 -2.43 6.01 15.75
N GLY A 71 -1.41 5.93 14.89
CA GLY A 71 -1.46 5.02 13.76
C GLY A 71 -1.39 5.75 12.43
N ILE A 72 -0.30 6.47 12.22
CA ILE A 72 -0.10 7.22 10.99
C ILE A 72 1.19 6.79 10.29
N PHE A 73 1.12 6.68 8.96
CA PHE A 73 2.29 6.27 8.17
C PHE A 73 2.40 7.12 6.91
N GLU A 74 3.44 6.87 6.12
CA GLU A 74 3.67 7.60 4.89
C GLU A 74 4.42 6.75 3.87
N ILE A 75 3.91 6.71 2.65
CA ILE A 75 4.53 5.93 1.58
C ILE A 75 5.39 6.82 0.68
N LYS A 76 6.70 6.66 0.77
CA LYS A 76 7.62 7.45 -0.03
C LYS A 76 7.87 6.78 -1.38
N THR A 77 7.53 7.47 -2.46
CA THR A 77 7.72 6.93 -3.81
C THR A 77 8.45 7.93 -4.70
N PRO A 78 9.13 7.42 -5.73
CA PRO A 78 9.87 8.25 -6.68
C PRO A 78 8.95 9.08 -7.57
N SER A 79 7.66 8.99 -7.31
CA SER A 79 6.67 9.73 -8.09
C SER A 79 5.97 10.79 -7.24
N ARG A 80 5.50 10.37 -6.06
CA ARG A 80 4.82 11.28 -5.16
C ARG A 80 4.67 10.66 -3.77
N VAL A 81 5.17 11.34 -2.75
CA VAL A 81 5.08 10.86 -1.38
C VAL A 81 3.67 10.99 -0.83
N ILE A 82 3.02 9.85 -0.63
CA ILE A 82 1.65 9.84 -0.11
C ILE A 82 1.65 9.75 1.41
N THR A 83 0.57 10.21 2.03
CA THR A 83 0.44 10.17 3.48
C THR A 83 -0.91 9.61 3.90
N LEU A 84 -0.90 8.36 4.37
CA LEU A 84 -2.14 7.71 4.80
C LEU A 84 -2.02 7.25 6.26
N LYS A 85 -3.16 7.20 6.94
CA LYS A 85 -3.19 6.79 8.34
C LYS A 85 -4.16 5.62 8.53
N ALA A 86 -3.90 4.81 9.56
CA ALA A 86 -4.74 3.66 9.85
C ALA A 86 -5.61 3.92 11.08
N ALA A 87 -6.43 2.94 11.44
CA ALA A 87 -7.31 3.05 12.60
C ALA A 87 -6.50 3.21 13.89
N THR A 88 -5.79 2.16 14.27
CA THR A 88 -4.97 2.18 15.47
C THR A 88 -3.51 1.91 15.16
N LYS A 89 -2.68 1.91 16.20
CA LYS A 89 -1.25 1.66 16.03
C LYS A 89 -1.01 0.28 15.43
N GLN A 90 -1.79 -0.69 15.85
CA GLN A 90 -1.66 -2.06 15.35
C GLN A 90 -2.19 -2.16 13.92
N ALA A 91 -3.06 -1.23 13.54
CA ALA A 91 -3.64 -1.22 12.20
C ALA A 91 -2.56 -0.99 11.15
N MET A 92 -1.95 0.19 11.18
CA MET A 92 -0.90 0.53 10.22
C MET A 92 0.18 -0.54 10.19
N LEU A 93 0.66 -0.94 11.37
CA LEU A 93 1.68 -1.96 11.47
C LEU A 93 1.40 -3.13 10.53
N TYR A 94 0.12 -3.48 10.41
CA TYR A 94 -0.28 -4.58 9.55
C TYR A 94 -0.09 -4.22 8.08
N TRP A 95 -0.51 -3.01 7.71
CA TRP A 95 -0.38 -2.54 6.34
C TRP A 95 1.08 -2.44 5.93
N LEU A 96 1.87 -1.75 6.75
CA LEU A 96 3.30 -1.58 6.47
C LEU A 96 3.98 -2.93 6.30
N GLN A 97 3.70 -3.85 7.21
CA GLN A 97 4.29 -5.19 7.15
C GLN A 97 3.83 -5.93 5.91
N GLN A 98 2.53 -6.00 5.71
CA GLN A 98 1.95 -6.69 4.56
C GLN A 98 2.43 -6.04 3.26
N LEU A 99 2.05 -4.79 3.05
CA LEU A 99 2.43 -4.07 1.85
C LEU A 99 3.82 -4.48 1.38
N GLN A 100 4.73 -4.66 2.33
CA GLN A 100 6.10 -5.05 2.02
C GLN A 100 6.12 -6.44 1.38
N MET A 101 5.43 -7.39 2.00
CA MET A 101 5.38 -8.76 1.49
C MET A 101 5.26 -8.76 -0.02
N LYS A 102 4.32 -7.98 -0.54
CA LYS A 102 4.09 -7.89 -1.98
C LYS A 102 5.38 -7.49 -2.71
N ARG A 103 5.88 -6.30 -2.39
CA ARG A 103 7.10 -5.80 -3.02
C ARG A 103 8.28 -6.73 -2.73
N TRP A 104 8.64 -6.83 -1.45
CA TRP A 104 9.75 -7.68 -1.04
C TRP A 104 9.76 -8.99 -1.84
N GLU A 105 8.61 -9.64 -1.92
CA GLU A 105 8.49 -10.89 -2.65
C GLU A 105 9.06 -10.75 -4.06
N PHE A 106 8.58 -9.75 -4.79
CA PHE A 106 9.04 -9.50 -6.15
C PHE A 106 10.56 -9.47 -6.22
N HIS A 107 11.16 -8.71 -5.31
CA HIS A 107 12.62 -8.59 -5.27
C HIS A 107 13.27 -9.96 -5.08
N ASN A 108 12.82 -10.69 -4.07
CA ASN A 108 13.36 -12.02 -3.79
C ASN A 108 13.50 -12.84 -5.07
N SER A 109 12.46 -12.81 -5.91
CA SER A 109 12.47 -13.54 -7.16
C SER A 109 13.86 -13.50 -7.81
N PRO A 110 14.23 -14.60 -8.49
CA PRO A 110 15.51 -14.71 -9.16
C PRO A 110 15.61 -13.79 -10.38
N PRO A 111 16.63 -12.92 -10.38
CA PRO A 111 16.86 -11.97 -11.49
C PRO A 111 17.33 -12.67 -12.75
N ALA A 112 17.68 -11.88 -13.77
CA ALA A 112 18.15 -12.42 -15.04
C ALA A 112 19.39 -13.29 -14.84
N PRO A 113 19.70 -14.11 -15.85
CA PRO A 113 20.86 -15.02 -15.81
C PRO A 113 22.18 -14.26 -15.88
N SER A 114 22.68 -13.85 -14.72
CA SER A 114 23.94 -13.12 -14.65
C SER A 114 24.35 -12.89 -13.21
N GLY A 115 25.65 -12.70 -12.98
CA GLY A 115 26.16 -12.47 -11.65
C GLY A 115 26.36 -11.00 -11.35
N PRO A 116 25.59 -10.47 -10.39
CA PRO A 116 25.66 -9.07 -9.99
C PRO A 116 26.96 -8.74 -9.26
N SER A 117 27.11 -7.47 -8.86
CA SER A 117 28.31 -7.04 -8.16
C SER A 117 27.95 -6.40 -6.82
N SER A 118 28.08 -7.17 -5.75
CA SER A 118 27.75 -6.68 -4.41
C SER A 118 28.97 -6.03 -3.77
N GLY A 119 28.77 -5.44 -2.60
CA GLY A 119 29.87 -4.78 -1.90
C GLY A 119 30.43 -3.61 -2.67
N GLY A 1 1.11 -22.31 -6.15
CA GLY A 1 1.13 -23.30 -7.22
C GLY A 1 0.39 -24.56 -6.86
N SER A 2 1.12 -25.57 -6.42
CA SER A 2 0.53 -26.84 -6.05
C SER A 2 -0.42 -26.69 -4.86
N SER A 3 0.13 -26.17 -3.76
CA SER A 3 -0.66 -25.96 -2.55
C SER A 3 -1.73 -24.90 -2.77
N GLY A 4 -2.97 -25.23 -2.42
CA GLY A 4 -4.07 -24.31 -2.59
C GLY A 4 -4.07 -23.22 -1.54
N SER A 5 -2.98 -22.47 -1.45
CA SER A 5 -2.86 -21.39 -0.47
C SER A 5 -2.64 -20.05 -1.17
N SER A 6 -3.38 -19.82 -2.25
CA SER A 6 -3.27 -18.58 -3.01
C SER A 6 -4.49 -17.69 -2.78
N GLY A 7 -4.27 -16.56 -2.13
CA GLY A 7 -5.36 -15.63 -1.87
C GLY A 7 -4.97 -14.55 -0.87
N LYS A 8 -3.79 -13.95 -1.08
CA LYS A 8 -3.31 -12.90 -0.20
C LYS A 8 -3.89 -11.55 -0.59
N LYS A 9 -5.09 -11.25 -0.09
CA LYS A 9 -5.75 -9.99 -0.39
C LYS A 9 -5.45 -8.95 0.70
N LEU A 10 -5.07 -7.75 0.28
CA LEU A 10 -4.77 -6.67 1.21
C LEU A 10 -5.56 -5.41 0.85
N CYS A 11 -6.62 -5.14 1.60
CA CYS A 11 -7.44 -3.97 1.36
C CYS A 11 -7.93 -3.36 2.68
N GLY A 12 -8.30 -2.09 2.65
CA GLY A 12 -8.78 -1.42 3.85
C GLY A 12 -8.97 0.06 3.65
N TYR A 13 -9.99 0.63 4.29
CA TYR A 13 -10.28 2.04 4.18
C TYR A 13 -9.24 2.87 4.93
N LEU A 14 -8.66 3.84 4.24
CA LEU A 14 -7.65 4.70 4.84
C LEU A 14 -7.97 6.18 4.59
N SER A 15 -7.27 7.05 5.30
CA SER A 15 -7.49 8.49 5.16
C SER A 15 -6.24 9.17 4.59
N LYS A 16 -6.40 9.78 3.41
CA LYS A 16 -5.30 10.46 2.76
C LYS A 16 -5.25 11.94 3.17
N PHE A 17 -4.07 12.40 3.55
CA PHE A 17 -3.88 13.78 3.96
C PHE A 17 -3.83 14.71 2.76
N GLY A 18 -4.37 15.92 2.92
CA GLY A 18 -4.38 16.89 1.84
C GLY A 18 -3.13 16.81 0.98
N GLY A 19 -3.24 17.22 -0.28
CA GLY A 19 -2.11 17.18 -1.17
C GLY A 19 -2.36 17.95 -2.46
N LYS A 20 -2.99 17.30 -3.42
CA LYS A 20 -3.29 17.94 -4.70
C LYS A 20 -4.65 18.62 -4.66
N GLY A 21 -4.73 19.72 -3.93
CA GLY A 21 -5.98 20.46 -3.83
C GLY A 21 -5.79 21.87 -3.30
N PRO A 22 -6.89 22.62 -3.21
CA PRO A 22 -6.86 24.00 -2.72
C PRO A 22 -6.55 24.09 -1.23
N ILE A 23 -7.16 23.20 -0.45
CA ILE A 23 -6.94 23.16 1.00
C ILE A 23 -6.24 21.88 1.41
N ARG A 24 -5.99 21.75 2.72
CA ARG A 24 -5.32 20.57 3.25
C ARG A 24 -6.16 19.93 4.35
N GLY A 25 -6.41 18.62 4.21
CA GLY A 25 -7.20 17.92 5.19
C GLY A 25 -7.37 16.45 4.85
N TRP A 26 -7.52 15.61 5.88
CA TRP A 26 -7.68 14.18 5.68
C TRP A 26 -8.96 13.89 4.89
N LYS A 27 -9.00 12.72 4.25
CA LYS A 27 -10.15 12.32 3.46
C LYS A 27 -10.34 10.81 3.50
N SER A 28 -11.53 10.38 3.88
CA SER A 28 -11.84 8.95 3.96
C SER A 28 -12.05 8.36 2.56
N ARG A 29 -11.24 7.37 2.22
CA ARG A 29 -11.34 6.72 0.92
C ARG A 29 -11.05 5.22 1.03
N TRP A 30 -11.37 4.48 -0.02
CA TRP A 30 -11.13 3.04 -0.04
C TRP A 30 -9.79 2.71 -0.68
N PHE A 31 -9.02 1.86 -0.02
CA PHE A 31 -7.71 1.46 -0.52
C PHE A 31 -7.62 -0.06 -0.68
N PHE A 32 -7.05 -0.50 -1.81
CA PHE A 32 -6.91 -1.92 -2.08
C PHE A 32 -5.66 -2.19 -2.93
N TYR A 33 -5.03 -3.33 -2.67
CA TYR A 33 -3.82 -3.70 -3.40
C TYR A 33 -4.16 -4.60 -4.58
N ASP A 34 -3.40 -4.44 -5.66
CA ASP A 34 -3.63 -5.23 -6.87
C ASP A 34 -2.53 -6.28 -7.04
N GLU A 35 -2.93 -7.50 -7.37
CA GLU A 35 -1.98 -8.60 -7.55
C GLU A 35 -1.69 -8.81 -9.04
N ARG A 36 -1.96 -7.80 -9.84
CA ARG A 36 -1.73 -7.88 -11.27
C ARG A 36 -0.48 -7.10 -11.68
N LYS A 37 -0.32 -5.91 -11.10
CA LYS A 37 0.84 -5.08 -11.39
C LYS A 37 1.57 -4.69 -10.12
N CYS A 38 1.29 -5.41 -9.04
CA CYS A 38 1.92 -5.15 -7.75
C CYS A 38 1.82 -3.67 -7.39
N GLN A 39 0.66 -3.07 -7.66
CA GLN A 39 0.44 -1.67 -7.37
C GLN A 39 -0.73 -1.49 -6.40
N LEU A 40 -0.69 -0.39 -5.64
CA LEU A 40 -1.75 -0.11 -4.68
C LEU A 40 -2.80 0.83 -5.28
N TYR A 41 -3.96 0.27 -5.61
CA TYR A 41 -5.05 1.05 -6.19
C TYR A 41 -6.07 1.43 -5.14
N TYR A 42 -6.44 2.71 -5.09
CA TYR A 42 -7.41 3.21 -4.14
C TYR A 42 -8.48 4.04 -4.83
N SER A 43 -9.72 3.89 -4.37
CA SER A 43 -10.84 4.63 -4.94
C SER A 43 -11.77 5.16 -3.84
N ARG A 44 -12.82 5.85 -4.26
CA ARG A 44 -13.78 6.41 -3.31
C ARG A 44 -14.50 5.30 -2.55
N THR A 45 -14.81 4.21 -3.25
CA THR A 45 -15.50 3.08 -2.64
C THR A 45 -14.91 1.76 -3.10
N ALA A 46 -15.31 0.67 -2.45
CA ALA A 46 -14.83 -0.65 -2.79
C ALA A 46 -15.58 -1.23 -3.99
N GLN A 47 -16.77 -0.69 -4.24
CA GLN A 47 -17.60 -1.15 -5.35
C GLN A 47 -17.25 -0.40 -6.63
N ASP A 48 -16.31 0.53 -6.52
CA ASP A 48 -15.88 1.32 -7.67
C ASP A 48 -14.86 0.55 -8.51
N ALA A 49 -15.33 -0.10 -9.57
CA ALA A 49 -14.45 -0.87 -10.44
C ALA A 49 -13.34 0.01 -11.01
N ASN A 50 -13.61 1.30 -11.12
CA ASN A 50 -12.62 2.24 -11.65
C ASN A 50 -11.91 2.96 -10.51
N PRO A 51 -10.66 2.53 -10.24
CA PRO A 51 -9.84 3.11 -9.18
C PRO A 51 -9.37 4.53 -9.52
N LEU A 52 -9.44 5.42 -8.55
CA LEU A 52 -9.03 6.81 -8.75
C LEU A 52 -7.59 6.88 -9.24
N ASP A 53 -6.68 6.32 -8.45
CA ASP A 53 -5.26 6.31 -8.80
C ASP A 53 -4.55 5.12 -8.18
N SER A 54 -3.30 4.90 -8.57
CA SER A 54 -2.51 3.79 -8.05
C SER A 54 -1.13 4.26 -7.60
N ILE A 55 -0.46 3.44 -6.81
CA ILE A 55 0.87 3.78 -6.31
C ILE A 55 1.83 2.60 -6.48
N ASP A 56 2.99 2.88 -7.05
CA ASP A 56 4.00 1.85 -7.27
C ASP A 56 4.70 1.49 -5.97
N LEU A 57 4.32 0.36 -5.39
CA LEU A 57 4.91 -0.10 -4.13
C LEU A 57 6.25 -0.79 -4.38
N SER A 58 6.37 -1.44 -5.54
CA SER A 58 7.60 -2.14 -5.89
C SER A 58 8.83 -1.29 -5.58
N SER A 59 8.63 0.03 -5.59
CA SER A 59 9.73 0.97 -5.32
C SER A 59 9.28 2.04 -4.33
N ALA A 60 8.48 1.64 -3.35
CA ALA A 60 7.98 2.57 -2.34
C ALA A 60 8.42 2.16 -0.95
N VAL A 61 8.67 3.14 -0.09
CA VAL A 61 9.10 2.87 1.28
C VAL A 61 8.06 3.39 2.29
N PHE A 62 7.50 2.47 3.07
CA PHE A 62 6.51 2.83 4.08
C PHE A 62 7.18 3.26 5.38
N ASP A 63 6.94 4.50 5.79
CA ASP A 63 7.52 5.04 7.02
C ASP A 63 6.43 5.39 8.02
N CYS A 64 6.83 5.56 9.28
CA CYS A 64 5.88 5.91 10.33
C CYS A 64 5.98 7.39 10.69
N LYS A 65 4.83 8.04 10.85
CA LYS A 65 4.79 9.45 11.19
C LYS A 65 5.30 9.68 12.61
N ALA A 66 5.47 10.95 12.99
CA ALA A 66 5.95 11.30 14.32
C ALA A 66 4.89 11.02 15.38
N ASP A 67 3.63 11.17 14.99
CA ASP A 67 2.52 10.94 15.92
C ASP A 67 1.93 9.55 15.71
N ALA A 68 2.76 8.62 15.25
CA ALA A 68 2.32 7.25 15.01
C ALA A 68 1.48 6.74 16.17
N GLU A 69 1.67 7.32 17.35
CA GLU A 69 0.92 6.92 18.53
C GLU A 69 -0.55 6.68 18.20
N GLU A 70 -1.05 7.40 17.20
CA GLU A 70 -2.44 7.27 16.78
C GLU A 70 -2.57 6.27 15.63
N GLY A 71 -1.49 6.11 14.88
CA GLY A 71 -1.50 5.18 13.75
C GLY A 71 -1.43 5.88 12.41
N ILE A 72 -0.39 6.69 12.22
CA ILE A 72 -0.21 7.42 10.97
C ILE A 72 1.12 7.06 10.31
N PHE A 73 1.06 6.78 9.01
CA PHE A 73 2.27 6.43 8.26
C PHE A 73 2.34 7.23 6.95
N GLU A 74 3.41 7.00 6.20
CA GLU A 74 3.60 7.70 4.93
C GLU A 74 4.40 6.83 3.95
N ILE A 75 3.88 6.71 2.74
CA ILE A 75 4.54 5.91 1.71
C ILE A 75 5.39 6.78 0.79
N LYS A 76 6.71 6.70 0.97
CA LYS A 76 7.63 7.50 0.16
C LYS A 76 7.92 6.79 -1.16
N THR A 77 7.62 7.48 -2.26
CA THR A 77 7.85 6.92 -3.59
C THR A 77 8.61 7.90 -4.48
N PRO A 78 9.35 7.36 -5.46
CA PRO A 78 10.14 8.18 -6.39
C PRO A 78 9.27 8.96 -7.36
N SER A 79 7.95 8.89 -7.14
CA SER A 79 7.01 9.60 -8.00
C SER A 79 6.20 10.62 -7.21
N ARG A 80 5.70 10.19 -6.05
CA ARG A 80 4.91 11.05 -5.19
C ARG A 80 4.71 10.43 -3.82
N VAL A 81 5.17 11.13 -2.78
CA VAL A 81 5.06 10.65 -1.41
C VAL A 81 3.62 10.77 -0.91
N ILE A 82 3.01 9.63 -0.61
CA ILE A 82 1.64 9.61 -0.12
C ILE A 82 1.61 9.49 1.41
N THR A 83 0.50 9.95 2.00
CA THR A 83 0.35 9.89 3.45
C THR A 83 -1.01 9.33 3.84
N LEU A 84 -1.02 8.12 4.37
CA LEU A 84 -2.26 7.47 4.79
C LEU A 84 -2.19 7.02 6.24
N LYS A 85 -3.34 7.00 6.91
CA LYS A 85 -3.41 6.59 8.30
C LYS A 85 -4.32 5.38 8.47
N ALA A 86 -4.10 4.62 9.54
CA ALA A 86 -4.90 3.43 9.82
C ALA A 86 -5.82 3.68 11.01
N ALA A 87 -6.64 2.67 11.33
CA ALA A 87 -7.56 2.77 12.45
C ALA A 87 -6.83 3.07 13.75
N THR A 88 -5.86 2.23 14.08
CA THR A 88 -5.07 2.41 15.31
C THR A 88 -3.59 2.30 15.02
N LYS A 89 -2.79 2.46 16.07
CA LYS A 89 -1.33 2.38 15.94
C LYS A 89 -0.91 1.01 15.44
N GLN A 90 -1.49 -0.04 16.01
CA GLN A 90 -1.17 -1.41 15.62
C GLN A 90 -1.75 -1.73 14.24
N ALA A 91 -2.75 -0.96 13.83
CA ALA A 91 -3.39 -1.16 12.55
C ALA A 91 -2.40 -0.95 11.41
N MET A 92 -1.71 0.17 11.42
CA MET A 92 -0.73 0.49 10.40
C MET A 92 0.28 -0.63 10.24
N LEU A 93 0.75 -1.16 11.37
CA LEU A 93 1.74 -2.24 11.36
C LEU A 93 1.37 -3.30 10.34
N TYR A 94 0.10 -3.66 10.31
CA TYR A 94 -0.39 -4.67 9.36
C TYR A 94 -0.22 -4.20 7.92
N TRP A 95 -0.50 -2.93 7.69
CA TRP A 95 -0.39 -2.35 6.36
C TRP A 95 1.08 -2.28 5.92
N LEU A 96 1.90 -1.68 6.76
CA LEU A 96 3.34 -1.54 6.46
C LEU A 96 3.98 -2.91 6.30
N GLN A 97 3.58 -3.86 7.15
CA GLN A 97 4.13 -5.21 7.10
C GLN A 97 3.67 -5.93 5.83
N GLN A 98 2.36 -5.98 5.62
CA GLN A 98 1.79 -6.64 4.46
C GLN A 98 2.28 -5.98 3.17
N LEU A 99 1.97 -4.70 3.02
CA LEU A 99 2.37 -3.94 1.84
C LEU A 99 3.73 -4.42 1.33
N GLN A 100 4.68 -4.56 2.25
CA GLN A 100 6.03 -5.00 1.90
C GLN A 100 5.99 -6.37 1.25
N MET A 101 5.39 -7.34 1.94
CA MET A 101 5.29 -8.69 1.43
C MET A 101 5.12 -8.70 -0.08
N LYS A 102 4.24 -7.84 -0.59
CA LYS A 102 3.99 -7.74 -2.02
C LYS A 102 5.25 -7.32 -2.76
N ARG A 103 5.87 -6.24 -2.30
CA ARG A 103 7.08 -5.73 -2.93
C ARG A 103 8.24 -6.71 -2.73
N TRP A 104 8.57 -6.99 -1.47
CA TRP A 104 9.66 -7.90 -1.14
C TRP A 104 9.52 -9.20 -1.93
N GLU A 105 8.30 -9.69 -2.05
CA GLU A 105 8.04 -10.93 -2.77
C GLU A 105 8.59 -10.86 -4.19
N PHE A 106 8.27 -9.77 -4.89
CA PHE A 106 8.74 -9.59 -6.26
C PHE A 106 10.25 -9.66 -6.33
N HIS A 107 10.92 -9.00 -5.38
CA HIS A 107 12.38 -8.99 -5.33
C HIS A 107 12.93 -10.40 -5.15
N ASN A 108 12.37 -11.12 -4.19
CA ASN A 108 12.81 -12.49 -3.92
C ASN A 108 12.61 -13.38 -5.14
N SER A 109 11.41 -13.38 -5.68
CA SER A 109 11.09 -14.19 -6.85
C SER A 109 11.61 -13.54 -8.13
N PRO A 110 12.13 -14.36 -9.04
CA PRO A 110 12.67 -13.88 -10.32
C PRO A 110 11.58 -13.37 -11.26
N PRO A 111 11.95 -12.42 -12.13
CA PRO A 111 11.02 -11.83 -13.09
C PRO A 111 10.61 -12.81 -14.19
N ALA A 112 9.36 -12.72 -14.63
CA ALA A 112 8.85 -13.60 -15.66
C ALA A 112 9.53 -13.32 -17.00
N PRO A 113 9.77 -14.39 -17.78
CA PRO A 113 10.41 -14.29 -19.09
C PRO A 113 9.51 -13.62 -20.12
N SER A 114 9.77 -12.34 -20.37
CA SER A 114 8.97 -11.58 -21.34
C SER A 114 9.69 -11.51 -22.69
N GLY A 115 8.94 -11.73 -23.77
CA GLY A 115 9.52 -11.68 -25.09
C GLY A 115 9.86 -10.28 -25.53
N PRO A 116 8.83 -9.46 -25.77
CA PRO A 116 9.00 -8.07 -26.20
C PRO A 116 9.56 -7.19 -25.09
N SER A 117 10.79 -6.73 -25.28
CA SER A 117 11.44 -5.87 -24.29
C SER A 117 11.80 -4.52 -24.90
N SER A 118 11.36 -3.45 -24.24
CA SER A 118 11.63 -2.09 -24.72
C SER A 118 12.55 -1.35 -23.75
N GLY A 119 13.13 -0.25 -24.23
CA GLY A 119 14.03 0.52 -23.39
C GLY A 119 14.03 2.00 -23.76
N GLY A 1 12.00 -13.27 6.78
CA GLY A 1 10.60 -13.35 7.17
C GLY A 1 9.71 -13.89 6.06
N SER A 2 9.80 -15.20 5.81
CA SER A 2 9.01 -15.83 4.77
C SER A 2 7.52 -15.75 5.10
N SER A 3 6.69 -16.17 4.15
CA SER A 3 5.24 -16.16 4.33
C SER A 3 4.68 -17.58 4.38
N GLY A 4 3.54 -17.74 5.06
CA GLY A 4 2.93 -19.04 5.17
C GLY A 4 1.90 -19.29 4.08
N SER A 5 0.92 -20.13 4.38
CA SER A 5 -0.13 -20.46 3.42
C SER A 5 -1.39 -19.65 3.70
N SER A 6 -1.70 -18.71 2.79
CA SER A 6 -2.87 -17.87 2.94
C SER A 6 -3.06 -16.99 1.71
N GLY A 7 -4.27 -16.46 1.54
CA GLY A 7 -4.56 -15.61 0.40
C GLY A 7 -3.75 -14.33 0.42
N LYS A 8 -3.51 -13.78 -0.76
CA LYS A 8 -2.74 -12.54 -0.89
C LYS A 8 -3.66 -11.34 -1.03
N LYS A 9 -4.76 -11.36 -0.29
CA LYS A 9 -5.73 -10.26 -0.34
C LYS A 9 -5.43 -9.22 0.74
N LEU A 10 -5.19 -7.98 0.31
CA LEU A 10 -4.88 -6.90 1.24
C LEU A 10 -5.71 -5.67 0.92
N CYS A 11 -6.71 -5.39 1.75
CA CYS A 11 -7.58 -4.23 1.56
C CYS A 11 -7.88 -3.55 2.89
N GLY A 12 -8.34 -2.30 2.82
CA GLY A 12 -8.66 -1.57 4.03
C GLY A 12 -8.77 -0.07 3.78
N TYR A 13 -9.75 0.56 4.42
CA TYR A 13 -9.96 1.99 4.26
C TYR A 13 -8.81 2.79 4.85
N LEU A 14 -8.60 3.99 4.34
CA LEU A 14 -7.53 4.85 4.81
C LEU A 14 -7.88 6.33 4.64
N SER A 15 -7.08 7.20 5.22
CA SER A 15 -7.31 8.65 5.13
C SER A 15 -6.15 9.33 4.45
N LYS A 16 -6.44 10.05 3.35
CA LYS A 16 -5.41 10.76 2.61
C LYS A 16 -5.34 12.22 3.05
N PHE A 17 -4.18 12.62 3.57
CA PHE A 17 -3.98 13.98 4.04
C PHE A 17 -3.75 14.93 2.85
N GLY A 18 -2.60 14.78 2.20
CA GLY A 18 -2.29 15.63 1.06
C GLY A 18 -1.68 14.85 -0.09
N GLY A 19 -2.05 15.22 -1.30
CA GLY A 19 -1.52 14.54 -2.48
C GLY A 19 -2.02 15.16 -3.78
N LYS A 20 -3.11 14.62 -4.30
CA LYS A 20 -3.70 15.12 -5.54
C LYS A 20 -4.48 16.41 -5.30
N GLY A 21 -4.41 16.92 -4.08
CA GLY A 21 -5.11 18.14 -3.73
C GLY A 21 -4.18 19.31 -3.50
N PRO A 22 -4.65 20.52 -3.82
CA PRO A 22 -3.87 21.75 -3.65
C PRO A 22 -3.67 22.11 -2.18
N ILE A 23 -4.46 21.50 -1.31
CA ILE A 23 -4.37 21.75 0.12
C ILE A 23 -4.12 20.46 0.89
N ARG A 24 -3.89 20.59 2.19
CA ARG A 24 -3.64 19.44 3.04
C ARG A 24 -4.85 19.14 3.93
N GLY A 25 -5.09 17.85 4.17
CA GLY A 25 -6.22 17.46 5.00
C GLY A 25 -6.65 16.02 4.75
N TRP A 26 -6.88 15.28 5.82
CA TRP A 26 -7.30 13.89 5.71
C TRP A 26 -8.62 13.77 4.97
N LYS A 27 -8.88 12.61 4.39
CA LYS A 27 -10.11 12.37 3.65
C LYS A 27 -10.60 10.94 3.86
N SER A 28 -11.74 10.62 3.26
CA SER A 28 -12.32 9.28 3.38
C SER A 28 -12.37 8.58 2.02
N ARG A 29 -11.49 7.61 1.82
CA ARG A 29 -11.43 6.88 0.57
C ARG A 29 -11.10 5.41 0.82
N TRP A 30 -11.51 4.55 -0.09
CA TRP A 30 -11.27 3.12 0.04
C TRP A 30 -9.96 2.73 -0.66
N PHE A 31 -9.06 2.10 0.08
CA PHE A 31 -7.78 1.68 -0.47
C PHE A 31 -7.70 0.16 -0.58
N PHE A 32 -7.12 -0.32 -1.67
CA PHE A 32 -6.99 -1.76 -1.90
C PHE A 32 -5.77 -2.06 -2.76
N TYR A 33 -5.12 -3.18 -2.48
CA TYR A 33 -3.94 -3.59 -3.24
C TYR A 33 -4.32 -4.52 -4.38
N ASP A 34 -3.54 -4.48 -5.46
CA ASP A 34 -3.80 -5.32 -6.62
C ASP A 34 -2.69 -6.35 -6.79
N GLU A 35 -3.07 -7.62 -6.90
CA GLU A 35 -2.11 -8.70 -7.06
C GLU A 35 -1.90 -9.03 -8.54
N ARG A 36 -2.22 -8.06 -9.40
CA ARG A 36 -2.06 -8.25 -10.83
C ARG A 36 -0.90 -7.43 -11.37
N LYS A 37 -0.83 -6.16 -10.96
CA LYS A 37 0.24 -5.27 -11.40
C LYS A 37 1.13 -4.88 -10.23
N CYS A 38 0.91 -5.52 -9.08
CA CYS A 38 1.71 -5.24 -7.88
C CYS A 38 1.65 -3.75 -7.53
N GLN A 39 0.48 -3.16 -7.67
CA GLN A 39 0.29 -1.73 -7.38
C GLN A 39 -0.85 -1.53 -6.40
N LEU A 40 -0.83 -0.40 -5.69
CA LEU A 40 -1.87 -0.07 -4.73
C LEU A 40 -2.91 0.87 -5.33
N TYR A 41 -4.12 0.36 -5.52
CA TYR A 41 -5.20 1.16 -6.10
C TYR A 41 -6.18 1.59 -5.02
N TYR A 42 -6.74 2.79 -5.18
CA TYR A 42 -7.70 3.33 -4.22
C TYR A 42 -8.76 4.17 -4.92
N SER A 43 -9.95 4.20 -4.35
CA SER A 43 -11.06 4.96 -4.92
C SER A 43 -11.89 5.60 -3.81
N ARG A 44 -12.99 6.24 -4.21
CA ARG A 44 -13.88 6.89 -3.26
C ARG A 44 -14.53 5.88 -2.33
N THR A 45 -14.83 4.70 -2.86
CA THR A 45 -15.45 3.64 -2.08
C THR A 45 -15.00 2.27 -2.56
N ALA A 46 -15.51 1.23 -1.90
CA ALA A 46 -15.16 -0.15 -2.27
C ALA A 46 -16.06 -0.67 -3.37
N GLN A 47 -17.22 -0.02 -3.55
CA GLN A 47 -18.17 -0.42 -4.58
C GLN A 47 -17.70 0.02 -5.96
N ASP A 48 -16.80 1.00 -5.99
CA ASP A 48 -16.27 1.51 -7.25
C ASP A 48 -15.17 0.60 -7.78
N ALA A 49 -15.56 -0.57 -8.28
CA ALA A 49 -14.60 -1.53 -8.82
C ALA A 49 -13.48 -0.82 -9.57
N ASN A 50 -13.80 0.33 -10.17
CA ASN A 50 -12.82 1.10 -10.92
C ASN A 50 -12.09 2.08 -10.00
N PRO A 51 -10.80 1.80 -9.73
CA PRO A 51 -9.97 2.64 -8.87
C PRO A 51 -9.63 3.98 -9.53
N LEU A 52 -9.47 5.01 -8.71
CA LEU A 52 -9.15 6.34 -9.19
C LEU A 52 -7.69 6.41 -9.65
N ASP A 53 -6.78 6.09 -8.74
CA ASP A 53 -5.35 6.11 -9.05
C ASP A 53 -4.63 4.94 -8.38
N SER A 54 -3.40 4.68 -8.82
CA SER A 54 -2.61 3.59 -8.26
C SER A 54 -1.25 4.10 -7.80
N ILE A 55 -0.63 3.37 -6.87
CA ILE A 55 0.67 3.74 -6.33
C ILE A 55 1.63 2.55 -6.34
N ASP A 56 2.64 2.63 -7.19
CA ASP A 56 3.64 1.55 -7.29
C ASP A 56 4.32 1.31 -5.95
N LEU A 57 4.23 0.09 -5.46
CA LEU A 57 4.84 -0.28 -4.18
C LEU A 57 6.20 -0.93 -4.39
N SER A 58 6.59 -1.09 -5.65
CA SER A 58 7.87 -1.69 -5.99
C SER A 58 9.03 -0.86 -5.45
N SER A 59 8.90 0.47 -5.57
CA SER A 59 9.94 1.38 -5.10
C SER A 59 9.38 2.33 -4.05
N ALA A 60 8.36 1.89 -3.32
CA ALA A 60 7.73 2.69 -2.29
C ALA A 60 8.18 2.24 -0.91
N VAL A 61 8.50 3.21 -0.04
CA VAL A 61 8.95 2.90 1.32
C VAL A 61 7.94 3.42 2.34
N PHE A 62 7.34 2.49 3.09
CA PHE A 62 6.36 2.85 4.10
C PHE A 62 7.05 3.20 5.42
N ASP A 63 6.87 4.44 5.87
CA ASP A 63 7.46 4.90 7.11
C ASP A 63 6.40 5.29 8.13
N CYS A 64 6.79 5.36 9.40
CA CYS A 64 5.86 5.72 10.45
C CYS A 64 6.18 7.10 11.02
N LYS A 65 5.19 7.99 10.99
CA LYS A 65 5.37 9.34 11.50
C LYS A 65 5.70 9.33 12.98
N ALA A 66 6.04 10.50 13.52
CA ALA A 66 6.38 10.61 14.94
C ALA A 66 5.15 10.34 15.82
N ASP A 67 4.00 10.82 15.38
CA ASP A 67 2.77 10.63 16.13
C ASP A 67 2.12 9.29 15.78
N ALA A 68 2.96 8.29 15.51
CA ALA A 68 2.48 6.96 15.18
C ALA A 68 1.65 6.37 16.31
N GLU A 69 1.84 6.89 17.51
CA GLU A 69 1.10 6.41 18.68
C GLU A 69 -0.38 6.28 18.36
N GLU A 70 -0.83 7.00 17.34
CA GLU A 70 -2.24 6.96 16.94
C GLU A 70 -2.44 5.96 15.80
N GLY A 71 -1.42 5.80 14.96
CA GLY A 71 -1.51 4.89 13.85
C GLY A 71 -1.42 5.60 12.50
N ILE A 72 -0.35 6.36 12.30
CA ILE A 72 -0.17 7.10 11.05
C ILE A 72 1.13 6.69 10.37
N PHE A 73 1.12 6.66 9.05
CA PHE A 73 2.30 6.29 8.27
C PHE A 73 2.43 7.17 7.03
N GLU A 74 3.46 6.90 6.23
CA GLU A 74 3.71 7.67 5.01
C GLU A 74 4.40 6.81 3.96
N ILE A 75 3.88 6.84 2.74
CA ILE A 75 4.46 6.07 1.65
C ILE A 75 5.31 6.96 0.74
N LYS A 76 6.63 6.83 0.89
CA LYS A 76 7.57 7.62 0.09
C LYS A 76 7.87 6.92 -1.23
N THR A 77 7.55 7.58 -2.33
CA THR A 77 7.79 7.02 -3.66
C THR A 77 8.51 8.01 -4.55
N PRO A 78 9.23 7.49 -5.55
CA PRO A 78 9.98 8.33 -6.51
C PRO A 78 9.06 9.11 -7.45
N SER A 79 7.75 8.98 -7.22
CA SER A 79 6.77 9.67 -8.05
C SER A 79 6.03 10.73 -7.24
N ARG A 80 5.55 10.35 -6.06
CA ARG A 80 4.83 11.27 -5.20
C ARG A 80 4.69 10.69 -3.79
N VAL A 81 5.14 11.43 -2.79
CA VAL A 81 5.06 11.00 -1.40
C VAL A 81 3.64 11.10 -0.88
N ILE A 82 3.05 9.95 -0.56
CA ILE A 82 1.69 9.91 -0.04
C ILE A 82 1.68 9.73 1.48
N THR A 83 0.68 10.31 2.12
CA THR A 83 0.55 10.22 3.58
C THR A 83 -0.81 9.66 3.98
N LEU A 84 -0.79 8.45 4.52
CA LEU A 84 -2.03 7.79 4.94
C LEU A 84 -1.92 7.31 6.38
N LYS A 85 -3.06 7.23 7.06
CA LYS A 85 -3.09 6.78 8.45
C LYS A 85 -4.04 5.59 8.61
N ALA A 86 -3.71 4.70 9.55
CA ALA A 86 -4.54 3.52 9.81
C ALA A 86 -5.37 3.71 11.07
N ALA A 87 -6.28 2.77 11.32
CA ALA A 87 -7.14 2.83 12.49
C ALA A 87 -6.33 3.13 13.75
N THR A 88 -5.42 2.23 14.09
CA THR A 88 -4.59 2.40 15.28
C THR A 88 -3.14 1.99 14.99
N LYS A 89 -2.26 2.22 15.96
CA LYS A 89 -0.85 1.89 15.82
C LYS A 89 -0.69 0.49 15.24
N GLN A 90 -1.60 -0.41 15.59
CA GLN A 90 -1.55 -1.78 15.11
C GLN A 90 -2.03 -1.87 13.66
N ALA A 91 -3.14 -1.20 13.37
CA ALA A 91 -3.70 -1.20 12.03
C ALA A 91 -2.61 -0.94 10.98
N MET A 92 -1.87 0.14 11.16
CA MET A 92 -0.81 0.50 10.23
C MET A 92 0.27 -0.58 10.19
N LEU A 93 0.64 -1.09 11.37
CA LEU A 93 1.65 -2.12 11.47
C LEU A 93 1.34 -3.29 10.53
N TYR A 94 0.05 -3.53 10.31
CA TYR A 94 -0.37 -4.61 9.43
C TYR A 94 -0.17 -4.24 7.97
N TRP A 95 -0.40 -2.97 7.64
CA TRP A 95 -0.25 -2.48 6.28
C TRP A 95 1.23 -2.42 5.89
N LEU A 96 2.03 -1.78 6.74
CA LEU A 96 3.46 -1.65 6.48
C LEU A 96 4.12 -3.02 6.33
N GLN A 97 3.75 -3.95 7.20
CA GLN A 97 4.29 -5.30 7.16
C GLN A 97 3.83 -6.04 5.91
N GLN A 98 2.52 -6.14 5.74
CA GLN A 98 1.94 -6.83 4.59
C GLN A 98 2.41 -6.18 3.29
N LEU A 99 2.07 -4.91 3.12
CA LEU A 99 2.46 -4.17 1.92
C LEU A 99 3.82 -4.62 1.42
N GLN A 100 4.79 -4.70 2.33
CA GLN A 100 6.14 -5.12 1.98
C GLN A 100 6.12 -6.49 1.30
N MET A 101 5.56 -7.48 1.98
CA MET A 101 5.47 -8.83 1.44
C MET A 101 5.26 -8.80 -0.07
N LYS A 102 4.32 -7.99 -0.52
CA LYS A 102 4.03 -7.86 -1.94
C LYS A 102 5.26 -7.42 -2.72
N ARG A 103 5.89 -6.35 -2.24
CA ARG A 103 7.09 -5.82 -2.90
C ARG A 103 8.29 -6.74 -2.66
N TRP A 104 8.69 -6.85 -1.41
CA TRP A 104 9.84 -7.69 -1.04
C TRP A 104 9.81 -9.00 -1.83
N GLU A 105 8.62 -9.58 -1.97
CA GLU A 105 8.47 -10.83 -2.70
C GLU A 105 9.09 -10.73 -4.09
N PHE A 106 8.52 -9.86 -4.92
CA PHE A 106 9.02 -9.67 -6.29
C PHE A 106 10.54 -9.71 -6.32
N HIS A 107 11.17 -9.08 -5.32
CA HIS A 107 12.62 -9.04 -5.24
C HIS A 107 13.19 -10.44 -4.98
N ASN A 108 12.52 -11.19 -4.11
CA ASN A 108 12.96 -12.54 -3.79
C ASN A 108 12.60 -13.52 -4.91
N SER A 109 11.31 -13.64 -5.18
CA SER A 109 10.83 -14.55 -6.22
C SER A 109 9.80 -13.86 -7.11
N PRO A 110 10.29 -13.08 -8.09
CA PRO A 110 9.43 -12.35 -9.02
C PRO A 110 8.70 -13.27 -9.99
N PRO A 111 7.40 -13.03 -10.18
CA PRO A 111 6.57 -13.83 -11.09
C PRO A 111 6.93 -13.61 -12.55
N ALA A 112 6.35 -14.43 -13.43
CA ALA A 112 6.60 -14.31 -14.86
C ALA A 112 6.04 -13.01 -15.43
N PRO A 113 6.63 -12.54 -16.53
CA PRO A 113 6.20 -11.30 -17.18
C PRO A 113 4.84 -11.45 -17.87
N SER A 114 4.30 -10.33 -18.31
CA SER A 114 3.00 -10.33 -18.98
C SER A 114 3.05 -9.51 -20.27
N GLY A 115 2.04 -9.69 -21.10
CA GLY A 115 1.98 -8.96 -22.36
C GLY A 115 3.00 -9.46 -23.36
N PRO A 116 2.54 -9.70 -24.60
CA PRO A 116 3.41 -10.20 -25.68
C PRO A 116 4.40 -9.14 -26.15
N SER A 117 3.91 -7.92 -26.39
CA SER A 117 4.75 -6.83 -26.83
C SER A 117 6.10 -6.85 -26.13
N SER A 118 7.13 -7.33 -26.83
CA SER A 118 8.47 -7.41 -26.27
C SER A 118 9.51 -6.98 -27.30
N GLY A 119 10.30 -5.97 -26.94
CA GLY A 119 11.33 -5.47 -27.83
C GLY A 119 12.70 -6.06 -27.53
N GLY A 1 9.81 -15.31 12.31
CA GLY A 1 9.37 -15.98 11.09
C GLY A 1 8.33 -15.15 10.34
N SER A 2 8.69 -14.73 9.13
CA SER A 2 7.79 -13.93 8.31
C SER A 2 6.66 -14.79 7.76
N SER A 3 6.97 -16.03 7.40
CA SER A 3 5.98 -16.95 6.85
C SER A 3 4.76 -17.03 7.76
N GLY A 4 3.64 -16.51 7.26
CA GLY A 4 2.41 -16.53 8.04
C GLY A 4 1.17 -16.55 7.17
N SER A 5 1.14 -15.67 6.17
CA SER A 5 0.00 -15.59 5.27
C SER A 5 0.27 -16.37 3.99
N SER A 6 -0.57 -17.37 3.71
CA SER A 6 -0.43 -18.19 2.53
C SER A 6 -1.04 -17.50 1.31
N GLY A 7 -2.22 -16.93 1.49
CA GLY A 7 -2.88 -16.24 0.40
C GLY A 7 -4.11 -15.48 0.85
N LYS A 8 -3.96 -14.18 1.07
CA LYS A 8 -5.07 -13.35 1.50
C LYS A 8 -4.91 -11.91 1.00
N LYS A 9 -5.76 -11.53 0.05
CA LYS A 9 -5.71 -10.20 -0.53
C LYS A 9 -5.44 -9.15 0.55
N LEU A 10 -5.00 -7.97 0.14
CA LEU A 10 -4.71 -6.88 1.07
C LEU A 10 -5.54 -5.65 0.73
N CYS A 11 -6.56 -5.38 1.55
CA CYS A 11 -7.42 -4.23 1.34
C CYS A 11 -7.84 -3.61 2.68
N GLY A 12 -8.35 -2.38 2.62
CA GLY A 12 -8.77 -1.70 3.83
C GLY A 12 -9.02 -0.23 3.61
N TYR A 13 -9.87 0.36 4.45
CA TYR A 13 -10.20 1.77 4.34
C TYR A 13 -9.15 2.64 5.02
N LEU A 14 -8.76 3.72 4.37
CA LEU A 14 -7.75 4.63 4.91
C LEU A 14 -8.18 6.08 4.72
N SER A 15 -7.36 7.00 5.22
CA SER A 15 -7.64 8.42 5.10
C SER A 15 -6.57 9.13 4.27
N LYS A 16 -6.95 9.55 3.06
CA LYS A 16 -6.03 10.23 2.17
C LYS A 16 -5.85 11.69 2.58
N PHE A 17 -4.70 12.02 3.13
CA PHE A 17 -4.42 13.38 3.57
C PHE A 17 -4.13 14.28 2.38
N GLY A 18 -4.22 15.59 2.59
CA GLY A 18 -3.95 16.54 1.53
C GLY A 18 -5.03 16.50 0.45
N GLY A 19 -4.64 16.10 -0.76
CA GLY A 19 -5.59 16.03 -1.86
C GLY A 19 -5.64 17.33 -2.66
N LYS A 20 -6.42 17.33 -3.73
CA LYS A 20 -6.56 18.51 -4.58
C LYS A 20 -7.66 19.42 -4.07
N GLY A 21 -7.71 19.61 -2.75
CA GLY A 21 -8.72 20.47 -2.16
C GLY A 21 -8.17 21.81 -1.74
N PRO A 22 -9.06 22.73 -1.36
CA PRO A 22 -8.68 24.08 -0.93
C PRO A 22 -7.98 24.07 0.43
N ILE A 23 -8.50 23.29 1.36
CA ILE A 23 -7.92 23.19 2.69
C ILE A 23 -7.16 21.88 2.87
N ARG A 24 -6.49 21.74 4.01
CA ARG A 24 -5.73 20.53 4.30
C ARG A 24 -6.37 19.74 5.44
N GLY A 25 -6.73 18.49 5.16
CA GLY A 25 -7.34 17.65 6.17
C GLY A 25 -7.59 16.24 5.68
N TRP A 26 -7.46 15.28 6.58
CA TRP A 26 -7.67 13.87 6.23
C TRP A 26 -9.06 13.66 5.64
N LYS A 27 -9.16 12.72 4.71
CA LYS A 27 -10.44 12.41 4.06
C LYS A 27 -10.63 10.91 3.92
N SER A 28 -11.81 10.43 4.28
CA SER A 28 -12.12 9.01 4.18
C SER A 28 -12.02 8.52 2.74
N ARG A 29 -11.17 7.52 2.52
CA ARG A 29 -10.97 6.97 1.19
C ARG A 29 -10.78 5.45 1.26
N TRP A 30 -11.13 4.77 0.16
CA TRP A 30 -11.00 3.33 0.10
C TRP A 30 -9.73 2.92 -0.65
N PHE A 31 -8.92 2.07 -0.02
CA PHE A 31 -7.68 1.61 -0.63
C PHE A 31 -7.70 0.10 -0.82
N PHE A 32 -7.06 -0.38 -1.88
CA PHE A 32 -7.00 -1.80 -2.18
C PHE A 32 -5.82 -2.13 -3.08
N TYR A 33 -5.03 -3.12 -2.69
CA TYR A 33 -3.86 -3.52 -3.46
C TYR A 33 -4.27 -4.41 -4.64
N ASP A 34 -3.47 -4.37 -5.70
CA ASP A 34 -3.76 -5.17 -6.89
C ASP A 34 -2.67 -6.23 -7.09
N GLU A 35 -3.11 -7.48 -7.24
CA GLU A 35 -2.18 -8.58 -7.44
C GLU A 35 -1.96 -8.86 -8.92
N ARG A 36 -2.16 -7.83 -9.74
CA ARG A 36 -1.99 -7.96 -11.18
C ARG A 36 -0.74 -7.21 -11.64
N LYS A 37 -0.54 -6.00 -11.12
CA LYS A 37 0.61 -5.19 -11.48
C LYS A 37 1.42 -4.81 -10.25
N CYS A 38 1.07 -5.39 -9.11
CA CYS A 38 1.76 -5.11 -7.86
C CYS A 38 1.68 -3.63 -7.52
N GLN A 39 0.48 -3.07 -7.57
CA GLN A 39 0.28 -1.66 -7.28
C GLN A 39 -0.88 -1.46 -6.30
N LEU A 40 -0.85 -0.36 -5.57
CA LEU A 40 -1.90 -0.05 -4.61
C LEU A 40 -2.91 0.93 -5.20
N TYR A 41 -4.09 0.43 -5.55
CA TYR A 41 -5.13 1.25 -6.13
C TYR A 41 -6.17 1.64 -5.06
N TYR A 42 -6.56 2.91 -5.08
CA TYR A 42 -7.54 3.41 -4.11
C TYR A 42 -8.60 4.26 -4.80
N SER A 43 -9.82 4.20 -4.28
CA SER A 43 -10.93 4.96 -4.85
C SER A 43 -11.80 5.55 -3.76
N ARG A 44 -12.84 6.29 -4.15
CA ARG A 44 -13.75 6.91 -3.20
C ARG A 44 -14.43 5.86 -2.33
N THR A 45 -14.77 4.72 -2.93
CA THR A 45 -15.42 3.64 -2.21
C THR A 45 -14.97 2.28 -2.74
N ALA A 46 -15.47 1.22 -2.11
CA ALA A 46 -15.12 -0.14 -2.52
C ALA A 46 -16.10 -0.68 -3.56
N GLN A 47 -16.65 0.23 -4.35
CA GLN A 47 -17.61 -0.15 -5.39
C GLN A 47 -17.17 0.37 -6.75
N ASP A 48 -16.35 1.41 -6.75
CA ASP A 48 -15.85 2.00 -7.98
C ASP A 48 -14.79 1.12 -8.62
N ALA A 49 -15.19 0.36 -9.64
CA ALA A 49 -14.26 -0.53 -10.33
C ALA A 49 -13.08 0.23 -10.90
N ASN A 50 -13.24 1.54 -11.07
CA ASN A 50 -12.19 2.38 -11.60
C ASN A 50 -11.48 3.15 -10.48
N PRO A 51 -10.27 2.70 -10.14
CA PRO A 51 -9.48 3.32 -9.07
C PRO A 51 -8.95 4.70 -9.47
N LEU A 52 -9.13 5.68 -8.59
CA LEU A 52 -8.69 7.03 -8.85
C LEU A 52 -7.22 7.06 -9.31
N ASP A 53 -6.34 6.56 -8.44
CA ASP A 53 -4.92 6.51 -8.75
C ASP A 53 -4.27 5.28 -8.12
N SER A 54 -3.07 4.93 -8.61
CA SER A 54 -2.35 3.77 -8.10
C SER A 54 -0.93 4.16 -7.69
N ILE A 55 -0.34 3.36 -6.81
CA ILE A 55 1.02 3.62 -6.35
C ILE A 55 1.89 2.37 -6.50
N ASP A 56 2.99 2.52 -7.22
CA ASP A 56 3.92 1.41 -7.44
C ASP A 56 4.65 1.06 -6.15
N LEU A 57 4.19 0.01 -5.48
CA LEU A 57 4.81 -0.43 -4.22
C LEU A 57 6.15 -1.11 -4.49
N SER A 58 6.34 -1.58 -5.72
CA SER A 58 7.57 -2.25 -6.11
C SER A 58 8.79 -1.48 -5.62
N SER A 59 8.70 -0.15 -5.67
CA SER A 59 9.79 0.71 -5.25
C SER A 59 9.30 1.77 -4.27
N ALA A 60 8.35 1.39 -3.42
CA ALA A 60 7.79 2.31 -2.43
C ALA A 60 8.24 1.95 -1.03
N VAL A 61 8.62 2.96 -0.25
CA VAL A 61 9.07 2.74 1.12
C VAL A 61 8.04 3.27 2.13
N PHE A 62 7.59 2.39 3.01
CA PHE A 62 6.61 2.77 4.03
C PHE A 62 7.30 3.16 5.33
N ASP A 63 6.90 4.30 5.88
CA ASP A 63 7.48 4.79 7.13
C ASP A 63 6.39 5.25 8.09
N CYS A 64 6.79 5.64 9.30
CA CYS A 64 5.84 6.10 10.30
C CYS A 64 6.07 7.58 10.62
N LYS A 65 4.99 8.33 10.75
CA LYS A 65 5.07 9.75 11.06
C LYS A 65 5.43 9.97 12.53
N ALA A 66 5.50 11.23 12.94
CA ALA A 66 5.85 11.57 14.31
C ALA A 66 4.73 11.19 15.27
N ASP A 67 3.48 11.39 14.82
CA ASP A 67 2.32 11.06 15.65
C ASP A 67 1.88 9.62 15.41
N ALA A 68 2.83 8.78 15.00
CA ALA A 68 2.53 7.38 14.74
C ALA A 68 1.80 6.75 15.92
N GLU A 69 1.94 7.36 17.10
CA GLU A 69 1.29 6.85 18.30
C GLU A 69 -0.20 6.63 18.07
N GLU A 70 -0.76 7.36 17.10
CA GLU A 70 -2.18 7.25 16.79
C GLU A 70 -2.41 6.22 15.68
N GLY A 71 -1.40 6.05 14.82
CA GLY A 71 -1.52 5.10 13.73
C GLY A 71 -1.43 5.76 12.37
N ILE A 72 -0.36 6.51 12.14
CA ILE A 72 -0.16 7.19 10.87
C ILE A 72 1.16 6.79 10.23
N PHE A 73 1.17 6.72 8.90
CA PHE A 73 2.38 6.35 8.17
C PHE A 73 2.48 7.14 6.86
N GLU A 74 3.58 6.93 6.15
CA GLU A 74 3.80 7.62 4.89
C GLU A 74 4.52 6.72 3.89
N ILE A 75 4.07 6.74 2.64
CA ILE A 75 4.67 5.93 1.58
C ILE A 75 5.49 6.78 0.64
N LYS A 76 6.81 6.71 0.79
CA LYS A 76 7.73 7.47 -0.06
C LYS A 76 7.95 6.76 -1.38
N THR A 77 7.55 7.40 -2.47
CA THR A 77 7.71 6.84 -3.80
C THR A 77 8.37 7.83 -4.76
N PRO A 78 9.08 7.31 -5.76
CA PRO A 78 9.77 8.14 -6.75
C PRO A 78 8.79 8.85 -7.69
N SER A 79 7.50 8.68 -7.43
CA SER A 79 6.47 9.30 -8.26
C SER A 79 5.73 10.39 -7.47
N ARG A 80 5.28 10.03 -6.26
CA ARG A 80 4.56 10.97 -5.42
C ARG A 80 4.46 10.44 -3.99
N VAL A 81 4.81 11.28 -3.02
CA VAL A 81 4.75 10.90 -1.62
C VAL A 81 3.32 10.86 -1.11
N ILE A 82 2.91 9.72 -0.55
CA ILE A 82 1.55 9.56 -0.03
C ILE A 82 1.56 9.50 1.48
N THR A 83 0.59 10.16 2.11
CA THR A 83 0.47 10.18 3.56
C THR A 83 -0.89 9.65 4.01
N LEU A 84 -0.93 8.38 4.40
CA LEU A 84 -2.17 7.77 4.86
C LEU A 84 -2.07 7.35 6.33
N LYS A 85 -3.21 7.15 6.96
CA LYS A 85 -3.25 6.74 8.36
C LYS A 85 -4.25 5.61 8.57
N ALA A 86 -3.92 4.69 9.46
CA ALA A 86 -4.79 3.55 9.75
C ALA A 86 -5.70 3.86 10.94
N ALA A 87 -6.55 2.91 11.29
CA ALA A 87 -7.47 3.07 12.41
C ALA A 87 -6.72 3.30 13.71
N THR A 88 -5.93 2.31 14.12
CA THR A 88 -5.15 2.41 15.35
C THR A 88 -3.66 2.31 15.07
N LYS A 89 -2.85 2.39 16.12
CA LYS A 89 -1.40 2.31 15.98
C LYS A 89 -0.98 0.95 15.45
N GLN A 90 -1.56 -0.11 16.01
CA GLN A 90 -1.24 -1.47 15.59
C GLN A 90 -1.83 -1.76 14.21
N ALA A 91 -2.81 -0.97 13.81
CA ALA A 91 -3.45 -1.15 12.51
C ALA A 91 -2.46 -0.95 11.38
N MET A 92 -1.75 0.17 11.40
CA MET A 92 -0.76 0.48 10.38
C MET A 92 0.26 -0.65 10.24
N LEU A 93 0.70 -1.18 11.39
CA LEU A 93 1.67 -2.27 11.39
C LEU A 93 1.31 -3.33 10.36
N TYR A 94 0.04 -3.68 10.31
CA TYR A 94 -0.44 -4.68 9.36
C TYR A 94 -0.23 -4.23 7.92
N TRP A 95 -0.56 -2.96 7.67
CA TRP A 95 -0.41 -2.40 6.34
C TRP A 95 1.06 -2.31 5.93
N LEU A 96 1.85 -1.64 6.76
CA LEU A 96 3.27 -1.48 6.48
C LEU A 96 3.94 -2.84 6.25
N GLN A 97 3.67 -3.78 7.15
CA GLN A 97 4.23 -5.12 7.04
C GLN A 97 3.79 -5.80 5.74
N GLN A 98 2.49 -6.07 5.64
CA GLN A 98 1.95 -6.72 4.45
C GLN A 98 2.39 -6.00 3.18
N LEU A 99 2.04 -4.72 3.08
CA LEU A 99 2.41 -3.92 1.92
C LEU A 99 3.77 -4.34 1.37
N GLN A 100 4.70 -4.63 2.28
CA GLN A 100 6.05 -5.04 1.88
C GLN A 100 6.02 -6.45 1.28
N MET A 101 5.40 -7.38 1.99
CA MET A 101 5.30 -8.76 1.52
C MET A 101 5.16 -8.81 0.01
N LYS A 102 4.19 -8.07 -0.52
CA LYS A 102 3.94 -8.04 -1.95
C LYS A 102 5.20 -7.62 -2.71
N ARG A 103 5.76 -6.47 -2.33
CA ARG A 103 6.96 -5.96 -2.97
C ARG A 103 8.16 -6.88 -2.70
N TRP A 104 8.54 -6.98 -1.44
CA TRP A 104 9.67 -7.82 -1.06
C TRP A 104 9.64 -9.15 -1.82
N GLU A 105 8.45 -9.73 -1.93
CA GLU A 105 8.29 -11.00 -2.64
C GLU A 105 8.77 -10.88 -4.07
N PHE A 106 8.51 -9.75 -4.70
CA PHE A 106 8.91 -9.52 -6.08
C PHE A 106 10.43 -9.44 -6.20
N HIS A 107 11.06 -8.86 -5.19
CA HIS A 107 12.52 -8.73 -5.18
C HIS A 107 13.18 -10.10 -5.06
N ASN A 108 12.65 -10.94 -4.17
CA ASN A 108 13.20 -12.27 -3.96
C ASN A 108 12.79 -13.21 -5.09
N SER A 109 11.57 -13.02 -5.60
CA SER A 109 11.06 -13.85 -6.69
C SER A 109 12.18 -14.27 -7.62
N PRO A 110 12.71 -15.49 -7.40
CA PRO A 110 13.80 -16.03 -8.22
C PRO A 110 13.34 -16.38 -9.64
N PRO A 111 14.30 -16.68 -10.52
CA PRO A 111 14.03 -17.05 -11.91
C PRO A 111 13.35 -18.40 -12.04
N ALA A 112 12.85 -18.69 -13.23
CA ALA A 112 12.17 -19.96 -13.49
C ALA A 112 12.86 -21.10 -12.74
N PRO A 113 12.05 -22.07 -12.27
CA PRO A 113 12.56 -23.23 -11.53
C PRO A 113 13.34 -24.18 -12.41
N SER A 114 14.30 -24.90 -11.81
CA SER A 114 15.12 -25.85 -12.56
C SER A 114 15.90 -26.74 -11.60
N GLY A 115 15.51 -28.01 -11.52
CA GLY A 115 16.18 -28.94 -10.64
C GLY A 115 15.36 -29.28 -9.41
N PRO A 116 15.52 -30.51 -8.91
CA PRO A 116 14.80 -30.98 -7.72
C PRO A 116 15.28 -30.29 -6.44
N SER A 117 14.50 -29.33 -5.97
CA SER A 117 14.84 -28.58 -4.76
C SER A 117 15.44 -29.51 -3.71
N SER A 118 14.75 -30.62 -3.46
CA SER A 118 15.20 -31.59 -2.47
C SER A 118 14.77 -33.01 -2.85
N GLY A 119 15.63 -33.98 -2.59
CA GLY A 119 15.31 -35.36 -2.91
C GLY A 119 14.45 -36.01 -1.85
N GLY A 1 5.83 -16.84 6.07
CA GLY A 1 6.84 -16.24 6.91
C GLY A 1 8.25 -16.64 6.50
N SER A 2 8.62 -17.87 6.81
CA SER A 2 9.95 -18.37 6.48
C SER A 2 9.88 -19.35 5.30
N SER A 3 9.11 -20.42 5.48
CA SER A 3 8.97 -21.43 4.43
C SER A 3 7.50 -21.56 4.01
N GLY A 4 7.12 -20.86 2.95
CA GLY A 4 5.76 -20.92 2.47
C GLY A 4 4.85 -19.94 3.18
N SER A 5 4.13 -19.14 2.41
CA SER A 5 3.22 -18.15 2.97
C SER A 5 1.95 -18.05 2.14
N SER A 6 0.86 -17.66 2.79
CA SER A 6 -0.43 -17.53 2.11
C SER A 6 -1.46 -16.90 3.04
N GLY A 7 -2.39 -16.14 2.46
CA GLY A 7 -3.43 -15.49 3.25
C GLY A 7 -4.50 -14.85 2.38
N LYS A 8 -5.30 -13.98 2.99
CA LYS A 8 -6.35 -13.28 2.27
C LYS A 8 -5.84 -11.99 1.64
N LYS A 9 -6.55 -11.50 0.63
CA LYS A 9 -6.16 -10.26 -0.04
C LYS A 9 -5.90 -9.15 0.97
N LEU A 10 -5.15 -8.15 0.54
CA LEU A 10 -4.81 -7.02 1.40
C LEU A 10 -5.61 -5.78 1.01
N CYS A 11 -6.62 -5.45 1.81
CA CYS A 11 -7.45 -4.28 1.53
C CYS A 11 -7.85 -3.59 2.84
N GLY A 12 -8.29 -2.34 2.72
CA GLY A 12 -8.70 -1.59 3.90
C GLY A 12 -8.79 -0.09 3.62
N TYR A 13 -9.75 0.55 4.26
CA TYR A 13 -9.95 1.99 4.09
C TYR A 13 -8.87 2.78 4.83
N LEU A 14 -8.67 4.03 4.40
CA LEU A 14 -7.67 4.89 5.02
C LEU A 14 -8.04 6.36 4.85
N SER A 15 -7.26 7.24 5.47
CA SER A 15 -7.50 8.67 5.40
C SER A 15 -6.33 9.39 4.71
N LYS A 16 -6.60 9.97 3.55
CA LYS A 16 -5.58 10.69 2.80
C LYS A 16 -5.45 12.13 3.30
N PHE A 17 -4.25 12.48 3.76
CA PHE A 17 -4.00 13.83 4.26
C PHE A 17 -3.86 14.82 3.11
N GLY A 18 -3.96 16.11 3.43
CA GLY A 18 -3.85 17.13 2.42
C GLY A 18 -4.50 16.74 1.10
N GLY A 19 -3.68 16.47 0.09
CA GLY A 19 -4.20 16.08 -1.21
C GLY A 19 -4.95 17.20 -1.89
N LYS A 20 -5.96 16.85 -2.67
CA LYS A 20 -6.76 17.83 -3.39
C LYS A 20 -7.31 18.89 -2.43
N GLY A 21 -8.01 19.88 -2.98
CA GLY A 21 -8.58 20.93 -2.16
C GLY A 21 -7.58 22.04 -1.87
N PRO A 22 -8.11 23.25 -1.63
CA PRO A 22 -7.28 24.43 -1.33
C PRO A 22 -6.60 24.33 0.03
N ILE A 23 -7.21 23.57 0.93
CA ILE A 23 -6.67 23.41 2.28
C ILE A 23 -6.32 21.94 2.54
N ARG A 24 -5.69 21.69 3.69
CA ARG A 24 -5.30 20.34 4.06
C ARG A 24 -6.28 19.74 5.07
N GLY A 25 -6.47 18.42 5.00
CA GLY A 25 -7.38 17.76 5.91
C GLY A 25 -7.59 16.30 5.55
N TRP A 26 -7.61 15.43 6.55
CA TRP A 26 -7.80 14.01 6.33
C TRP A 26 -9.15 13.74 5.66
N LYS A 27 -9.13 12.86 4.66
CA LYS A 27 -10.36 12.52 3.94
C LYS A 27 -10.52 11.01 3.83
N SER A 28 -11.75 10.54 4.00
CA SER A 28 -12.03 9.11 3.93
C SER A 28 -11.91 8.60 2.50
N ARG A 29 -11.04 7.61 2.30
CA ARG A 29 -10.83 7.04 0.98
C ARG A 29 -10.70 5.52 1.06
N TRP A 30 -11.09 4.84 -0.02
CA TRP A 30 -11.02 3.39 -0.07
C TRP A 30 -9.74 2.92 -0.75
N PHE A 31 -8.89 2.23 0.00
CA PHE A 31 -7.63 1.73 -0.53
C PHE A 31 -7.66 0.21 -0.68
N PHE A 32 -7.05 -0.29 -1.75
CA PHE A 32 -7.01 -1.73 -2.00
C PHE A 32 -5.82 -2.09 -2.89
N TYR A 33 -5.09 -3.12 -2.49
CA TYR A 33 -3.92 -3.57 -3.24
C TYR A 33 -4.34 -4.45 -4.41
N ASP A 34 -3.60 -4.35 -5.52
CA ASP A 34 -3.88 -5.15 -6.70
C ASP A 34 -2.80 -6.19 -6.93
N GLU A 35 -3.22 -7.43 -7.17
CA GLU A 35 -2.29 -8.52 -7.39
C GLU A 35 -2.17 -8.83 -8.89
N ARG A 36 -2.45 -7.83 -9.72
CA ARG A 36 -2.37 -7.99 -11.16
C ARG A 36 -1.18 -7.21 -11.73
N LYS A 37 -1.05 -5.96 -11.33
CA LYS A 37 0.04 -5.12 -11.80
C LYS A 37 0.96 -4.73 -10.65
N CYS A 38 0.79 -5.40 -9.51
CA CYS A 38 1.61 -5.13 -8.33
C CYS A 38 1.57 -3.64 -7.98
N GLN A 39 0.38 -3.08 -7.94
CA GLN A 39 0.21 -1.67 -7.62
C GLN A 39 -0.93 -1.47 -6.61
N LEU A 40 -0.81 -0.43 -5.78
CA LEU A 40 -1.82 -0.14 -4.78
C LEU A 40 -2.83 0.88 -5.30
N TYR A 41 -4.02 0.40 -5.63
CA TYR A 41 -5.08 1.27 -6.14
C TYR A 41 -6.03 1.69 -5.03
N TYR A 42 -6.58 2.89 -5.14
CA TYR A 42 -7.51 3.41 -4.14
C TYR A 42 -8.57 4.30 -4.80
N SER A 43 -9.82 4.14 -4.35
CA SER A 43 -10.92 4.92 -4.90
C SER A 43 -11.79 5.47 -3.77
N ARG A 44 -12.87 6.15 -4.15
CA ARG A 44 -13.79 6.74 -3.18
C ARG A 44 -14.39 5.66 -2.28
N THR A 45 -14.91 4.60 -2.90
CA THR A 45 -15.52 3.50 -2.17
C THR A 45 -15.19 2.17 -2.82
N ALA A 46 -15.71 1.09 -2.23
CA ALA A 46 -15.47 -0.26 -2.76
C ALA A 46 -16.37 -0.54 -3.96
N GLN A 47 -17.49 0.17 -4.04
CA GLN A 47 -18.43 0.00 -5.15
C GLN A 47 -17.83 0.52 -6.46
N ASP A 48 -17.05 1.60 -6.37
CA ASP A 48 -16.43 2.17 -7.54
C ASP A 48 -15.26 1.32 -8.02
N ALA A 49 -15.58 0.11 -8.48
CA ALA A 49 -14.55 -0.81 -8.97
C ALA A 49 -13.42 -0.06 -9.64
N ASN A 50 -13.76 0.98 -10.39
CA ASN A 50 -12.77 1.78 -11.10
C ASN A 50 -11.93 2.60 -10.12
N PRO A 51 -10.64 2.24 -9.99
CA PRO A 51 -9.72 2.94 -9.09
C PRO A 51 -9.39 4.35 -9.57
N LEU A 52 -9.23 5.26 -8.62
CA LEU A 52 -8.91 6.65 -8.94
C LEU A 52 -7.45 6.79 -9.34
N ASP A 53 -6.55 6.27 -8.50
CA ASP A 53 -5.12 6.34 -8.77
C ASP A 53 -4.41 5.12 -8.19
N SER A 54 -3.24 4.81 -8.74
CA SER A 54 -2.46 3.67 -8.28
C SER A 54 -1.05 4.10 -7.88
N ILE A 55 -0.46 3.37 -6.93
CA ILE A 55 0.87 3.69 -6.45
C ILE A 55 1.78 2.46 -6.53
N ASP A 56 2.85 2.56 -7.30
CA ASP A 56 3.80 1.46 -7.45
C ASP A 56 4.55 1.20 -6.15
N LEU A 57 4.18 0.14 -5.46
CA LEU A 57 4.82 -0.22 -4.20
C LEU A 57 6.23 -0.75 -4.43
N SER A 58 6.45 -1.30 -5.62
CA SER A 58 7.77 -1.85 -5.97
C SER A 58 8.87 -0.86 -5.61
N SER A 59 8.70 0.39 -6.03
CA SER A 59 9.69 1.43 -5.75
C SER A 59 9.17 2.41 -4.71
N ALA A 60 8.40 1.90 -3.75
CA ALA A 60 7.85 2.71 -2.68
C ALA A 60 8.38 2.27 -1.32
N VAL A 61 8.37 3.20 -0.36
CA VAL A 61 8.86 2.91 0.98
C VAL A 61 7.87 3.41 2.03
N PHE A 62 7.35 2.48 2.84
CA PHE A 62 6.40 2.84 3.89
C PHE A 62 7.13 3.24 5.17
N ASP A 63 6.70 4.35 5.77
CA ASP A 63 7.31 4.84 7.00
C ASP A 63 6.24 5.29 7.99
N CYS A 64 6.64 5.44 9.25
CA CYS A 64 5.72 5.86 10.30
C CYS A 64 5.97 7.32 10.70
N LYS A 65 4.90 8.11 10.72
CA LYS A 65 5.02 9.52 11.08
C LYS A 65 5.45 9.68 12.54
N ALA A 66 5.65 10.92 12.96
CA ALA A 66 6.07 11.21 14.33
C ALA A 66 5.00 10.78 15.33
N ASP A 67 3.75 11.14 15.05
CA ASP A 67 2.64 10.80 15.92
C ASP A 67 2.13 9.39 15.63
N ALA A 68 3.06 8.48 15.32
CA ALA A 68 2.70 7.10 15.01
C ALA A 68 1.83 6.51 16.11
N GLU A 69 2.01 7.00 17.33
CA GLU A 69 1.24 6.51 18.47
C GLU A 69 -0.22 6.35 18.10
N GLU A 70 -0.71 7.22 17.22
CA GLU A 70 -2.10 7.18 16.80
C GLU A 70 -2.30 6.13 15.70
N GLY A 71 -1.30 5.99 14.84
CA GLY A 71 -1.38 5.02 13.76
C GLY A 71 -1.33 5.68 12.39
N ILE A 72 -0.24 6.40 12.13
CA ILE A 72 -0.07 7.08 10.85
C ILE A 72 1.20 6.61 10.14
N PHE A 73 1.18 6.64 8.81
CA PHE A 73 2.33 6.22 8.03
C PHE A 73 2.48 7.09 6.77
N GLU A 74 3.50 6.80 5.98
CA GLU A 74 3.76 7.56 4.76
C GLU A 74 4.46 6.69 3.72
N ILE A 75 3.98 6.76 2.49
CA ILE A 75 4.56 5.98 1.40
C ILE A 75 5.40 6.86 0.47
N LYS A 76 6.71 6.79 0.61
CA LYS A 76 7.62 7.58 -0.21
C LYS A 76 7.83 6.92 -1.56
N THR A 77 7.45 7.62 -2.63
CA THR A 77 7.60 7.11 -3.99
C THR A 77 8.29 8.13 -4.89
N PRO A 78 8.96 7.64 -5.94
CA PRO A 78 9.67 8.48 -6.89
C PRO A 78 8.72 9.29 -7.77
N SER A 79 7.42 9.13 -7.52
CA SER A 79 6.41 9.84 -8.30
C SER A 79 5.74 10.92 -7.45
N ARG A 80 5.25 10.53 -6.28
CA ARG A 80 4.58 11.46 -5.38
C ARG A 80 4.43 10.86 -3.98
N VAL A 81 4.83 11.62 -2.97
CA VAL A 81 4.73 11.16 -1.59
C VAL A 81 3.29 11.18 -1.10
N ILE A 82 2.83 10.03 -0.59
CA ILE A 82 1.46 9.92 -0.10
C ILE A 82 1.45 9.79 1.42
N THR A 83 0.43 10.39 2.04
CA THR A 83 0.30 10.35 3.50
C THR A 83 -1.04 9.75 3.90
N LEU A 84 -1.00 8.55 4.46
CA LEU A 84 -2.22 7.86 4.90
C LEU A 84 -2.11 7.44 6.37
N LYS A 85 -3.25 7.15 6.98
CA LYS A 85 -3.29 6.73 8.38
C LYS A 85 -4.24 5.57 8.57
N ALA A 86 -4.01 4.78 9.62
CA ALA A 86 -4.86 3.64 9.92
C ALA A 86 -5.68 3.88 11.18
N ALA A 87 -6.51 2.91 11.54
CA ALA A 87 -7.35 3.01 12.72
C ALA A 87 -6.51 3.24 13.98
N THR A 88 -5.65 2.27 14.29
CA THR A 88 -4.79 2.37 15.46
C THR A 88 -3.35 2.03 15.11
N LYS A 89 -2.47 2.12 16.10
CA LYS A 89 -1.06 1.83 15.89
C LYS A 89 -0.86 0.41 15.37
N GLN A 90 -1.66 -0.52 15.89
CA GLN A 90 -1.58 -1.92 15.47
C GLN A 90 -2.11 -2.09 14.05
N ALA A 91 -3.03 -1.22 13.65
CA ALA A 91 -3.61 -1.27 12.32
C ALA A 91 -2.55 -1.08 11.25
N MET A 92 -1.94 0.11 11.22
CA MET A 92 -0.91 0.43 10.25
C MET A 92 0.15 -0.67 10.21
N LEU A 93 0.56 -1.12 11.39
CA LEU A 93 1.58 -2.17 11.49
C LEU A 93 1.28 -3.31 10.53
N TYR A 94 0.00 -3.63 10.38
CA TYR A 94 -0.42 -4.70 9.49
C TYR A 94 -0.23 -4.30 8.03
N TRP A 95 -0.50 -3.05 7.73
CA TRP A 95 -0.37 -2.53 6.37
C TRP A 95 1.10 -2.42 5.97
N LEU A 96 1.88 -1.74 6.80
CA LEU A 96 3.30 -1.56 6.53
C LEU A 96 4.00 -2.90 6.37
N GLN A 97 3.64 -3.86 7.23
CA GLN A 97 4.23 -5.19 7.19
C GLN A 97 3.82 -5.93 5.91
N GLN A 98 2.52 -6.15 5.76
CA GLN A 98 2.00 -6.86 4.59
C GLN A 98 2.44 -6.15 3.31
N LEU A 99 2.07 -4.89 3.17
CA LEU A 99 2.42 -4.10 1.98
C LEU A 99 3.78 -4.53 1.44
N GLN A 100 4.71 -4.79 2.35
CA GLN A 100 6.05 -5.21 1.96
C GLN A 100 6.04 -6.59 1.33
N MET A 101 5.39 -7.54 2.00
CA MET A 101 5.30 -8.91 1.49
C MET A 101 5.18 -8.92 -0.03
N LYS A 102 4.23 -8.17 -0.55
CA LYS A 102 4.01 -8.10 -1.99
C LYS A 102 5.28 -7.66 -2.70
N ARG A 103 5.80 -6.50 -2.32
CA ARG A 103 7.02 -5.97 -2.93
C ARG A 103 8.22 -6.88 -2.63
N TRP A 104 8.58 -6.97 -1.37
CA TRP A 104 9.71 -7.80 -0.95
C TRP A 104 9.74 -9.10 -1.74
N GLU A 105 8.56 -9.68 -1.96
CA GLU A 105 8.44 -10.94 -2.69
C GLU A 105 9.14 -10.84 -4.04
N PHE A 106 8.74 -9.87 -4.85
CA PHE A 106 9.33 -9.67 -6.17
C PHE A 106 10.85 -9.59 -6.07
N HIS A 107 11.34 -8.91 -5.05
CA HIS A 107 12.78 -8.76 -4.85
C HIS A 107 13.42 -10.12 -4.55
N ASN A 108 13.02 -10.72 -3.44
CA ASN A 108 13.56 -12.02 -3.03
C ASN A 108 13.49 -13.02 -4.18
N SER A 109 12.35 -13.04 -4.87
CA SER A 109 12.16 -13.95 -6.00
C SER A 109 13.46 -14.16 -6.75
N PRO A 110 13.88 -15.44 -6.86
CA PRO A 110 15.11 -15.80 -7.56
C PRO A 110 15.01 -15.62 -9.06
N PRO A 111 16.13 -15.27 -9.71
CA PRO A 111 16.18 -15.06 -11.15
C PRO A 111 16.02 -16.36 -11.94
N ALA A 112 16.09 -16.25 -13.26
CA ALA A 112 15.95 -17.41 -14.13
C ALA A 112 16.54 -18.66 -13.47
N PRO A 113 15.96 -19.83 -13.77
CA PRO A 113 16.42 -21.11 -13.21
C PRO A 113 17.76 -21.54 -13.78
N SER A 114 18.26 -22.67 -13.31
CA SER A 114 19.55 -23.19 -13.76
C SER A 114 19.59 -24.71 -13.65
N GLY A 115 20.67 -25.30 -14.17
CA GLY A 115 20.81 -26.75 -14.12
C GLY A 115 20.49 -27.31 -12.75
N PRO A 116 19.56 -28.28 -12.71
CA PRO A 116 19.14 -28.92 -11.47
C PRO A 116 20.23 -29.82 -10.88
N SER A 117 21.39 -29.84 -11.55
CA SER A 117 22.50 -30.67 -11.10
C SER A 117 22.55 -30.74 -9.57
N SER A 118 22.84 -31.92 -9.06
CA SER A 118 22.92 -32.13 -7.62
C SER A 118 24.25 -32.78 -7.23
N GLY A 119 25.17 -31.97 -6.71
CA GLY A 119 26.46 -32.48 -6.30
C GLY A 119 27.42 -31.36 -5.91
N GLY A 1 7.56 -26.50 -11.83
CA GLY A 1 8.33 -25.49 -11.12
C GLY A 1 7.86 -25.33 -9.68
N SER A 2 8.65 -24.62 -8.88
CA SER A 2 8.32 -24.39 -7.49
C SER A 2 6.88 -23.89 -7.34
N SER A 3 6.31 -24.05 -6.15
CA SER A 3 4.94 -23.63 -5.89
C SER A 3 4.81 -23.09 -4.47
N GLY A 4 4.58 -21.79 -4.35
CA GLY A 4 4.43 -21.17 -3.05
C GLY A 4 3.03 -21.29 -2.50
N SER A 5 2.65 -20.37 -1.61
CA SER A 5 1.32 -20.40 -1.01
C SER A 5 0.52 -19.18 -1.45
N SER A 6 -0.81 -19.32 -1.41
CA SER A 6 -1.70 -18.24 -1.82
C SER A 6 -1.81 -17.20 -0.72
N GLY A 7 -1.72 -15.93 -1.11
CA GLY A 7 -1.81 -14.84 -0.14
C GLY A 7 -3.19 -14.22 -0.10
N LYS A 8 -3.66 -13.90 1.10
CA LYS A 8 -4.97 -13.29 1.28
C LYS A 8 -4.98 -11.84 0.77
N LYS A 9 -5.96 -11.51 -0.05
CA LYS A 9 -6.09 -10.17 -0.60
C LYS A 9 -5.90 -9.12 0.49
N LEU A 10 -5.10 -8.10 0.18
CA LEU A 10 -4.83 -7.03 1.13
C LEU A 10 -5.62 -5.78 0.77
N CYS A 11 -6.62 -5.46 1.59
CA CYS A 11 -7.46 -4.28 1.36
C CYS A 11 -7.83 -3.62 2.68
N GLY A 12 -8.34 -2.39 2.60
CA GLY A 12 -8.73 -1.67 3.80
C GLY A 12 -8.93 -0.19 3.54
N TYR A 13 -9.79 0.44 4.33
CA TYR A 13 -10.06 1.86 4.18
C TYR A 13 -9.01 2.69 4.89
N LEU A 14 -8.60 3.78 4.25
CA LEU A 14 -7.59 4.67 4.82
C LEU A 14 -8.01 6.14 4.68
N SER A 15 -7.27 7.03 5.34
CA SER A 15 -7.57 8.45 5.28
C SER A 15 -6.42 9.22 4.65
N LYS A 16 -6.60 9.63 3.39
CA LYS A 16 -5.58 10.38 2.67
C LYS A 16 -5.58 11.85 3.09
N PHE A 17 -4.39 12.40 3.32
CA PHE A 17 -4.26 13.79 3.73
C PHE A 17 -3.92 14.67 2.53
N GLY A 18 -4.23 15.97 2.64
CA GLY A 18 -3.96 16.89 1.57
C GLY A 18 -4.87 16.67 0.37
N GLY A 19 -4.27 16.40 -0.78
CA GLY A 19 -5.04 16.18 -1.99
C GLY A 19 -5.36 17.47 -2.73
N LYS A 20 -6.45 17.47 -3.47
CA LYS A 20 -6.87 18.65 -4.23
C LYS A 20 -7.43 19.71 -3.30
N GLY A 21 -6.61 20.74 -3.03
CA GLY A 21 -7.04 21.82 -2.17
C GLY A 21 -5.88 22.63 -1.63
N PRO A 22 -6.10 23.94 -1.46
CA PRO A 22 -5.07 24.86 -0.96
C PRO A 22 -4.76 24.62 0.52
N ILE A 23 -5.51 23.71 1.14
CA ILE A 23 -5.31 23.40 2.55
C ILE A 23 -5.08 21.90 2.74
N ARG A 24 -4.68 21.52 3.95
CA ARG A 24 -4.43 20.12 4.28
C ARG A 24 -5.54 19.55 5.15
N GLY A 25 -6.12 18.43 4.71
CA GLY A 25 -7.18 17.80 5.45
C GLY A 25 -7.33 16.33 5.14
N TRP A 26 -7.73 15.55 6.13
CA TRP A 26 -7.90 14.11 5.96
C TRP A 26 -9.18 13.80 5.18
N LYS A 27 -9.15 12.72 4.41
CA LYS A 27 -10.32 12.31 3.62
C LYS A 27 -10.50 10.81 3.66
N SER A 28 -11.70 10.37 4.02
CA SER A 28 -12.01 8.94 4.10
C SER A 28 -12.13 8.34 2.70
N ARG A 29 -11.13 7.56 2.30
CA ARG A 29 -11.12 6.92 1.00
C ARG A 29 -10.95 5.41 1.12
N TRP A 30 -11.12 4.71 0.01
CA TRP A 30 -10.99 3.26 0.01
C TRP A 30 -9.71 2.83 -0.71
N PHE A 31 -8.88 2.04 -0.02
CA PHE A 31 -7.63 1.57 -0.59
C PHE A 31 -7.62 0.05 -0.71
N PHE A 32 -7.13 -0.45 -1.84
CA PHE A 32 -7.08 -1.89 -2.08
C PHE A 32 -5.86 -2.24 -2.94
N TYR A 33 -5.23 -3.36 -2.60
CA TYR A 33 -4.05 -3.82 -3.33
C TYR A 33 -4.44 -4.61 -4.56
N ASP A 34 -3.70 -4.42 -5.65
CA ASP A 34 -3.97 -5.12 -6.90
C ASP A 34 -2.86 -6.10 -7.22
N GLU A 35 -3.05 -7.36 -6.85
CA GLU A 35 -2.06 -8.40 -7.09
C GLU A 35 -1.96 -8.71 -8.59
N ARG A 36 -2.79 -8.04 -9.38
CA ARG A 36 -2.80 -8.24 -10.82
C ARG A 36 -1.70 -7.42 -11.49
N LYS A 37 -1.53 -6.19 -11.04
CA LYS A 37 -0.51 -5.29 -11.59
C LYS A 37 0.50 -4.90 -10.52
N CYS A 38 0.50 -5.63 -9.40
CA CYS A 38 1.41 -5.34 -8.31
C CYS A 38 1.41 -3.86 -7.96
N GLN A 39 0.22 -3.27 -7.91
CA GLN A 39 0.09 -1.85 -7.60
C GLN A 39 -1.03 -1.63 -6.57
N LEU A 40 -0.95 -0.52 -5.87
CA LEU A 40 -1.95 -0.18 -4.85
C LEU A 40 -2.93 0.86 -5.38
N TYR A 41 -4.17 0.42 -5.63
CA TYR A 41 -5.20 1.31 -6.14
C TYR A 41 -6.18 1.70 -5.03
N TYR A 42 -6.71 2.91 -5.13
CA TYR A 42 -7.65 3.41 -4.14
C TYR A 42 -8.69 4.32 -4.77
N SER A 43 -9.93 4.23 -4.29
CA SER A 43 -11.02 5.05 -4.82
C SER A 43 -11.89 5.60 -3.69
N ARG A 44 -12.61 6.68 -3.98
CA ARG A 44 -13.47 7.30 -2.99
C ARG A 44 -14.22 6.24 -2.18
N THR A 45 -14.60 5.15 -2.85
CA THR A 45 -15.32 4.07 -2.19
C THR A 45 -15.17 2.76 -2.96
N ALA A 46 -15.55 1.66 -2.32
CA ALA A 46 -15.46 0.35 -2.95
C ALA A 46 -16.43 0.22 -4.11
N GLN A 47 -17.58 0.88 -3.99
CA GLN A 47 -18.60 0.84 -5.03
C GLN A 47 -18.01 1.26 -6.37
N ASP A 48 -17.15 2.27 -6.35
CA ASP A 48 -16.52 2.77 -7.57
C ASP A 48 -15.40 1.84 -8.02
N ALA A 49 -15.78 0.69 -8.56
CA ALA A 49 -14.81 -0.28 -9.04
C ALA A 49 -13.61 0.41 -9.69
N ASN A 50 -13.88 1.49 -10.40
CA ASN A 50 -12.82 2.24 -11.07
C ASN A 50 -11.94 2.96 -10.06
N PRO A 51 -10.68 2.51 -9.95
CA PRO A 51 -9.70 3.09 -9.03
C PRO A 51 -9.26 4.48 -9.44
N LEU A 52 -9.50 5.46 -8.57
CA LEU A 52 -9.14 6.85 -8.85
C LEU A 52 -7.68 6.95 -9.29
N ASP A 53 -6.78 6.45 -8.46
CA ASP A 53 -5.35 6.47 -8.76
C ASP A 53 -4.65 5.25 -8.19
N SER A 54 -3.41 5.04 -8.61
CA SER A 54 -2.63 3.90 -8.14
C SER A 54 -1.23 4.34 -7.69
N ILE A 55 -0.61 3.54 -6.84
CA ILE A 55 0.73 3.84 -6.34
C ILE A 55 1.65 2.62 -6.44
N ASP A 56 2.71 2.76 -7.23
CA ASP A 56 3.66 1.67 -7.41
C ASP A 56 4.36 1.33 -6.10
N LEU A 57 4.01 0.20 -5.52
CA LEU A 57 4.60 -0.24 -4.26
C LEU A 57 6.01 -0.78 -4.47
N SER A 58 6.23 -1.39 -5.63
CA SER A 58 7.53 -1.95 -5.97
C SER A 58 8.66 -1.06 -5.46
N SER A 59 8.56 0.23 -5.77
CA SER A 59 9.58 1.20 -5.34
C SER A 59 8.99 2.19 -4.35
N ALA A 60 8.20 1.69 -3.41
CA ALA A 60 7.59 2.53 -2.39
C ALA A 60 8.02 2.13 -0.99
N VAL A 61 8.55 3.08 -0.23
CA VAL A 61 8.99 2.82 1.13
C VAL A 61 7.98 3.32 2.15
N PHE A 62 7.46 2.40 2.95
CA PHE A 62 6.47 2.74 3.98
C PHE A 62 7.16 3.11 5.28
N ASP A 63 6.84 4.30 5.80
CA ASP A 63 7.43 4.77 7.04
C ASP A 63 6.34 5.17 8.04
N CYS A 64 6.75 5.49 9.26
CA CYS A 64 5.82 5.88 10.30
C CYS A 64 6.10 7.31 10.79
N LYS A 65 5.05 8.11 10.90
CA LYS A 65 5.19 9.49 11.35
C LYS A 65 5.56 9.55 12.83
N ALA A 66 5.79 10.76 13.32
CA ALA A 66 6.15 10.95 14.72
C ALA A 66 5.00 10.55 15.64
N ASP A 67 3.79 10.97 15.29
CA ASP A 67 2.61 10.66 16.08
C ASP A 67 2.06 9.28 15.73
N ALA A 68 2.97 8.35 15.42
CA ALA A 68 2.58 7.00 15.06
C ALA A 68 1.69 6.39 16.15
N GLU A 69 1.95 6.75 17.39
CA GLU A 69 1.18 6.23 18.52
C GLU A 69 -0.30 6.11 18.14
N GLU A 70 -0.78 7.03 17.32
CA GLU A 70 -2.17 7.03 16.89
C GLU A 70 -2.39 6.03 15.75
N GLY A 71 -1.45 6.02 14.81
CA GLY A 71 -1.55 5.11 13.68
C GLY A 71 -1.44 5.82 12.35
N ILE A 72 -0.31 6.49 12.12
CA ILE A 72 -0.08 7.21 10.89
C ILE A 72 1.22 6.77 10.22
N PHE A 73 1.21 6.73 8.89
CA PHE A 73 2.39 6.32 8.13
C PHE A 73 2.57 7.20 6.90
N GLU A 74 3.62 6.92 6.13
CA GLU A 74 3.91 7.69 4.93
C GLU A 74 4.58 6.82 3.88
N ILE A 75 4.12 6.93 2.64
CA ILE A 75 4.68 6.15 1.54
C ILE A 75 5.56 7.01 0.65
N LYS A 76 6.86 6.89 0.83
CA LYS A 76 7.82 7.66 0.04
C LYS A 76 8.06 7.01 -1.32
N THR A 77 7.66 7.68 -2.39
CA THR A 77 7.83 7.17 -3.73
C THR A 77 8.55 8.17 -4.62
N PRO A 78 9.26 7.65 -5.64
CA PRO A 78 10.02 8.49 -6.57
C PRO A 78 9.11 9.29 -7.50
N SER A 79 7.80 9.15 -7.30
CA SER A 79 6.83 9.85 -8.13
C SER A 79 6.08 10.89 -7.30
N ARG A 80 5.60 10.48 -6.14
CA ARG A 80 4.86 11.37 -5.25
C ARG A 80 4.72 10.77 -3.85
N VAL A 81 5.12 11.53 -2.85
CA VAL A 81 5.05 11.07 -1.46
C VAL A 81 3.61 11.09 -0.96
N ILE A 82 3.10 9.93 -0.59
CA ILE A 82 1.73 9.82 -0.07
C ILE A 82 1.72 9.74 1.44
N THR A 83 0.66 10.29 2.05
CA THR A 83 0.53 10.28 3.50
C THR A 83 -0.83 9.71 3.92
N LEU A 84 -0.84 8.44 4.31
CA LEU A 84 -2.08 7.80 4.74
C LEU A 84 -1.99 7.37 6.20
N LYS A 85 -3.14 7.25 6.85
CA LYS A 85 -3.20 6.84 8.25
C LYS A 85 -4.16 5.68 8.44
N ALA A 86 -3.93 4.89 9.48
CA ALA A 86 -4.78 3.74 9.78
C ALA A 86 -5.56 3.96 11.08
N ALA A 87 -6.41 3.00 11.41
CA ALA A 87 -7.21 3.08 12.62
C ALA A 87 -6.35 3.35 13.84
N THR A 88 -5.60 2.34 14.28
CA THR A 88 -4.73 2.47 15.44
C THR A 88 -3.30 2.09 15.09
N LYS A 89 -2.39 2.27 16.05
CA LYS A 89 -0.98 1.93 15.85
C LYS A 89 -0.83 0.52 15.30
N GLN A 90 -1.70 -0.37 15.74
CA GLN A 90 -1.67 -1.76 15.30
C GLN A 90 -2.16 -1.89 13.86
N ALA A 91 -3.16 -1.08 13.51
CA ALA A 91 -3.71 -1.09 12.17
C ALA A 91 -2.63 -0.89 11.11
N MET A 92 -1.97 0.26 11.15
CA MET A 92 -0.91 0.57 10.20
C MET A 92 0.15 -0.52 10.20
N LEU A 93 0.56 -0.97 11.39
CA LEU A 93 1.56 -2.01 11.52
C LEU A 93 1.26 -3.17 10.58
N TYR A 94 -0.02 -3.48 10.41
CA TYR A 94 -0.44 -4.58 9.55
C TYR A 94 -0.23 -4.21 8.09
N TRP A 95 -0.52 -2.96 7.74
CA TRP A 95 -0.36 -2.50 6.37
C TRP A 95 1.12 -2.39 5.99
N LEU A 96 1.89 -1.68 6.80
CA LEU A 96 3.31 -1.51 6.55
C LEU A 96 3.99 -2.86 6.36
N GLN A 97 3.68 -3.81 7.24
CA GLN A 97 4.27 -5.14 7.17
C GLN A 97 3.85 -5.85 5.89
N GLN A 98 2.56 -6.12 5.75
CA GLN A 98 2.04 -6.80 4.58
C GLN A 98 2.47 -6.08 3.31
N LEU A 99 2.10 -4.81 3.19
CA LEU A 99 2.47 -4.02 2.02
C LEU A 99 3.83 -4.44 1.47
N GLN A 100 4.76 -4.71 2.37
CA GLN A 100 6.10 -5.13 1.98
C GLN A 100 6.09 -6.52 1.38
N MET A 101 5.46 -7.46 2.07
CA MET A 101 5.37 -8.84 1.60
C MET A 101 5.24 -8.89 0.09
N LYS A 102 4.26 -8.16 -0.44
CA LYS A 102 4.02 -8.12 -1.87
C LYS A 102 5.28 -7.69 -2.63
N ARG A 103 5.80 -6.51 -2.27
CA ARG A 103 7.01 -6.00 -2.92
C ARG A 103 8.21 -6.90 -2.64
N TRP A 104 8.59 -6.99 -1.37
CA TRP A 104 9.72 -7.81 -0.97
C TRP A 104 9.72 -9.13 -1.74
N GLU A 105 8.55 -9.74 -1.86
CA GLU A 105 8.42 -11.00 -2.57
C GLU A 105 9.05 -10.93 -3.95
N PHE A 106 8.71 -9.88 -4.70
CA PHE A 106 9.24 -9.69 -6.05
C PHE A 106 10.77 -9.69 -6.03
N HIS A 107 11.34 -8.90 -5.13
CA HIS A 107 12.80 -8.81 -5.01
C HIS A 107 13.42 -10.20 -4.86
N ASN A 108 12.76 -11.05 -4.09
CA ASN A 108 13.25 -12.41 -3.87
C ASN A 108 13.01 -13.28 -5.10
N SER A 109 11.82 -13.17 -5.67
CA SER A 109 11.47 -13.95 -6.86
C SER A 109 12.69 -14.19 -7.73
N PRO A 110 13.32 -15.36 -7.56
CA PRO A 110 14.51 -15.74 -8.33
C PRO A 110 14.19 -16.01 -9.80
N PRO A 111 15.24 -16.16 -10.61
CA PRO A 111 15.10 -16.43 -12.05
C PRO A 111 14.56 -17.83 -12.33
N ALA A 112 14.31 -18.12 -13.59
CA ALA A 112 13.80 -19.43 -13.99
C ALA A 112 14.90 -20.49 -13.94
N PRO A 113 14.52 -21.71 -13.55
CA PRO A 113 15.46 -22.83 -13.46
C PRO A 113 15.94 -23.31 -14.82
N SER A 114 15.49 -22.62 -15.87
CA SER A 114 15.87 -22.98 -17.23
C SER A 114 17.30 -23.50 -17.28
N GLY A 115 17.44 -24.82 -17.46
CA GLY A 115 18.77 -25.41 -17.52
C GLY A 115 18.73 -26.85 -17.99
N PRO A 116 19.45 -27.14 -19.08
CA PRO A 116 19.50 -28.49 -19.66
C PRO A 116 20.27 -29.46 -18.76
N SER A 117 19.87 -30.73 -18.80
CA SER A 117 20.51 -31.76 -17.98
C SER A 117 21.94 -31.99 -18.45
N SER A 118 22.69 -32.77 -17.67
CA SER A 118 24.09 -33.06 -18.00
C SER A 118 24.18 -33.97 -19.22
N GLY A 119 24.65 -33.42 -20.33
CA GLY A 119 24.78 -34.20 -21.55
C GLY A 119 25.74 -35.36 -21.40
N GLY A 1 13.54 -27.65 0.20
CA GLY A 1 12.69 -27.17 1.27
C GLY A 1 11.30 -26.79 0.78
N SER A 2 10.45 -26.34 1.70
CA SER A 2 9.09 -25.95 1.35
C SER A 2 9.08 -24.76 0.41
N SER A 3 8.16 -24.76 -0.54
CA SER A 3 8.04 -23.69 -1.51
C SER A 3 6.58 -23.39 -1.83
N GLY A 4 6.27 -22.11 -2.05
CA GLY A 4 4.91 -21.72 -2.36
C GLY A 4 4.12 -21.36 -1.12
N SER A 5 3.28 -20.32 -1.24
CA SER A 5 2.47 -19.87 -0.12
C SER A 5 1.50 -18.77 -0.56
N SER A 6 0.21 -18.99 -0.30
CA SER A 6 -0.81 -18.03 -0.67
C SER A 6 -1.49 -17.44 0.56
N GLY A 7 -2.43 -16.53 0.34
CA GLY A 7 -3.13 -15.91 1.44
C GLY A 7 -4.46 -15.32 1.03
N LYS A 8 -4.64 -14.02 1.25
CA LYS A 8 -5.87 -13.34 0.89
C LYS A 8 -5.59 -12.00 0.23
N LYS A 9 -6.64 -11.25 -0.07
CA LYS A 9 -6.50 -9.95 -0.69
C LYS A 9 -6.25 -8.86 0.35
N LEU A 10 -5.22 -8.06 0.13
CA LEU A 10 -4.87 -6.99 1.05
C LEU A 10 -5.62 -5.71 0.70
N CYS A 11 -6.66 -5.41 1.47
CA CYS A 11 -7.46 -4.21 1.25
C CYS A 11 -7.90 -3.59 2.57
N GLY A 12 -8.30 -2.32 2.52
CA GLY A 12 -8.74 -1.63 3.72
C GLY A 12 -8.87 -0.14 3.51
N TYR A 13 -9.78 0.49 4.26
CA TYR A 13 -10.01 1.92 4.14
C TYR A 13 -8.92 2.70 4.88
N LEU A 14 -8.63 3.90 4.40
CA LEU A 14 -7.62 4.75 5.01
C LEU A 14 -7.98 6.22 4.87
N SER A 15 -7.22 7.09 5.54
CA SER A 15 -7.46 8.53 5.49
C SER A 15 -6.34 9.24 4.75
N LYS A 16 -6.65 9.79 3.58
CA LYS A 16 -5.67 10.50 2.77
C LYS A 16 -5.54 11.95 3.23
N PHE A 17 -4.33 12.34 3.61
CA PHE A 17 -4.08 13.70 4.07
C PHE A 17 -3.46 14.54 2.95
N GLY A 18 -4.19 15.56 2.52
CA GLY A 18 -3.71 16.43 1.46
C GLY A 18 -4.74 16.67 0.38
N GLY A 19 -4.68 17.83 -0.25
CA GLY A 19 -5.63 18.16 -1.30
C GLY A 19 -6.91 18.77 -0.75
N LYS A 20 -6.78 19.57 0.30
CA LYS A 20 -7.94 20.21 0.92
C LYS A 20 -8.02 21.68 0.54
N GLY A 21 -7.45 22.02 -0.63
CA GLY A 21 -7.48 23.40 -1.09
C GLY A 21 -6.30 24.20 -0.57
N PRO A 22 -6.59 25.29 0.15
CA PRO A 22 -5.55 26.16 0.72
C PRO A 22 -4.78 25.48 1.85
N ILE A 23 -5.42 24.54 2.52
CA ILE A 23 -4.79 23.82 3.62
C ILE A 23 -4.83 22.32 3.39
N ARG A 24 -4.15 21.57 4.25
CA ARG A 24 -4.10 20.11 4.14
C ARG A 24 -4.97 19.47 5.21
N GLY A 25 -5.68 18.42 4.83
CA GLY A 25 -6.54 17.72 5.77
C GLY A 25 -6.77 16.28 5.39
N TRP A 26 -7.37 15.51 6.29
CA TRP A 26 -7.65 14.10 6.04
C TRP A 26 -8.91 13.93 5.20
N LYS A 27 -8.97 12.84 4.43
CA LYS A 27 -10.13 12.57 3.58
C LYS A 27 -10.40 11.07 3.51
N SER A 28 -11.66 10.69 3.69
CA SER A 28 -12.04 9.29 3.64
C SER A 28 -11.86 8.72 2.24
N ARG A 29 -11.01 7.69 2.13
CA ARG A 29 -10.75 7.06 0.84
C ARG A 29 -10.56 5.55 1.01
N TRP A 30 -10.84 4.80 -0.05
CA TRP A 30 -10.71 3.36 -0.01
C TRP A 30 -9.43 2.92 -0.74
N PHE A 31 -8.63 2.10 -0.07
CA PHE A 31 -7.38 1.60 -0.63
C PHE A 31 -7.41 0.08 -0.77
N PHE A 32 -7.01 -0.40 -1.94
CA PHE A 32 -6.99 -1.84 -2.21
C PHE A 32 -5.80 -2.21 -3.09
N TYR A 33 -5.04 -3.19 -2.65
CA TYR A 33 -3.87 -3.65 -3.40
C TYR A 33 -4.28 -4.50 -4.60
N ASP A 34 -3.50 -4.42 -5.66
CA ASP A 34 -3.78 -5.18 -6.88
C ASP A 34 -2.64 -6.14 -7.20
N GLU A 35 -2.88 -7.43 -7.01
CA GLU A 35 -1.88 -8.45 -7.27
C GLU A 35 -1.69 -8.65 -8.78
N ARG A 36 -2.54 -8.00 -9.56
CA ARG A 36 -2.47 -8.11 -11.02
C ARG A 36 -1.29 -7.31 -11.57
N LYS A 37 -1.15 -6.07 -11.09
CA LYS A 37 -0.07 -5.20 -11.53
C LYS A 37 0.83 -4.83 -10.35
N CYS A 38 0.77 -5.61 -9.28
CA CYS A 38 1.57 -5.36 -8.09
C CYS A 38 1.52 -3.88 -7.70
N GLN A 39 0.36 -3.27 -7.89
CA GLN A 39 0.18 -1.86 -7.56
C GLN A 39 -0.97 -1.66 -6.58
N LEU A 40 -0.93 -0.58 -5.82
CA LEU A 40 -1.97 -0.29 -4.85
C LEU A 40 -2.94 0.77 -5.38
N TYR A 41 -4.14 0.33 -5.73
CA TYR A 41 -5.16 1.23 -6.26
C TYR A 41 -6.15 1.63 -5.16
N TYR A 42 -6.53 2.91 -5.16
CA TYR A 42 -7.47 3.42 -4.17
C TYR A 42 -8.57 4.24 -4.84
N SER A 43 -9.80 4.02 -4.39
CA SER A 43 -10.95 4.73 -4.94
C SER A 43 -11.81 5.33 -3.83
N ARG A 44 -12.88 6.00 -4.22
CA ARG A 44 -13.79 6.63 -3.26
C ARG A 44 -14.51 5.58 -2.43
N THR A 45 -14.71 4.40 -3.02
CA THR A 45 -15.39 3.31 -2.34
C THR A 45 -14.73 1.98 -2.65
N ALA A 46 -15.32 0.90 -2.15
CA ALA A 46 -14.80 -0.45 -2.38
C ALA A 46 -15.44 -1.08 -3.61
N GLN A 47 -16.38 -0.38 -4.21
CA GLN A 47 -17.07 -0.87 -5.40
C GLN A 47 -16.89 0.08 -6.58
N ASP A 48 -15.78 0.80 -6.58
CA ASP A 48 -15.48 1.75 -7.64
C ASP A 48 -14.99 1.03 -8.90
N ALA A 49 -15.91 0.73 -9.81
CA ALA A 49 -15.58 0.04 -11.05
C ALA A 49 -14.20 0.46 -11.54
N ASN A 50 -13.89 1.75 -11.44
CA ASN A 50 -12.61 2.27 -11.88
C ASN A 50 -11.89 2.97 -10.74
N PRO A 51 -10.65 2.54 -10.46
CA PRO A 51 -9.82 3.11 -9.39
C PRO A 51 -9.36 4.53 -9.71
N LEU A 52 -9.37 5.39 -8.71
CA LEU A 52 -8.95 6.78 -8.89
C LEU A 52 -7.48 6.84 -9.32
N ASP A 53 -6.60 6.29 -8.49
CA ASP A 53 -5.18 6.29 -8.80
C ASP A 53 -4.49 5.08 -8.17
N SER A 54 -3.23 4.86 -8.55
CA SER A 54 -2.47 3.73 -8.03
C SER A 54 -1.11 4.19 -7.51
N ILE A 55 -0.47 3.34 -6.71
CA ILE A 55 0.84 3.66 -6.15
C ILE A 55 1.81 2.50 -6.32
N ASP A 56 2.83 2.70 -7.13
CA ASP A 56 3.84 1.66 -7.37
C ASP A 56 4.61 1.34 -6.09
N LEU A 57 4.22 0.24 -5.45
CA LEU A 57 4.86 -0.18 -4.22
C LEU A 57 6.27 -0.71 -4.48
N SER A 58 6.51 -1.14 -5.71
CA SER A 58 7.81 -1.67 -6.11
C SER A 58 8.93 -0.71 -5.71
N SER A 59 8.62 0.59 -5.75
CA SER A 59 9.60 1.61 -5.39
C SER A 59 9.03 2.58 -4.36
N ALA A 60 8.14 2.06 -3.51
CA ALA A 60 7.52 2.87 -2.47
C ALA A 60 7.95 2.41 -1.08
N VAL A 61 8.57 3.31 -0.32
CA VAL A 61 9.02 2.99 1.02
C VAL A 61 8.00 3.42 2.07
N PHE A 62 7.55 2.47 2.88
CA PHE A 62 6.56 2.74 3.92
C PHE A 62 7.25 3.24 5.19
N ASP A 63 6.92 4.46 5.60
CA ASP A 63 7.50 5.05 6.80
C ASP A 63 6.42 5.36 7.83
N CYS A 64 6.82 5.49 9.09
CA CYS A 64 5.88 5.78 10.16
C CYS A 64 6.16 7.17 10.75
N LYS A 65 5.20 8.08 10.59
CA LYS A 65 5.34 9.43 11.10
C LYS A 65 5.81 9.42 12.55
N ALA A 66 6.09 10.60 13.08
CA ALA A 66 6.55 10.73 14.47
C ALA A 66 5.41 10.46 15.45
N ASP A 67 4.22 10.93 15.12
CA ASP A 67 3.05 10.74 15.97
C ASP A 67 2.39 9.39 15.69
N ALA A 68 3.21 8.38 15.40
CA ALA A 68 2.71 7.05 15.11
C ALA A 68 1.89 6.50 16.28
N GLU A 69 2.11 7.08 17.46
CA GLU A 69 1.40 6.65 18.66
C GLU A 69 -0.09 6.45 18.36
N GLU A 70 -0.60 7.20 17.40
CA GLU A 70 -2.01 7.11 17.03
C GLU A 70 -2.20 6.08 15.92
N GLY A 71 -1.21 5.96 15.05
CA GLY A 71 -1.29 5.00 13.95
C GLY A 71 -1.27 5.69 12.60
N ILE A 72 -0.24 6.47 12.34
CA ILE A 72 -0.11 7.18 11.08
C ILE A 72 1.18 6.79 10.35
N PHE A 73 1.10 6.66 9.03
CA PHE A 73 2.26 6.29 8.23
C PHE A 73 2.33 7.14 6.96
N GLU A 74 3.34 6.89 6.15
CA GLU A 74 3.54 7.64 4.91
C GLU A 74 4.32 6.81 3.90
N ILE A 75 3.79 6.72 2.68
CA ILE A 75 4.45 5.96 1.61
C ILE A 75 5.23 6.88 0.69
N LYS A 76 6.55 6.84 0.80
CA LYS A 76 7.42 7.66 -0.02
C LYS A 76 7.71 6.98 -1.36
N THR A 77 7.39 7.66 -2.46
CA THR A 77 7.62 7.13 -3.79
C THR A 77 8.34 8.13 -4.67
N PRO A 78 9.07 7.61 -5.68
CA PRO A 78 9.82 8.45 -6.62
C PRO A 78 8.91 9.25 -7.54
N SER A 79 7.61 9.20 -7.28
CA SER A 79 6.63 9.91 -8.09
C SER A 79 5.88 10.95 -7.25
N ARG A 80 5.38 10.51 -6.09
CA ARG A 80 4.64 11.39 -5.20
C ARG A 80 4.47 10.75 -3.82
N VAL A 81 4.85 11.49 -2.78
CA VAL A 81 4.74 11.00 -1.42
C VAL A 81 3.30 11.07 -0.93
N ILE A 82 2.77 9.93 -0.51
CA ILE A 82 1.40 9.85 -0.02
C ILE A 82 1.37 9.75 1.50
N THR A 83 0.28 10.20 2.10
CA THR A 83 0.11 10.15 3.55
C THR A 83 -1.18 9.45 3.94
N LEU A 84 -1.06 8.23 4.43
CA LEU A 84 -2.22 7.45 4.85
C LEU A 84 -2.07 6.97 6.28
N LYS A 85 -3.16 7.02 7.04
CA LYS A 85 -3.15 6.59 8.43
C LYS A 85 -4.04 5.37 8.63
N ALA A 86 -3.87 4.69 9.76
CA ALA A 86 -4.66 3.51 10.07
C ALA A 86 -5.43 3.69 11.38
N ALA A 87 -6.41 2.81 11.61
CA ALA A 87 -7.22 2.88 12.82
C ALA A 87 -6.36 3.21 14.03
N THR A 88 -5.54 2.25 14.46
CA THR A 88 -4.67 2.43 15.61
C THR A 88 -3.22 2.14 15.26
N LYS A 89 -2.34 2.24 16.25
CA LYS A 89 -0.92 1.99 16.05
C LYS A 89 -0.70 0.58 15.50
N GLN A 90 -1.53 -0.36 15.95
CA GLN A 90 -1.42 -1.75 15.51
C GLN A 90 -1.94 -1.91 14.09
N ALA A 91 -2.90 -1.06 13.72
CA ALA A 91 -3.49 -1.11 12.38
C ALA A 91 -2.43 -0.90 11.30
N MET A 92 -1.80 0.27 11.33
CA MET A 92 -0.76 0.59 10.35
C MET A 92 0.27 -0.52 10.28
N LEU A 93 0.71 -1.00 11.44
CA LEU A 93 1.71 -2.06 11.51
C LEU A 93 1.36 -3.19 10.54
N TYR A 94 0.07 -3.49 10.42
CA TYR A 94 -0.39 -4.55 9.54
C TYR A 94 -0.20 -4.15 8.08
N TRP A 95 -0.49 -2.90 7.76
CA TRP A 95 -0.36 -2.40 6.40
C TRP A 95 1.11 -2.30 6.00
N LEU A 96 1.89 -1.60 6.81
CA LEU A 96 3.32 -1.44 6.54
C LEU A 96 4.01 -2.80 6.37
N GLN A 97 3.63 -3.76 7.22
CA GLN A 97 4.20 -5.09 7.16
C GLN A 97 3.78 -5.80 5.88
N GLN A 98 2.48 -6.04 5.75
CA GLN A 98 1.95 -6.73 4.56
C GLN A 98 2.39 -6.02 3.28
N LEU A 99 2.04 -4.75 3.16
CA LEU A 99 2.40 -3.97 1.99
C LEU A 99 3.75 -4.40 1.43
N GLN A 100 4.69 -4.69 2.33
CA GLN A 100 6.03 -5.13 1.93
C GLN A 100 5.97 -6.51 1.30
N MET A 101 5.34 -7.45 2.00
CA MET A 101 5.22 -8.82 1.51
C MET A 101 5.09 -8.85 -0.01
N LYS A 102 4.12 -8.09 -0.52
CA LYS A 102 3.88 -8.03 -1.96
C LYS A 102 5.15 -7.62 -2.70
N ARG A 103 5.68 -6.45 -2.37
CA ARG A 103 6.89 -5.94 -3.00
C ARG A 103 8.07 -6.86 -2.72
N TRP A 104 8.46 -6.95 -1.44
CA TRP A 104 9.58 -7.79 -1.05
C TRP A 104 9.56 -9.11 -1.80
N GLU A 105 8.37 -9.70 -1.93
CA GLU A 105 8.22 -10.98 -2.62
C GLU A 105 8.88 -10.92 -4.00
N PHE A 106 8.55 -9.88 -4.76
CA PHE A 106 9.12 -9.71 -6.10
C PHE A 106 10.65 -9.72 -6.06
N HIS A 107 11.21 -8.97 -5.13
CA HIS A 107 12.67 -8.89 -4.98
C HIS A 107 13.26 -10.27 -4.71
N ASN A 108 12.57 -11.04 -3.86
CA ASN A 108 13.03 -12.39 -3.51
C ASN A 108 12.93 -13.32 -4.72
N SER A 109 11.78 -13.30 -5.37
CA SER A 109 11.55 -14.16 -6.54
C SER A 109 12.79 -14.21 -7.42
N PRO A 110 12.87 -15.25 -8.27
CA PRO A 110 14.00 -15.44 -9.19
C PRO A 110 14.03 -14.39 -10.30
N PRO A 111 15.25 -14.05 -10.76
CA PRO A 111 15.44 -13.06 -11.81
C PRO A 111 14.96 -13.57 -13.17
N ALA A 112 14.68 -12.64 -14.08
CA ALA A 112 14.21 -12.99 -15.42
C ALA A 112 15.30 -12.72 -16.46
N PRO A 113 15.08 -13.23 -17.69
CA PRO A 113 16.02 -13.06 -18.79
C PRO A 113 16.07 -11.62 -19.29
N SER A 114 15.20 -10.78 -18.75
CA SER A 114 15.14 -9.37 -19.15
C SER A 114 15.24 -8.46 -17.93
N GLY A 115 15.30 -7.15 -18.18
CA GLY A 115 15.41 -6.20 -17.09
C GLY A 115 16.39 -5.09 -17.40
N PRO A 116 16.59 -4.19 -16.42
CA PRO A 116 17.51 -3.06 -16.56
C PRO A 116 18.97 -3.50 -16.61
N SER A 117 19.21 -4.76 -16.29
CA SER A 117 20.57 -5.29 -16.29
C SER A 117 21.00 -5.68 -17.71
N SER A 118 22.30 -5.56 -17.98
CA SER A 118 22.83 -5.89 -19.29
C SER A 118 24.05 -6.78 -19.18
N GLY A 119 23.88 -8.06 -19.51
CA GLY A 119 24.98 -9.01 -19.43
C GLY A 119 24.94 -10.03 -20.54
N GLY A 1 4.70 -28.67 -7.49
CA GLY A 1 3.48 -28.86 -6.72
C GLY A 1 2.70 -27.57 -6.54
N SER A 2 3.22 -26.67 -5.70
CA SER A 2 2.57 -25.40 -5.45
C SER A 2 3.53 -24.24 -5.69
N SER A 3 3.34 -23.56 -6.81
CA SER A 3 4.20 -22.43 -7.16
C SER A 3 3.36 -21.19 -7.47
N GLY A 4 3.04 -20.42 -6.43
CA GLY A 4 2.25 -19.22 -6.60
C GLY A 4 0.85 -19.37 -6.05
N SER A 5 -0.15 -19.17 -6.91
CA SER A 5 -1.54 -19.28 -6.50
C SER A 5 -1.75 -18.69 -5.11
N SER A 6 -1.11 -17.55 -4.85
CA SER A 6 -1.22 -16.88 -3.56
C SER A 6 -2.68 -16.72 -3.15
N GLY A 7 -2.93 -16.73 -1.85
CA GLY A 7 -4.29 -16.58 -1.35
C GLY A 7 -4.36 -15.67 -0.14
N LYS A 8 -4.37 -14.36 -0.38
CA LYS A 8 -4.44 -13.38 0.70
C LYS A 8 -4.80 -12.01 0.15
N LYS A 9 -6.02 -11.56 0.43
CA LYS A 9 -6.49 -10.26 -0.02
C LYS A 9 -6.12 -9.17 0.98
N LEU A 10 -5.56 -8.07 0.47
CA LEU A 10 -5.15 -6.96 1.32
C LEU A 10 -5.91 -5.69 0.93
N CYS A 11 -6.93 -5.36 1.71
CA CYS A 11 -7.73 -4.17 1.44
C CYS A 11 -8.16 -3.51 2.76
N GLY A 12 -8.54 -2.23 2.66
CA GLY A 12 -8.96 -1.50 3.86
C GLY A 12 -9.14 -0.03 3.59
N TYR A 13 -9.88 0.64 4.46
CA TYR A 13 -10.14 2.07 4.31
C TYR A 13 -9.06 2.89 5.02
N LEU A 14 -8.58 3.92 4.34
CA LEU A 14 -7.54 4.79 4.90
C LEU A 14 -7.92 6.26 4.76
N SER A 15 -7.14 7.13 5.40
CA SER A 15 -7.40 8.56 5.33
C SER A 15 -6.35 9.26 4.48
N LYS A 16 -6.81 10.05 3.51
CA LYS A 16 -5.93 10.78 2.62
C LYS A 16 -5.72 12.22 3.11
N PHE A 17 -4.47 12.57 3.36
CA PHE A 17 -4.15 13.92 3.83
C PHE A 17 -3.82 14.84 2.66
N GLY A 18 -4.61 15.90 2.51
CA GLY A 18 -4.39 16.84 1.44
C GLY A 18 -5.68 17.26 0.75
N GLY A 19 -6.63 17.76 1.55
CA GLY A 19 -7.91 18.18 1.00
C GLY A 19 -7.80 19.49 0.24
N LYS A 20 -8.88 19.87 -0.43
CA LYS A 20 -8.91 21.11 -1.21
C LYS A 20 -9.31 22.28 -0.33
N GLY A 21 -8.93 23.49 -0.74
CA GLY A 21 -9.26 24.67 0.02
C GLY A 21 -8.03 25.37 0.57
N PRO A 22 -8.24 26.29 1.53
CA PRO A 22 -7.15 27.04 2.17
C PRO A 22 -6.30 26.16 3.07
N ILE A 23 -6.90 25.13 3.65
CA ILE A 23 -6.21 24.22 4.54
C ILE A 23 -6.33 22.78 4.05
N ARG A 24 -5.58 21.87 4.69
CA ARG A 24 -5.61 20.47 4.32
C ARG A 24 -6.17 19.62 5.47
N GLY A 25 -6.85 18.53 5.11
CA GLY A 25 -7.42 17.66 6.11
C GLY A 25 -7.67 16.26 5.59
N TRP A 26 -7.57 15.28 6.47
CA TRP A 26 -7.78 13.88 6.09
C TRP A 26 -9.07 13.73 5.29
N LYS A 27 -9.18 12.62 4.56
CA LYS A 27 -10.36 12.35 3.74
C LYS A 27 -10.63 10.85 3.67
N SER A 28 -11.89 10.48 3.92
CA SER A 28 -12.28 9.07 3.88
C SER A 28 -12.15 8.50 2.47
N ARG A 29 -11.10 7.73 2.23
CA ARG A 29 -10.86 7.14 0.93
C ARG A 29 -10.58 5.64 1.07
N TRP A 30 -11.12 4.86 0.14
CA TRP A 30 -10.93 3.41 0.15
C TRP A 30 -9.63 3.02 -0.56
N PHE A 31 -8.87 2.13 0.07
CA PHE A 31 -7.60 1.68 -0.50
C PHE A 31 -7.58 0.16 -0.64
N PHE A 32 -7.13 -0.31 -1.79
CA PHE A 32 -7.05 -1.74 -2.05
C PHE A 32 -5.82 -2.09 -2.89
N TYR A 33 -5.15 -3.17 -2.53
CA TYR A 33 -3.95 -3.60 -3.24
C TYR A 33 -4.31 -4.52 -4.40
N ASP A 34 -3.66 -4.32 -5.54
CA ASP A 34 -3.92 -5.12 -6.73
C ASP A 34 -2.90 -6.26 -6.84
N GLU A 35 -3.39 -7.46 -7.14
CA GLU A 35 -2.51 -8.62 -7.26
C GLU A 35 -2.29 -8.96 -8.74
N ARG A 36 -2.38 -7.96 -9.59
CA ARG A 36 -2.18 -8.15 -11.03
C ARG A 36 -0.93 -7.43 -11.52
N LYS A 37 -0.80 -6.15 -11.13
CA LYS A 37 0.35 -5.35 -11.53
C LYS A 37 1.18 -4.96 -10.31
N CYS A 38 0.88 -5.58 -9.17
CA CYS A 38 1.60 -5.29 -7.93
C CYS A 38 1.56 -3.80 -7.62
N GLN A 39 0.38 -3.21 -7.72
CA GLN A 39 0.21 -1.79 -7.43
C GLN A 39 -0.93 -1.56 -6.44
N LEU A 40 -0.85 -0.44 -5.72
CA LEU A 40 -1.87 -0.10 -4.73
C LEU A 40 -2.90 0.85 -5.32
N TYR A 41 -4.10 0.36 -5.55
CA TYR A 41 -5.18 1.17 -6.11
C TYR A 41 -6.16 1.60 -5.03
N TYR A 42 -6.50 2.89 -5.00
CA TYR A 42 -7.43 3.41 -4.02
C TYR A 42 -8.48 4.30 -4.68
N SER A 43 -9.74 4.13 -4.27
CA SER A 43 -10.83 4.92 -4.82
C SER A 43 -11.71 5.49 -3.72
N ARG A 44 -12.65 6.35 -4.10
CA ARG A 44 -13.54 6.96 -3.14
C ARG A 44 -14.31 5.91 -2.35
N THR A 45 -14.56 4.77 -2.99
CA THR A 45 -15.29 3.67 -2.34
C THR A 45 -14.68 2.32 -2.72
N ALA A 46 -15.20 1.27 -2.11
CA ALA A 46 -14.72 -0.08 -2.38
C ALA A 46 -15.45 -0.70 -3.57
N GLN A 47 -16.38 0.05 -4.14
CA GLN A 47 -17.14 -0.43 -5.29
C GLN A 47 -16.96 0.51 -6.49
N ASP A 48 -15.84 1.21 -6.52
CA ASP A 48 -15.54 2.13 -7.60
C ASP A 48 -14.97 1.38 -8.81
N ALA A 49 -15.78 1.26 -9.87
CA ALA A 49 -15.35 0.58 -11.08
C ALA A 49 -13.95 1.01 -11.49
N ASN A 50 -13.64 2.28 -11.29
CA ASN A 50 -12.34 2.82 -11.65
C ASN A 50 -11.67 3.48 -10.45
N PRO A 51 -10.46 3.01 -10.12
CA PRO A 51 -9.69 3.54 -8.99
C PRO A 51 -9.19 4.95 -9.24
N LEU A 52 -9.22 5.78 -8.20
CA LEU A 52 -8.78 7.17 -8.30
C LEU A 52 -7.34 7.23 -8.82
N ASP A 53 -6.43 6.58 -8.10
CA ASP A 53 -5.02 6.57 -8.49
C ASP A 53 -4.33 5.31 -7.99
N SER A 54 -3.15 5.03 -8.53
CA SER A 54 -2.39 3.85 -8.12
C SER A 54 -0.97 4.23 -7.73
N ILE A 55 -0.35 3.39 -6.91
CA ILE A 55 1.02 3.64 -6.45
C ILE A 55 1.88 2.38 -6.57
N ASP A 56 2.96 2.49 -7.33
CA ASP A 56 3.87 1.37 -7.53
C ASP A 56 4.64 1.06 -6.25
N LEU A 57 4.21 0.04 -5.53
CA LEU A 57 4.86 -0.36 -4.28
C LEU A 57 6.25 -0.92 -4.56
N SER A 58 6.45 -1.44 -5.76
CA SER A 58 7.73 -2.02 -6.15
C SER A 58 8.88 -1.11 -5.76
N SER A 59 8.65 0.20 -5.82
CA SER A 59 9.66 1.19 -5.48
C SER A 59 9.13 2.19 -4.46
N ALA A 60 8.15 1.75 -3.67
CA ALA A 60 7.55 2.61 -2.66
C ALA A 60 7.96 2.17 -1.25
N VAL A 61 8.26 3.14 -0.40
CA VAL A 61 8.66 2.86 0.97
C VAL A 61 7.66 3.42 1.97
N PHE A 62 7.27 2.59 2.93
CA PHE A 62 6.32 2.99 3.95
C PHE A 62 7.03 3.36 5.26
N ASP A 63 6.75 4.56 5.75
CA ASP A 63 7.36 5.04 6.99
C ASP A 63 6.29 5.43 8.01
N CYS A 64 6.68 5.46 9.27
CA CYS A 64 5.75 5.83 10.34
C CYS A 64 5.98 7.26 10.80
N LYS A 65 4.92 8.06 10.80
CA LYS A 65 5.00 9.45 11.21
C LYS A 65 5.54 9.57 12.64
N ALA A 66 5.67 10.80 13.11
CA ALA A 66 6.17 11.04 14.46
C ALA A 66 5.15 10.62 15.51
N ASP A 67 3.88 10.80 15.19
CA ASP A 67 2.80 10.43 16.11
C ASP A 67 2.26 9.05 15.79
N ALA A 68 3.14 8.15 15.37
CA ALA A 68 2.75 6.79 15.02
C ALA A 68 1.93 6.15 16.15
N GLU A 69 2.16 6.61 17.37
CA GLU A 69 1.46 6.08 18.53
C GLU A 69 -0.04 6.00 18.26
N GLU A 70 -0.52 6.81 17.31
CA GLU A 70 -1.93 6.83 16.96
C GLU A 70 -2.22 5.86 15.81
N GLY A 71 -1.29 5.77 14.87
CA GLY A 71 -1.46 4.89 13.74
C GLY A 71 -1.41 5.62 12.40
N ILE A 72 -0.28 6.28 12.14
CA ILE A 72 -0.11 7.03 10.90
C ILE A 72 1.15 6.59 10.17
N PHE A 73 1.08 6.57 8.84
CA PHE A 73 2.21 6.17 8.02
C PHE A 73 2.33 7.05 6.78
N GLU A 74 3.38 6.83 6.00
CA GLU A 74 3.60 7.61 4.78
C GLU A 74 4.30 6.76 3.72
N ILE A 75 3.76 6.78 2.50
CA ILE A 75 4.34 6.02 1.40
C ILE A 75 5.15 6.92 0.47
N LYS A 76 6.46 6.83 0.56
CA LYS A 76 7.35 7.63 -0.27
C LYS A 76 7.57 6.97 -1.63
N THR A 77 7.26 7.70 -2.69
CA THR A 77 7.43 7.18 -4.04
C THR A 77 8.20 8.17 -4.92
N PRO A 78 8.88 7.64 -5.95
CA PRO A 78 9.66 8.46 -6.88
C PRO A 78 8.79 9.31 -7.78
N SER A 79 7.49 9.28 -7.54
CA SER A 79 6.53 10.04 -8.33
C SER A 79 5.80 11.07 -7.47
N ARG A 80 5.33 10.61 -6.31
CA ARG A 80 4.60 11.49 -5.39
C ARG A 80 4.45 10.84 -4.02
N VAL A 81 4.98 11.49 -3.00
CA VAL A 81 4.90 10.97 -1.63
C VAL A 81 3.50 11.11 -1.07
N ILE A 82 2.89 9.99 -0.72
CA ILE A 82 1.55 9.98 -0.17
C ILE A 82 1.56 9.81 1.35
N THR A 83 0.55 10.34 2.01
CA THR A 83 0.46 10.24 3.47
C THR A 83 -0.90 9.68 3.90
N LEU A 84 -0.88 8.45 4.42
CA LEU A 84 -2.10 7.79 4.87
C LEU A 84 -1.96 7.30 6.30
N LYS A 85 -3.05 7.31 7.05
CA LYS A 85 -3.05 6.84 8.44
C LYS A 85 -4.11 5.77 8.66
N ALA A 86 -3.81 4.84 9.55
CA ALA A 86 -4.73 3.74 9.86
C ALA A 86 -5.46 4.00 11.17
N ALA A 87 -6.40 3.11 11.50
CA ALA A 87 -7.16 3.24 12.74
C ALA A 87 -6.24 3.44 13.94
N THR A 88 -5.57 2.37 14.35
CA THR A 88 -4.65 2.42 15.49
C THR A 88 -3.24 2.07 15.07
N LYS A 89 -2.33 2.03 16.04
CA LYS A 89 -0.93 1.69 15.77
C LYS A 89 -0.80 0.27 15.25
N GLN A 90 -1.60 -0.63 15.80
CA GLN A 90 -1.58 -2.03 15.39
C GLN A 90 -2.13 -2.19 13.97
N ALA A 91 -2.92 -1.22 13.54
CA ALA A 91 -3.50 -1.25 12.20
C ALA A 91 -2.45 -1.04 11.12
N MET A 92 -1.84 0.15 11.13
CA MET A 92 -0.80 0.48 10.15
C MET A 92 0.26 -0.61 10.12
N LEU A 93 0.66 -1.09 11.29
CA LEU A 93 1.68 -2.13 11.39
C LEU A 93 1.37 -3.29 10.45
N TYR A 94 0.08 -3.58 10.29
CA TYR A 94 -0.34 -4.67 9.43
C TYR A 94 -0.19 -4.29 7.96
N TRP A 95 -0.45 -3.03 7.65
CA TRP A 95 -0.33 -2.54 6.28
C TRP A 95 1.12 -2.47 5.85
N LEU A 96 1.94 -1.80 6.66
CA LEU A 96 3.37 -1.67 6.35
C LEU A 96 4.02 -3.04 6.18
N GLN A 97 3.74 -3.94 7.10
CA GLN A 97 4.30 -5.29 7.05
C GLN A 97 3.81 -6.04 5.81
N GLN A 98 2.49 -6.13 5.66
CA GLN A 98 1.90 -6.81 4.52
C GLN A 98 2.36 -6.19 3.21
N LEU A 99 2.00 -4.94 2.99
CA LEU A 99 2.37 -4.22 1.78
C LEU A 99 3.77 -4.64 1.31
N GLN A 100 4.70 -4.74 2.26
CA GLN A 100 6.07 -5.13 1.95
C GLN A 100 6.10 -6.52 1.34
N MET A 101 5.55 -7.50 2.04
CA MET A 101 5.52 -8.88 1.57
C MET A 101 5.35 -8.92 0.05
N LYS A 102 4.38 -8.17 -0.46
CA LYS A 102 4.12 -8.12 -1.89
C LYS A 102 5.36 -7.65 -2.65
N ARG A 103 5.89 -6.51 -2.25
CA ARG A 103 7.08 -5.94 -2.90
C ARG A 103 8.31 -6.81 -2.62
N TRP A 104 8.69 -6.89 -1.35
CA TRP A 104 9.85 -7.69 -0.95
C TRP A 104 9.88 -9.02 -1.69
N GLU A 105 8.73 -9.67 -1.76
CA GLU A 105 8.62 -10.96 -2.44
C GLU A 105 9.25 -10.90 -3.83
N PHE A 106 8.80 -9.95 -4.64
CA PHE A 106 9.33 -9.78 -5.99
C PHE A 106 10.85 -9.72 -5.97
N HIS A 107 11.40 -9.00 -4.99
CA HIS A 107 12.84 -8.85 -4.87
C HIS A 107 13.50 -10.20 -4.57
N ASN A 108 12.71 -11.14 -4.05
CA ASN A 108 13.21 -12.47 -3.72
C ASN A 108 13.06 -13.42 -4.90
N SER A 109 11.86 -13.50 -5.45
CA SER A 109 11.59 -14.37 -6.59
C SER A 109 12.80 -14.47 -7.49
N PRO A 110 13.61 -15.53 -7.30
CA PRO A 110 14.81 -15.76 -8.10
C PRO A 110 14.49 -16.14 -9.54
N PRO A 111 15.38 -15.78 -10.47
CA PRO A 111 15.22 -16.07 -11.90
C PRO A 111 15.38 -17.55 -12.21
N ALA A 112 15.34 -17.89 -13.48
CA ALA A 112 15.48 -19.28 -13.91
C ALA A 112 16.78 -19.89 -13.37
N PRO A 113 16.72 -21.18 -13.01
CA PRO A 113 17.87 -21.91 -12.47
C PRO A 113 18.95 -22.14 -13.51
N SER A 114 20.17 -21.75 -13.20
CA SER A 114 21.29 -21.91 -14.13
C SER A 114 22.48 -22.57 -13.43
N GLY A 115 22.91 -23.72 -13.97
CA GLY A 115 24.03 -24.43 -13.39
C GLY A 115 24.16 -25.84 -13.92
N PRO A 116 23.98 -26.83 -13.03
CA PRO A 116 24.08 -28.25 -13.41
C PRO A 116 22.92 -28.70 -14.29
N SER A 117 23.06 -29.88 -14.88
CA SER A 117 22.02 -30.42 -15.75
C SER A 117 21.14 -31.41 -15.00
N SER A 118 19.83 -31.17 -15.04
CA SER A 118 18.88 -32.04 -14.36
C SER A 118 19.33 -33.49 -14.40
N GLY A 119 19.13 -34.20 -13.29
CA GLY A 119 19.54 -35.60 -13.23
C GLY A 119 18.76 -36.47 -14.19
N GLY A 1 3.14 -12.63 19.51
CA GLY A 1 1.88 -13.35 19.49
C GLY A 1 0.86 -12.70 18.59
N SER A 2 0.62 -13.32 17.43
CA SER A 2 -0.34 -12.79 16.47
C SER A 2 -0.69 -13.83 15.42
N SER A 3 -1.95 -13.81 14.97
CA SER A 3 -2.41 -14.77 13.97
C SER A 3 -2.17 -14.22 12.55
N GLY A 4 -2.67 -13.01 12.30
CA GLY A 4 -2.51 -12.40 10.99
C GLY A 4 -3.31 -13.12 9.92
N SER A 5 -4.63 -13.10 10.08
CA SER A 5 -5.52 -13.75 9.11
C SER A 5 -5.76 -12.85 7.90
N SER A 6 -5.97 -13.47 6.75
CA SER A 6 -6.22 -12.73 5.51
C SER A 6 -6.69 -13.66 4.41
N GLY A 7 -7.65 -13.18 3.62
CA GLY A 7 -8.19 -13.98 2.53
C GLY A 7 -7.50 -13.69 1.22
N LYS A 8 -6.18 -13.89 1.18
CA LYS A 8 -5.41 -13.65 -0.03
C LYS A 8 -5.78 -12.32 -0.67
N LYS A 9 -5.95 -11.30 0.16
CA LYS A 9 -6.30 -9.97 -0.32
C LYS A 9 -6.03 -8.91 0.74
N LEU A 10 -5.42 -7.81 0.32
CA LEU A 10 -5.09 -6.71 1.24
C LEU A 10 -5.85 -5.45 0.86
N CYS A 11 -6.92 -5.16 1.59
CA CYS A 11 -7.73 -3.98 1.33
C CYS A 11 -8.24 -3.36 2.63
N GLY A 12 -8.43 -2.06 2.63
CA GLY A 12 -8.91 -1.36 3.82
C GLY A 12 -9.13 0.11 3.59
N TYR A 13 -10.00 0.71 4.39
CA TYR A 13 -10.31 2.13 4.27
C TYR A 13 -9.29 2.97 5.04
N LEU A 14 -8.69 3.94 4.34
CA LEU A 14 -7.71 4.82 4.96
C LEU A 14 -8.05 6.29 4.72
N SER A 15 -7.46 7.17 5.52
CA SER A 15 -7.70 8.60 5.40
C SER A 15 -6.55 9.29 4.70
N LYS A 16 -6.79 9.74 3.46
CA LYS A 16 -5.76 10.42 2.68
C LYS A 16 -5.70 11.90 3.05
N PHE A 17 -4.58 12.34 3.59
CA PHE A 17 -4.39 13.73 3.98
C PHE A 17 -4.21 14.61 2.75
N GLY A 18 -5.16 15.51 2.53
CA GLY A 18 -5.09 16.40 1.39
C GLY A 18 -6.27 17.35 1.31
N GLY A 19 -5.99 18.65 1.21
CA GLY A 19 -7.05 19.63 1.13
C GLY A 19 -6.61 20.90 0.44
N LYS A 20 -7.15 21.14 -0.76
CA LYS A 20 -6.81 22.34 -1.52
C LYS A 20 -6.64 23.54 -0.61
N GLY A 21 -5.40 23.84 -0.24
CA GLY A 21 -5.13 24.97 0.63
C GLY A 21 -4.33 24.58 1.85
N PRO A 22 -4.01 25.57 2.69
CA PRO A 22 -3.24 25.36 3.92
C PRO A 22 -4.03 24.59 4.98
N ILE A 23 -5.32 24.39 4.71
CA ILE A 23 -6.18 23.67 5.64
C ILE A 23 -6.10 22.17 5.41
N ARG A 24 -5.05 21.73 4.71
CA ARG A 24 -4.85 20.31 4.42
C ARG A 24 -5.44 19.45 5.54
N GLY A 25 -6.50 18.73 5.22
CA GLY A 25 -7.14 17.87 6.21
C GLY A 25 -7.21 16.43 5.75
N TRP A 26 -7.69 15.56 6.63
CA TRP A 26 -7.81 14.13 6.32
C TRP A 26 -9.05 13.87 5.47
N LYS A 27 -8.93 12.94 4.52
CA LYS A 27 -10.04 12.58 3.65
C LYS A 27 -10.24 11.07 3.60
N SER A 28 -11.48 10.64 3.74
CA SER A 28 -11.82 9.22 3.72
C SER A 28 -11.69 8.67 2.30
N ARG A 29 -10.80 7.69 2.12
CA ARG A 29 -10.59 7.07 0.83
C ARG A 29 -10.51 5.55 0.96
N TRP A 30 -10.93 4.85 -0.09
CA TRP A 30 -10.90 3.39 -0.11
C TRP A 30 -9.66 2.87 -0.81
N PHE A 31 -8.78 2.22 -0.05
CA PHE A 31 -7.55 1.67 -0.61
C PHE A 31 -7.64 0.16 -0.75
N PHE A 32 -7.05 -0.37 -1.82
CA PHE A 32 -7.07 -1.80 -2.08
C PHE A 32 -5.92 -2.19 -3.01
N TYR A 33 -5.12 -3.17 -2.57
CA TYR A 33 -4.00 -3.64 -3.36
C TYR A 33 -4.45 -4.63 -4.43
N ASP A 34 -3.77 -4.63 -5.56
CA ASP A 34 -4.10 -5.52 -6.67
C ASP A 34 -3.05 -6.63 -6.81
N GLU A 35 -3.52 -7.87 -6.96
CA GLU A 35 -2.63 -9.00 -7.11
C GLU A 35 -2.45 -9.37 -8.58
N ARG A 36 -2.63 -8.40 -9.45
CA ARG A 36 -2.50 -8.61 -10.89
C ARG A 36 -1.26 -7.91 -11.43
N LYS A 37 -1.09 -6.65 -11.07
CA LYS A 37 0.05 -5.85 -11.51
C LYS A 37 1.00 -5.58 -10.36
N CYS A 38 0.60 -5.97 -9.16
CA CYS A 38 1.42 -5.76 -7.97
C CYS A 38 1.49 -4.28 -7.60
N GLN A 39 0.34 -3.62 -7.63
CA GLN A 39 0.26 -2.21 -7.30
C GLN A 39 -0.86 -1.94 -6.30
N LEU A 40 -0.82 -0.77 -5.68
CA LEU A 40 -1.83 -0.39 -4.70
C LEU A 40 -2.80 0.63 -5.28
N TYR A 41 -4.00 0.18 -5.60
CA TYR A 41 -5.03 1.05 -6.17
C TYR A 41 -6.00 1.52 -5.10
N TYR A 42 -6.53 2.72 -5.28
CA TYR A 42 -7.47 3.30 -4.32
C TYR A 42 -8.51 4.15 -5.04
N SER A 43 -9.72 4.20 -4.48
CA SER A 43 -10.80 4.98 -5.06
C SER A 43 -11.63 5.66 -3.97
N ARG A 44 -12.41 6.65 -4.37
CA ARG A 44 -13.25 7.39 -3.42
C ARG A 44 -14.07 6.44 -2.56
N THR A 45 -14.54 5.35 -3.18
CA THR A 45 -15.33 4.36 -2.46
C THR A 45 -15.16 2.97 -3.07
N ALA A 46 -15.52 1.94 -2.31
CA ALA A 46 -15.40 0.56 -2.78
C ALA A 46 -16.38 0.29 -3.91
N GLN A 47 -17.38 1.16 -4.05
CA GLN A 47 -18.39 1.01 -5.09
C GLN A 47 -17.82 1.40 -6.46
N ASP A 48 -16.67 2.05 -6.44
CA ASP A 48 -16.02 2.48 -7.68
C ASP A 48 -15.22 1.34 -8.30
N ALA A 49 -15.69 0.84 -9.44
CA ALA A 49 -15.01 -0.25 -10.12
C ALA A 49 -13.69 0.21 -10.72
N ASN A 50 -13.56 1.52 -10.91
CA ASN A 50 -12.34 2.10 -11.48
C ASN A 50 -11.57 2.88 -10.42
N PRO A 51 -10.33 2.44 -10.15
CA PRO A 51 -9.46 3.08 -9.16
C PRO A 51 -8.98 4.45 -9.63
N LEU A 52 -9.09 5.44 -8.75
CA LEU A 52 -8.66 6.80 -9.08
C LEU A 52 -7.18 6.84 -9.42
N ASP A 53 -6.35 6.36 -8.49
CA ASP A 53 -4.91 6.32 -8.71
C ASP A 53 -4.29 5.13 -7.99
N SER A 54 -3.10 4.73 -8.45
CA SER A 54 -2.40 3.60 -7.85
C SER A 54 -0.99 4.00 -7.42
N ILE A 55 -0.39 3.17 -6.57
CA ILE A 55 0.95 3.44 -6.09
C ILE A 55 1.85 2.22 -6.22
N ASP A 56 2.92 2.36 -7.00
CA ASP A 56 3.86 1.26 -7.20
C ASP A 56 4.65 0.97 -5.93
N LEU A 57 4.25 -0.08 -5.23
CA LEU A 57 4.92 -0.47 -4.00
C LEU A 57 6.27 -1.11 -4.29
N SER A 58 6.51 -1.44 -5.55
CA SER A 58 7.77 -2.05 -5.96
C SER A 58 8.95 -1.17 -5.58
N SER A 59 8.75 0.15 -5.65
CA SER A 59 9.80 1.10 -5.32
C SER A 59 9.31 2.12 -4.30
N ALA A 60 8.32 1.72 -3.50
CA ALA A 60 7.75 2.59 -2.48
C ALA A 60 8.23 2.20 -1.09
N VAL A 61 8.42 3.19 -0.22
CA VAL A 61 8.87 2.95 1.14
C VAL A 61 7.83 3.42 2.15
N PHE A 62 7.48 2.53 3.07
CA PHE A 62 6.50 2.86 4.11
C PHE A 62 7.18 3.31 5.39
N ASP A 63 6.76 4.45 5.92
CA ASP A 63 7.32 5.00 7.14
C ASP A 63 6.23 5.34 8.15
N CYS A 64 6.61 5.41 9.42
CA CYS A 64 5.65 5.72 10.48
C CYS A 64 5.81 7.17 10.94
N LYS A 65 4.83 7.99 10.59
CA LYS A 65 4.85 9.40 10.96
C LYS A 65 5.42 9.60 12.36
N ALA A 66 5.93 10.79 12.64
CA ALA A 66 6.51 11.09 13.94
C ALA A 66 5.52 10.79 15.06
N ASP A 67 4.26 11.14 14.84
CA ASP A 67 3.22 10.91 15.83
C ASP A 67 2.49 9.59 15.56
N ALA A 68 3.25 8.59 15.12
CA ALA A 68 2.68 7.28 14.82
C ALA A 68 1.93 6.72 16.03
N GLU A 69 2.26 7.23 17.21
CA GLU A 69 1.61 6.78 18.44
C GLU A 69 0.13 6.55 18.22
N GLU A 70 -0.46 7.30 17.29
CA GLU A 70 -1.87 7.17 16.98
C GLU A 70 -2.10 6.12 15.90
N GLY A 71 -1.22 6.09 14.90
CA GLY A 71 -1.34 5.14 13.82
C GLY A 71 -1.30 5.80 12.46
N ILE A 72 -0.27 6.60 12.22
CA ILE A 72 -0.12 7.29 10.94
C ILE A 72 1.19 6.91 10.26
N PHE A 73 1.13 6.73 8.95
CA PHE A 73 2.31 6.36 8.17
C PHE A 73 2.38 7.16 6.87
N GLU A 74 3.50 7.05 6.17
CA GLU A 74 3.69 7.76 4.90
C GLU A 74 4.42 6.88 3.90
N ILE A 75 3.91 6.86 2.66
CA ILE A 75 4.51 6.06 1.61
C ILE A 75 5.33 6.94 0.66
N LYS A 76 6.64 6.90 0.81
CA LYS A 76 7.53 7.68 -0.04
C LYS A 76 7.77 6.98 -1.38
N THR A 77 7.38 7.64 -2.46
CA THR A 77 7.55 7.08 -3.79
C THR A 77 8.22 8.09 -4.73
N PRO A 78 8.91 7.58 -5.75
CA PRO A 78 9.61 8.41 -6.75
C PRO A 78 8.64 9.17 -7.65
N SER A 79 7.34 9.01 -7.38
CA SER A 79 6.32 9.68 -8.17
C SER A 79 5.63 10.78 -7.37
N ARG A 80 5.15 10.42 -6.18
CA ARG A 80 4.47 11.37 -5.31
C ARG A 80 4.34 10.82 -3.90
N VAL A 81 4.69 11.64 -2.91
CA VAL A 81 4.60 11.23 -1.52
C VAL A 81 3.16 11.24 -1.03
N ILE A 82 2.73 10.12 -0.46
CA ILE A 82 1.37 10.00 0.04
C ILE A 82 1.35 9.91 1.57
N THR A 83 0.24 10.31 2.17
CA THR A 83 0.10 10.27 3.62
C THR A 83 -1.23 9.64 4.04
N LEU A 84 -1.16 8.45 4.62
CA LEU A 84 -2.35 7.75 5.06
C LEU A 84 -2.23 7.33 6.52
N LYS A 85 -3.37 7.05 7.15
CA LYS A 85 -3.38 6.64 8.55
C LYS A 85 -4.32 5.44 8.75
N ALA A 86 -3.91 4.52 9.61
CA ALA A 86 -4.70 3.33 9.90
C ALA A 86 -5.63 3.56 11.08
N ALA A 87 -6.48 2.57 11.37
CA ALA A 87 -7.42 2.67 12.48
C ALA A 87 -6.69 2.97 13.79
N THR A 88 -5.74 2.12 14.13
CA THR A 88 -4.97 2.29 15.36
C THR A 88 -3.47 2.24 15.09
N LYS A 89 -2.68 2.37 16.15
CA LYS A 89 -1.23 2.33 16.02
C LYS A 89 -0.76 0.97 15.52
N GLN A 90 -1.33 -0.10 16.07
CA GLN A 90 -0.97 -1.45 15.68
C GLN A 90 -1.56 -1.79 14.31
N ALA A 91 -2.51 -0.98 13.86
CA ALA A 91 -3.15 -1.20 12.58
C ALA A 91 -2.16 -1.02 11.43
N MET A 92 -1.62 0.18 11.31
CA MET A 92 -0.66 0.49 10.25
C MET A 92 0.33 -0.67 10.07
N LEU A 93 0.81 -1.20 11.18
CA LEU A 93 1.76 -2.31 11.15
C LEU A 93 1.35 -3.35 10.11
N TYR A 94 0.11 -3.82 10.23
CA TYR A 94 -0.40 -4.83 9.31
C TYR A 94 -0.25 -4.37 7.86
N TRP A 95 -0.49 -3.08 7.63
CA TRP A 95 -0.38 -2.51 6.29
C TRP A 95 1.07 -2.47 5.84
N LEU A 96 1.93 -1.87 6.64
CA LEU A 96 3.35 -1.76 6.32
C LEU A 96 3.95 -3.15 6.07
N GLN A 97 3.71 -4.08 6.98
CA GLN A 97 4.23 -5.43 6.85
C GLN A 97 3.70 -6.09 5.58
N GLN A 98 2.39 -6.17 5.46
CA GLN A 98 1.76 -6.78 4.29
C GLN A 98 2.27 -6.12 3.00
N LEU A 99 1.99 -4.83 2.87
CA LEU A 99 2.41 -4.09 1.68
C LEU A 99 3.81 -4.50 1.24
N GLN A 100 4.69 -4.71 2.22
CA GLN A 100 6.07 -5.11 1.93
C GLN A 100 6.10 -6.48 1.28
N MET A 101 5.41 -7.45 1.90
CA MET A 101 5.36 -8.80 1.36
C MET A 101 5.25 -8.80 -0.15
N LYS A 102 4.43 -7.89 -0.68
CA LYS A 102 4.24 -7.78 -2.12
C LYS A 102 5.54 -7.39 -2.82
N ARG A 103 6.10 -6.25 -2.42
CA ARG A 103 7.34 -5.76 -3.01
C ARG A 103 8.49 -6.72 -2.72
N TRP A 104 8.77 -6.94 -1.43
CA TRP A 104 9.84 -7.83 -1.02
C TRP A 104 9.80 -9.13 -1.81
N GLU A 105 8.59 -9.67 -1.99
CA GLU A 105 8.42 -10.92 -2.72
C GLU A 105 9.06 -10.83 -4.10
N PHE A 106 8.58 -9.90 -4.92
CA PHE A 106 9.11 -9.71 -6.26
C PHE A 106 10.63 -9.78 -6.26
N HIS A 107 11.25 -9.06 -5.33
CA HIS A 107 12.71 -9.03 -5.23
C HIS A 107 13.25 -10.44 -4.95
N ASN A 108 12.56 -11.18 -4.09
CA ASN A 108 12.98 -12.54 -3.75
C ASN A 108 12.84 -13.47 -4.94
N SER A 109 11.66 -13.49 -5.54
CA SER A 109 11.40 -14.34 -6.70
C SER A 109 12.61 -14.39 -7.63
N PRO A 110 13.12 -15.60 -7.87
CA PRO A 110 14.27 -15.81 -8.75
C PRO A 110 13.96 -15.54 -10.21
N PRO A 111 14.81 -14.74 -10.86
CA PRO A 111 14.66 -14.39 -12.27
C PRO A 111 14.89 -15.57 -13.21
N ALA A 112 14.43 -15.45 -14.44
CA ALA A 112 14.60 -16.51 -15.43
C ALA A 112 16.05 -16.98 -15.49
N PRO A 113 16.24 -18.26 -15.86
CA PRO A 113 17.58 -18.86 -15.96
C PRO A 113 18.37 -18.29 -17.13
N SER A 114 19.04 -17.17 -16.90
CA SER A 114 19.84 -16.52 -17.94
C SER A 114 20.97 -15.71 -17.33
N GLY A 115 22.20 -16.03 -17.71
CA GLY A 115 23.35 -15.32 -17.19
C GLY A 115 24.29 -16.22 -16.42
N PRO A 116 25.11 -15.62 -15.53
CA PRO A 116 26.06 -16.37 -14.71
C PRO A 116 25.38 -17.23 -13.66
N SER A 117 26.08 -18.26 -13.19
CA SER A 117 25.54 -19.16 -12.19
C SER A 117 25.50 -18.49 -10.81
N SER A 118 25.99 -17.25 -10.75
CA SER A 118 26.02 -16.50 -9.51
C SER A 118 24.79 -15.60 -9.38
N GLY A 119 24.59 -14.75 -10.39
CA GLY A 119 23.45 -13.86 -10.38
C GLY A 119 23.87 -12.39 -10.46
N GLY A 1 13.14 -17.97 5.23
CA GLY A 1 12.66 -17.93 6.59
C GLY A 1 11.18 -18.29 6.69
N SER A 2 10.37 -17.68 5.84
CA SER A 2 8.93 -17.92 5.83
C SER A 2 8.38 -17.87 4.41
N SER A 3 7.53 -18.84 4.08
CA SER A 3 6.93 -18.90 2.75
C SER A 3 5.63 -19.69 2.78
N GLY A 4 4.60 -19.16 2.13
CA GLY A 4 3.31 -19.83 2.09
C GLY A 4 2.17 -18.88 1.84
N SER A 5 1.97 -18.51 0.58
CA SER A 5 0.90 -17.59 0.20
C SER A 5 -0.34 -18.35 -0.24
N SER A 6 -1.21 -18.67 0.71
CA SER A 6 -2.43 -19.40 0.41
C SER A 6 -3.55 -18.45 -0.02
N GLY A 7 -3.18 -17.45 -0.81
CA GLY A 7 -4.15 -16.48 -1.28
C GLY A 7 -4.68 -15.60 -0.17
N LYS A 8 -4.49 -14.29 -0.31
CA LYS A 8 -4.96 -13.34 0.69
C LYS A 8 -5.05 -11.93 0.11
N LYS A 9 -6.24 -11.33 0.21
CA LYS A 9 -6.45 -9.99 -0.30
C LYS A 9 -6.10 -8.93 0.74
N LEU A 10 -5.55 -7.81 0.29
CA LEU A 10 -5.18 -6.73 1.19
C LEU A 10 -5.91 -5.44 0.83
N CYS A 11 -6.93 -5.11 1.59
CA CYS A 11 -7.71 -3.90 1.35
C CYS A 11 -8.13 -3.24 2.67
N GLY A 12 -8.51 -1.98 2.59
CA GLY A 12 -8.93 -1.26 3.78
C GLY A 12 -9.07 0.23 3.55
N TYR A 13 -9.83 0.89 4.42
CA TYR A 13 -10.04 2.33 4.30
C TYR A 13 -8.93 3.11 4.99
N LEU A 14 -8.38 4.11 4.29
CA LEU A 14 -7.31 4.92 4.84
C LEU A 14 -7.61 6.40 4.65
N SER A 15 -6.80 7.25 5.29
CA SER A 15 -6.98 8.69 5.19
C SER A 15 -5.75 9.35 4.58
N LYS A 16 -5.89 9.86 3.36
CA LYS A 16 -4.79 10.51 2.68
C LYS A 16 -4.77 12.01 2.99
N PHE A 17 -3.91 12.39 3.92
CA PHE A 17 -3.79 13.80 4.32
C PHE A 17 -3.73 14.70 3.09
N GLY A 18 -4.41 15.83 3.17
CA GLY A 18 -4.43 16.77 2.05
C GLY A 18 -4.70 16.09 0.72
N GLY A 19 -4.63 16.86 -0.36
CA GLY A 19 -4.87 16.31 -1.67
C GLY A 19 -6.34 16.33 -2.06
N LYS A 20 -6.63 16.00 -3.31
CA LYS A 20 -8.00 16.00 -3.80
C LYS A 20 -8.63 17.38 -3.72
N GLY A 21 -7.81 18.41 -3.94
CA GLY A 21 -8.30 19.77 -3.88
C GLY A 21 -7.38 20.69 -3.11
N PRO A 22 -7.77 21.96 -2.97
CA PRO A 22 -6.98 22.97 -2.26
C PRO A 22 -6.93 22.71 -0.75
N ILE A 23 -7.73 21.75 -0.29
CA ILE A 23 -7.77 21.41 1.12
C ILE A 23 -6.61 20.50 1.50
N ARG A 24 -6.00 20.78 2.65
CA ARG A 24 -4.87 19.98 3.12
C ARG A 24 -5.30 19.06 4.26
N GLY A 25 -6.59 19.00 4.51
CA GLY A 25 -7.11 18.16 5.57
C GLY A 25 -7.26 16.71 5.13
N TRP A 26 -7.50 15.83 6.10
CA TRP A 26 -7.64 14.41 5.82
C TRP A 26 -8.97 14.13 5.12
N LYS A 27 -9.05 12.99 4.45
CA LYS A 27 -10.26 12.60 3.74
C LYS A 27 -10.46 11.09 3.78
N SER A 28 -11.72 10.65 3.71
CA SER A 28 -12.04 9.23 3.74
C SER A 28 -11.94 8.64 2.34
N ARG A 29 -10.98 7.73 2.16
CA ARG A 29 -10.78 7.07 0.87
C ARG A 29 -10.58 5.57 1.05
N TRP A 30 -10.99 4.80 0.04
CA TRP A 30 -10.86 3.35 0.08
C TRP A 30 -9.61 2.89 -0.67
N PHE A 31 -8.82 2.04 -0.02
CA PHE A 31 -7.60 1.53 -0.62
C PHE A 31 -7.66 0.02 -0.76
N PHE A 32 -6.98 -0.51 -1.78
CA PHE A 32 -6.96 -1.95 -2.02
C PHE A 32 -5.78 -2.33 -2.92
N TYR A 33 -5.02 -3.34 -2.49
CA TYR A 33 -3.87 -3.80 -3.25
C TYR A 33 -4.30 -4.73 -4.38
N ASP A 34 -3.86 -4.42 -5.60
CA ASP A 34 -4.20 -5.23 -6.76
C ASP A 34 -3.09 -6.22 -7.08
N GLU A 35 -3.23 -7.44 -6.57
CA GLU A 35 -2.23 -8.49 -6.79
C GLU A 35 -2.17 -8.87 -8.27
N ARG A 36 -3.07 -8.30 -9.06
CA ARG A 36 -3.11 -8.58 -10.49
C ARG A 36 -1.96 -7.90 -11.22
N LYS A 37 -1.73 -6.63 -10.89
CA LYS A 37 -0.66 -5.86 -11.51
C LYS A 37 0.42 -5.50 -10.48
N CYS A 38 0.28 -6.05 -9.27
CA CYS A 38 1.24 -5.79 -8.20
C CYS A 38 1.31 -4.29 -7.89
N GLN A 39 0.15 -3.68 -7.68
CA GLN A 39 0.09 -2.26 -7.36
C GLN A 39 -0.95 -1.99 -6.28
N LEU A 40 -1.04 -0.73 -5.85
CA LEU A 40 -1.99 -0.33 -4.82
C LEU A 40 -2.99 0.69 -5.36
N TYR A 41 -4.22 0.24 -5.57
CA TYR A 41 -5.27 1.12 -6.09
C TYR A 41 -6.20 1.58 -4.97
N TYR A 42 -6.71 2.79 -5.09
CA TYR A 42 -7.60 3.36 -4.09
C TYR A 42 -8.67 4.23 -4.74
N SER A 43 -9.91 4.07 -4.32
CA SER A 43 -11.03 4.84 -4.86
C SER A 43 -11.94 5.32 -3.75
N ARG A 44 -13.05 5.96 -4.13
CA ARG A 44 -14.01 6.47 -3.16
C ARG A 44 -14.55 5.35 -2.29
N THR A 45 -14.98 4.26 -2.93
CA THR A 45 -15.52 3.12 -2.20
C THR A 45 -14.93 1.81 -2.73
N ALA A 46 -15.32 0.71 -2.10
CA ALA A 46 -14.84 -0.61 -2.50
C ALA A 46 -15.62 -1.14 -3.69
N GLN A 47 -16.79 -0.56 -3.95
CA GLN A 47 -17.63 -0.97 -5.05
C GLN A 47 -17.34 -0.14 -6.30
N ASP A 48 -16.21 0.54 -6.29
CA ASP A 48 -15.81 1.38 -7.42
C ASP A 48 -15.25 0.52 -8.56
N ALA A 49 -15.99 0.48 -9.67
CA ALA A 49 -15.57 -0.30 -10.83
C ALA A 49 -14.24 0.20 -11.37
N ASN A 50 -13.96 1.48 -11.18
CA ASN A 50 -12.73 2.09 -11.64
C ASN A 50 -12.03 2.84 -10.52
N PRO A 51 -10.79 2.44 -10.22
CA PRO A 51 -9.98 3.07 -9.17
C PRO A 51 -9.54 4.49 -9.55
N LEU A 52 -9.52 5.38 -8.57
CA LEU A 52 -9.12 6.77 -8.79
C LEU A 52 -7.66 6.84 -9.22
N ASP A 53 -6.78 6.28 -8.40
CA ASP A 53 -5.35 6.28 -8.70
C ASP A 53 -4.68 5.02 -8.14
N SER A 54 -3.42 4.82 -8.51
CA SER A 54 -2.66 3.66 -8.04
C SER A 54 -1.29 4.07 -7.54
N ILE A 55 -0.67 3.19 -6.76
CA ILE A 55 0.66 3.46 -6.22
C ILE A 55 1.58 2.26 -6.38
N ASP A 56 2.69 2.45 -7.07
CA ASP A 56 3.65 1.38 -7.29
C ASP A 56 4.46 1.10 -6.03
N LEU A 57 4.09 0.05 -5.32
CA LEU A 57 4.78 -0.34 -4.08
C LEU A 57 6.14 -0.94 -4.39
N SER A 58 6.32 -1.39 -5.63
CA SER A 58 7.59 -1.99 -6.05
C SER A 58 8.77 -1.12 -5.63
N SER A 59 8.57 0.19 -5.69
CA SER A 59 9.63 1.14 -5.31
C SER A 59 9.12 2.15 -4.30
N ALA A 60 8.18 1.72 -3.46
CA ALA A 60 7.62 2.58 -2.44
C ALA A 60 8.09 2.17 -1.04
N VAL A 61 8.35 3.16 -0.20
CA VAL A 61 8.81 2.90 1.16
C VAL A 61 7.81 3.43 2.19
N PHE A 62 7.22 2.52 2.95
CA PHE A 62 6.25 2.90 3.97
C PHE A 62 6.95 3.23 5.29
N ASP A 63 6.64 4.40 5.83
CA ASP A 63 7.23 4.85 7.09
C ASP A 63 6.15 5.33 8.06
N CYS A 64 6.53 5.48 9.32
CA CYS A 64 5.59 5.94 10.34
C CYS A 64 5.91 7.37 10.77
N LYS A 65 4.87 8.19 10.89
CA LYS A 65 5.04 9.58 11.28
C LYS A 65 5.46 9.69 12.75
N ALA A 66 5.61 10.92 13.23
CA ALA A 66 6.00 11.14 14.62
C ALA A 66 4.86 10.84 15.57
N ASP A 67 3.64 11.16 15.16
CA ASP A 67 2.46 10.91 15.99
C ASP A 67 1.84 9.56 15.66
N ALA A 68 2.69 8.57 15.44
CA ALA A 68 2.24 7.22 15.11
C ALA A 68 1.33 6.68 16.22
N GLU A 69 1.38 7.31 17.38
CA GLU A 69 0.57 6.89 18.52
C GLU A 69 -0.85 6.55 18.07
N GLU A 70 -1.33 7.27 17.06
CA GLU A 70 -2.67 7.06 16.54
C GLU A 70 -2.66 6.05 15.39
N GLY A 71 -1.56 5.99 14.67
CA GLY A 71 -1.43 5.07 13.56
C GLY A 71 -1.33 5.78 12.22
N ILE A 72 -0.37 6.67 12.10
CA ILE A 72 -0.17 7.42 10.86
C ILE A 72 1.14 7.04 10.19
N PHE A 73 1.10 6.82 8.88
CA PHE A 73 2.28 6.45 8.12
C PHE A 73 2.40 7.29 6.85
N GLU A 74 3.44 7.03 6.07
CA GLU A 74 3.67 7.76 4.83
C GLU A 74 4.36 6.88 3.80
N ILE A 75 3.86 6.92 2.57
CA ILE A 75 4.44 6.12 1.50
C ILE A 75 5.31 6.98 0.59
N LYS A 76 6.63 6.90 0.79
CA LYS A 76 7.58 7.66 0.00
C LYS A 76 7.86 6.95 -1.33
N THR A 77 7.53 7.63 -2.43
CA THR A 77 7.76 7.07 -3.76
C THR A 77 8.49 8.06 -4.66
N PRO A 78 9.18 7.53 -5.67
CA PRO A 78 9.93 8.37 -6.63
C PRO A 78 9.02 9.17 -7.55
N SER A 79 7.72 9.07 -7.30
CA SER A 79 6.74 9.80 -8.11
C SER A 79 6.03 10.86 -7.27
N ARG A 80 5.47 10.45 -6.15
CA ARG A 80 4.76 11.38 -5.26
C ARG A 80 4.56 10.75 -3.88
N VAL A 81 4.95 11.48 -2.84
CA VAL A 81 4.81 11.00 -1.48
C VAL A 81 3.35 11.07 -1.03
N ILE A 82 2.95 10.07 -0.23
CA ILE A 82 1.58 10.02 0.27
C ILE A 82 1.56 9.82 1.78
N THR A 83 0.51 10.30 2.42
CA THR A 83 0.36 10.19 3.87
C THR A 83 -0.96 9.55 4.24
N LEU A 84 -0.94 8.25 4.51
CA LEU A 84 -2.15 7.51 4.87
C LEU A 84 -2.11 7.12 6.35
N LYS A 85 -3.29 6.89 6.92
CA LYS A 85 -3.40 6.50 8.32
C LYS A 85 -4.24 5.24 8.47
N ALA A 86 -4.01 4.51 9.55
CA ALA A 86 -4.77 3.28 9.82
C ALA A 86 -5.68 3.45 11.03
N ALA A 87 -6.57 2.49 11.22
CA ALA A 87 -7.51 2.53 12.35
C ALA A 87 -6.78 2.81 13.66
N THR A 88 -5.75 2.02 13.95
CA THR A 88 -4.97 2.19 15.16
C THR A 88 -3.49 1.95 14.91
N LYS A 89 -2.69 2.07 15.97
CA LYS A 89 -1.25 1.86 15.86
C LYS A 89 -0.94 0.46 15.37
N GLN A 90 -1.71 -0.51 15.83
CA GLN A 90 -1.52 -1.91 15.44
C GLN A 90 -2.04 -2.15 14.02
N ALA A 91 -2.88 -1.24 13.55
CA ALA A 91 -3.45 -1.35 12.21
C ALA A 91 -2.39 -1.12 11.13
N MET A 92 -1.85 0.10 11.11
CA MET A 92 -0.82 0.45 10.14
C MET A 92 0.25 -0.64 10.05
N LEU A 93 0.71 -1.09 11.21
CA LEU A 93 1.73 -2.12 11.28
C LEU A 93 1.41 -3.28 10.32
N TYR A 94 0.12 -3.59 10.20
CA TYR A 94 -0.32 -4.66 9.31
C TYR A 94 -0.16 -4.27 7.85
N TRP A 95 -0.43 -3.00 7.55
CA TRP A 95 -0.32 -2.49 6.19
C TRP A 95 1.14 -2.43 5.76
N LEU A 96 1.97 -1.83 6.59
CA LEU A 96 3.40 -1.70 6.29
C LEU A 96 4.06 -3.07 6.18
N GLN A 97 3.67 -3.98 7.08
CA GLN A 97 4.22 -5.33 7.08
C GLN A 97 3.76 -6.11 5.85
N GLN A 98 2.46 -6.08 5.60
CA GLN A 98 1.88 -6.79 4.46
C GLN A 98 2.34 -6.15 3.15
N LEU A 99 2.00 -4.88 2.95
CA LEU A 99 2.37 -4.17 1.73
C LEU A 99 3.76 -4.59 1.27
N GLN A 100 4.68 -4.74 2.22
CA GLN A 100 6.05 -5.13 1.90
C GLN A 100 6.09 -6.54 1.29
N MET A 101 5.51 -7.49 2.00
CA MET A 101 5.47 -8.88 1.53
C MET A 101 5.34 -8.93 0.01
N LYS A 102 4.39 -8.18 -0.53
CA LYS A 102 4.16 -8.14 -1.96
C LYS A 102 5.42 -7.65 -2.70
N ARG A 103 5.92 -6.50 -2.29
CA ARG A 103 7.12 -5.93 -2.90
C ARG A 103 8.34 -6.80 -2.61
N TRP A 104 8.71 -6.88 -1.34
CA TRP A 104 9.87 -7.67 -0.93
C TRP A 104 9.91 -8.99 -1.68
N GLU A 105 8.75 -9.61 -1.87
CA GLU A 105 8.66 -10.88 -2.57
C GLU A 105 9.27 -10.77 -3.97
N PHE A 106 8.88 -9.73 -4.70
CA PHE A 106 9.38 -9.50 -6.05
C PHE A 106 10.90 -9.38 -6.05
N HIS A 107 11.42 -8.64 -5.09
CA HIS A 107 12.87 -8.45 -4.98
C HIS A 107 13.58 -9.76 -4.69
N ASN A 108 13.08 -10.48 -3.67
CA ASN A 108 13.67 -11.76 -3.29
C ASN A 108 13.62 -12.75 -4.44
N SER A 109 12.41 -13.03 -4.92
CA SER A 109 12.22 -13.96 -6.02
C SER A 109 12.88 -13.44 -7.30
N PRO A 110 13.52 -14.36 -8.05
CA PRO A 110 14.20 -14.01 -9.29
C PRO A 110 13.22 -13.65 -10.41
N PRO A 111 13.45 -12.49 -11.05
CA PRO A 111 12.60 -12.00 -12.13
C PRO A 111 12.74 -12.83 -13.40
N ALA A 112 11.88 -12.58 -14.37
CA ALA A 112 11.92 -13.30 -15.64
C ALA A 112 13.15 -12.92 -16.45
N PRO A 113 13.63 -13.87 -17.27
CA PRO A 113 14.81 -13.65 -18.12
C PRO A 113 14.54 -12.67 -19.25
N SER A 114 13.27 -12.51 -19.60
CA SER A 114 12.88 -11.59 -20.66
C SER A 114 13.57 -10.24 -20.50
N GLY A 115 13.47 -9.68 -19.31
CA GLY A 115 14.10 -8.40 -19.04
C GLY A 115 13.31 -7.24 -19.63
N PRO A 116 13.60 -6.01 -19.16
CA PRO A 116 12.93 -4.80 -19.63
C PRO A 116 13.30 -4.45 -21.07
N SER A 117 12.37 -3.82 -21.77
CA SER A 117 12.60 -3.44 -23.17
C SER A 117 12.93 -4.65 -24.03
N SER A 118 12.20 -5.74 -23.80
CA SER A 118 12.42 -6.97 -24.55
C SER A 118 12.04 -6.79 -26.02
N GLY A 119 13.05 -6.71 -26.88
CA GLY A 119 12.81 -6.54 -28.30
C GLY A 119 13.41 -5.27 -28.84
N GLY A 1 0.95 -22.91 11.06
CA GLY A 1 0.87 -24.14 10.30
C GLY A 1 0.08 -23.97 9.01
N SER A 2 0.80 -23.76 7.90
CA SER A 2 0.16 -23.58 6.61
C SER A 2 -0.21 -24.92 5.99
N SER A 3 -1.45 -25.02 5.51
CA SER A 3 -1.93 -26.25 4.89
C SER A 3 -2.53 -25.97 3.51
N GLY A 4 -3.55 -25.12 3.49
CA GLY A 4 -4.21 -24.77 2.23
C GLY A 4 -4.79 -23.37 2.25
N SER A 5 -5.69 -23.10 1.31
CA SER A 5 -6.32 -21.79 1.21
C SER A 5 -5.28 -20.68 1.31
N SER A 6 -4.21 -20.81 0.54
CA SER A 6 -3.14 -19.82 0.54
C SER A 6 -3.55 -18.58 -0.24
N GLY A 7 -3.61 -17.44 0.46
CA GLY A 7 -3.99 -16.20 -0.19
C GLY A 7 -4.84 -15.32 0.71
N LYS A 8 -4.27 -14.22 1.17
CA LYS A 8 -4.99 -13.29 2.05
C LYS A 8 -4.97 -11.88 1.46
N LYS A 9 -5.96 -11.59 0.62
CA LYS A 9 -6.06 -10.27 0.00
C LYS A 9 -5.70 -9.17 0.99
N LEU A 10 -5.29 -8.02 0.46
CA LEU A 10 -4.93 -6.89 1.29
C LEU A 10 -5.73 -5.64 0.91
N CYS A 11 -6.73 -5.32 1.73
CA CYS A 11 -7.57 -4.15 1.48
C CYS A 11 -7.95 -3.47 2.78
N GLY A 12 -8.41 -2.22 2.68
CA GLY A 12 -8.79 -1.47 3.86
C GLY A 12 -8.94 0.01 3.59
N TYR A 13 -9.83 0.66 4.34
CA TYR A 13 -10.07 2.08 4.18
C TYR A 13 -8.99 2.91 4.87
N LEU A 14 -8.53 3.95 4.20
CA LEU A 14 -7.49 4.82 4.75
C LEU A 14 -7.83 6.29 4.52
N SER A 15 -7.05 7.18 5.13
CA SER A 15 -7.28 8.61 5.01
C SER A 15 -6.07 9.30 4.38
N LYS A 16 -6.24 9.84 3.19
CA LYS A 16 -5.17 10.52 2.49
C LYS A 16 -5.07 11.98 2.94
N PHE A 17 -3.88 12.36 3.42
CA PHE A 17 -3.66 13.72 3.88
C PHE A 17 -3.30 14.64 2.71
N GLY A 18 -4.21 15.55 2.38
CA GLY A 18 -3.96 16.47 1.29
C GLY A 18 -4.58 16.00 -0.01
N GLY A 19 -5.83 16.39 -0.24
CA GLY A 19 -6.51 15.99 -1.46
C GLY A 19 -7.73 16.85 -1.74
N LYS A 20 -8.44 17.23 -0.68
CA LYS A 20 -9.64 18.05 -0.82
C LYS A 20 -9.45 19.12 -1.90
N GLY A 21 -8.40 19.92 -1.75
CA GLY A 21 -8.12 20.97 -2.73
C GLY A 21 -6.92 21.80 -2.34
N PRO A 22 -7.13 23.12 -2.18
CA PRO A 22 -6.07 24.05 -1.82
C PRO A 22 -5.59 23.86 -0.38
N ILE A 23 -6.45 23.25 0.45
CA ILE A 23 -6.11 23.00 1.84
C ILE A 23 -5.77 21.53 2.08
N ARG A 24 -4.99 21.27 3.11
CA ARG A 24 -4.60 19.91 3.44
C ARG A 24 -5.47 19.35 4.56
N GLY A 25 -6.01 18.14 4.33
CA GLY A 25 -6.86 17.51 5.32
C GLY A 25 -7.09 16.05 5.04
N TRP A 26 -7.37 15.29 6.10
CA TRP A 26 -7.61 13.85 5.96
C TRP A 26 -8.97 13.57 5.35
N LYS A 27 -9.01 12.79 4.28
CA LYS A 27 -10.25 12.46 3.61
C LYS A 27 -10.48 10.95 3.62
N SER A 28 -11.74 10.54 3.82
CA SER A 28 -12.09 9.14 3.85
C SER A 28 -12.15 8.56 2.45
N ARG A 29 -11.28 7.58 2.16
CA ARG A 29 -11.24 6.95 0.85
C ARG A 29 -11.02 5.45 0.99
N TRP A 30 -11.37 4.71 -0.05
CA TRP A 30 -11.21 3.26 -0.06
C TRP A 30 -9.91 2.85 -0.73
N PHE A 31 -9.06 2.17 0.03
CA PHE A 31 -7.77 1.72 -0.50
C PHE A 31 -7.72 0.20 -0.60
N PHE A 32 -7.17 -0.29 -1.71
CA PHE A 32 -7.06 -1.73 -1.93
C PHE A 32 -5.85 -2.06 -2.80
N TYR A 33 -5.18 -3.15 -2.47
CA TYR A 33 -3.99 -3.56 -3.22
C TYR A 33 -4.39 -4.39 -4.45
N ASP A 34 -3.51 -4.41 -5.44
CA ASP A 34 -3.76 -5.14 -6.68
C ASP A 34 -2.61 -6.10 -6.98
N GLU A 35 -2.85 -7.39 -6.78
CA GLU A 35 -1.83 -8.40 -7.04
C GLU A 35 -1.70 -8.68 -8.53
N ARG A 36 -2.60 -8.09 -9.31
CA ARG A 36 -2.59 -8.28 -10.76
C ARG A 36 -1.44 -7.50 -11.40
N LYS A 37 -1.29 -6.24 -10.99
CA LYS A 37 -0.23 -5.39 -11.51
C LYS A 37 0.74 -4.99 -10.41
N CYS A 38 0.66 -5.67 -9.28
CA CYS A 38 1.54 -5.39 -8.15
C CYS A 38 1.52 -3.90 -7.82
N GLN A 39 0.32 -3.32 -7.73
CA GLN A 39 0.16 -1.92 -7.42
C GLN A 39 -1.02 -1.69 -6.48
N LEU A 40 -0.95 -0.62 -5.70
CA LEU A 40 -2.02 -0.30 -4.75
C LEU A 40 -2.99 0.71 -5.35
N TYR A 41 -4.23 0.28 -5.54
CA TYR A 41 -5.27 1.15 -6.11
C TYR A 41 -6.27 1.57 -5.05
N TYR A 42 -6.86 2.73 -5.23
CA TYR A 42 -7.84 3.25 -4.28
C TYR A 42 -8.92 4.06 -4.99
N SER A 43 -10.15 4.00 -4.49
CA SER A 43 -11.27 4.72 -5.08
C SER A 43 -12.20 5.25 -4.01
N ARG A 44 -13.31 5.84 -4.43
CA ARG A 44 -14.29 6.40 -3.51
C ARG A 44 -14.81 5.32 -2.55
N THR A 45 -15.22 4.18 -3.12
CA THR A 45 -15.73 3.08 -2.33
C THR A 45 -15.30 1.74 -2.90
N ALA A 46 -15.76 0.66 -2.28
CA ALA A 46 -15.42 -0.69 -2.73
C ALA A 46 -16.28 -1.11 -3.91
N GLN A 47 -17.39 -0.39 -4.12
CA GLN A 47 -18.30 -0.70 -5.20
C GLN A 47 -17.78 -0.16 -6.53
N ASP A 48 -16.95 0.89 -6.46
CA ASP A 48 -16.38 1.50 -7.64
C ASP A 48 -15.23 0.65 -8.18
N ALA A 49 -15.57 -0.51 -8.75
CA ALA A 49 -14.56 -1.41 -9.30
C ALA A 49 -13.43 -0.63 -9.96
N ASN A 50 -13.78 0.46 -10.62
CA ASN A 50 -12.78 1.30 -11.30
C ASN A 50 -12.02 2.15 -10.29
N PRO A 51 -10.72 1.85 -10.13
CA PRO A 51 -9.86 2.59 -9.19
C PRO A 51 -9.56 4.00 -9.67
N LEU A 52 -9.68 4.96 -8.76
CA LEU A 52 -9.43 6.35 -9.09
C LEU A 52 -7.94 6.60 -9.35
N ASP A 53 -7.10 6.17 -8.42
CA ASP A 53 -5.66 6.32 -8.56
C ASP A 53 -4.92 5.19 -7.87
N SER A 54 -3.68 4.94 -8.30
CA SER A 54 -2.88 3.87 -7.74
C SER A 54 -1.47 4.38 -7.40
N ILE A 55 -0.76 3.62 -6.57
CA ILE A 55 0.60 3.99 -6.18
C ILE A 55 1.58 2.85 -6.43
N ASP A 56 2.64 3.15 -7.16
CA ASP A 56 3.66 2.16 -7.47
C ASP A 56 4.42 1.73 -6.21
N LEU A 57 4.09 0.55 -5.70
CA LEU A 57 4.74 0.04 -4.50
C LEU A 57 6.07 -0.64 -4.84
N SER A 58 6.17 -1.15 -6.07
CA SER A 58 7.38 -1.83 -6.52
C SER A 58 8.62 -1.09 -6.05
N SER A 59 8.52 0.25 -5.97
CA SER A 59 9.64 1.07 -5.54
C SER A 59 9.18 2.10 -4.50
N ALA A 60 8.30 1.67 -3.61
CA ALA A 60 7.79 2.55 -2.57
C ALA A 60 8.25 2.11 -1.19
N VAL A 61 8.63 3.07 -0.35
CA VAL A 61 9.10 2.78 1.00
C VAL A 61 8.10 3.27 2.05
N PHE A 62 7.56 2.34 2.82
CA PHE A 62 6.59 2.68 3.86
C PHE A 62 7.30 3.04 5.16
N ASP A 63 6.89 4.15 5.77
CA ASP A 63 7.48 4.61 7.01
C ASP A 63 6.40 4.99 8.01
N CYS A 64 6.81 5.30 9.24
CA CYS A 64 5.89 5.68 10.30
C CYS A 64 6.26 7.03 10.90
N LYS A 65 5.29 7.92 11.01
CA LYS A 65 5.52 9.25 11.56
C LYS A 65 5.80 9.17 13.06
N ALA A 66 6.11 10.31 13.67
CA ALA A 66 6.40 10.37 15.10
C ALA A 66 5.13 10.19 15.91
N ASP A 67 4.02 10.68 15.39
CA ASP A 67 2.74 10.57 16.09
C ASP A 67 2.06 9.25 15.76
N ALA A 68 2.86 8.18 15.65
CA ALA A 68 2.34 6.86 15.35
C ALA A 68 1.40 6.38 16.44
N GLU A 69 1.46 7.03 17.60
CA GLU A 69 0.61 6.66 18.73
C GLU A 69 -0.83 6.42 18.27
N GLU A 70 -1.21 7.06 17.17
CA GLU A 70 -2.56 6.92 16.64
C GLU A 70 -2.58 5.91 15.50
N GLY A 71 -1.49 5.84 14.74
CA GLY A 71 -1.40 4.91 13.63
C GLY A 71 -1.28 5.61 12.30
N ILE A 72 -0.25 6.42 12.15
CA ILE A 72 -0.02 7.16 10.91
C ILE A 72 1.29 6.73 10.24
N PHE A 73 1.26 6.61 8.91
CA PHE A 73 2.44 6.21 8.16
C PHE A 73 2.62 7.09 6.92
N GLU A 74 3.67 6.81 6.16
CA GLU A 74 3.95 7.57 4.95
C GLU A 74 4.66 6.71 3.91
N ILE A 75 4.19 6.78 2.67
CA ILE A 75 4.77 6.01 1.57
C ILE A 75 5.63 6.89 0.67
N LYS A 76 6.95 6.79 0.84
CA LYS A 76 7.87 7.57 0.03
C LYS A 76 8.11 6.92 -1.32
N THR A 77 7.77 7.63 -2.39
CA THR A 77 7.94 7.12 -3.75
C THR A 77 8.67 8.12 -4.63
N PRO A 78 9.40 7.61 -5.63
CA PRO A 78 10.15 8.45 -6.57
C PRO A 78 9.24 9.25 -7.51
N SER A 79 7.94 9.12 -7.29
CA SER A 79 6.95 9.82 -8.12
C SER A 79 6.21 10.87 -7.29
N ARG A 80 5.71 10.46 -6.14
CA ARG A 80 4.97 11.36 -5.26
C ARG A 80 4.79 10.74 -3.88
N VAL A 81 5.15 11.50 -2.85
CA VAL A 81 5.04 11.03 -1.47
C VAL A 81 3.59 11.03 -1.01
N ILE A 82 3.14 9.89 -0.49
CA ILE A 82 1.77 9.76 -0.02
C ILE A 82 1.73 9.65 1.51
N THR A 83 0.61 10.08 2.10
CA THR A 83 0.44 10.03 3.54
C THR A 83 -0.89 9.39 3.92
N LEU A 84 -0.84 8.14 4.36
CA LEU A 84 -2.04 7.41 4.76
C LEU A 84 -1.96 6.98 6.21
N LYS A 85 -3.11 6.96 6.89
CA LYS A 85 -3.17 6.57 8.29
C LYS A 85 -4.14 5.40 8.48
N ALA A 86 -3.88 4.58 9.49
CA ALA A 86 -4.74 3.43 9.78
C ALA A 86 -5.60 3.69 11.02
N ALA A 87 -6.53 2.78 11.28
CA ALA A 87 -7.42 2.90 12.43
C ALA A 87 -6.62 3.14 13.71
N THR A 88 -5.94 2.11 14.18
CA THR A 88 -5.14 2.19 15.40
C THR A 88 -3.66 2.03 15.09
N LYS A 89 -2.84 2.04 16.14
CA LYS A 89 -1.40 1.88 15.99
C LYS A 89 -1.05 0.53 15.39
N GLN A 90 -1.78 -0.51 15.83
CA GLN A 90 -1.55 -1.85 15.33
C GLN A 90 -2.07 -2.01 13.91
N ALA A 91 -3.07 -1.19 13.56
CA ALA A 91 -3.66 -1.24 12.23
C ALA A 91 -2.61 -0.98 11.15
N MET A 92 -2.05 0.23 11.15
CA MET A 92 -1.03 0.59 10.16
C MET A 92 0.08 -0.46 10.12
N LEU A 93 0.54 -0.86 11.29
CA LEU A 93 1.61 -1.86 11.38
C LEU A 93 1.34 -3.04 10.45
N TYR A 94 0.07 -3.44 10.36
CA TYR A 94 -0.33 -4.54 9.50
C TYR A 94 -0.16 -4.18 8.03
N TRP A 95 -0.47 -2.94 7.69
CA TRP A 95 -0.34 -2.47 6.32
C TRP A 95 1.12 -2.37 5.90
N LEU A 96 1.89 -1.61 6.66
CA LEU A 96 3.31 -1.42 6.37
C LEU A 96 4.02 -2.77 6.26
N GLN A 97 3.63 -3.71 7.11
CA GLN A 97 4.23 -5.05 7.11
C GLN A 97 3.84 -5.81 5.85
N GLN A 98 2.54 -6.03 5.67
CA GLN A 98 2.04 -6.75 4.51
C GLN A 98 2.47 -6.07 3.21
N LEU A 99 2.10 -4.80 3.06
CA LEU A 99 2.46 -4.04 1.87
C LEU A 99 3.82 -4.48 1.34
N GLN A 100 4.75 -4.75 2.25
CA GLN A 100 6.10 -5.18 1.86
C GLN A 100 6.07 -6.57 1.24
N MET A 101 5.40 -7.50 1.92
CA MET A 101 5.30 -8.87 1.43
C MET A 101 5.18 -8.90 -0.09
N LYS A 102 4.23 -8.15 -0.63
CA LYS A 102 4.03 -8.09 -2.07
C LYS A 102 5.31 -7.67 -2.79
N ARG A 103 5.77 -6.46 -2.52
CA ARG A 103 6.99 -5.95 -3.14
C ARG A 103 8.19 -6.82 -2.77
N TRP A 104 8.54 -6.83 -1.49
CA TRP A 104 9.67 -7.61 -1.01
C TRP A 104 9.73 -8.96 -1.71
N GLU A 105 8.59 -9.64 -1.78
CA GLU A 105 8.52 -10.94 -2.44
C GLU A 105 9.26 -10.93 -3.77
N PHE A 106 8.95 -9.94 -4.61
CA PHE A 106 9.58 -9.82 -5.91
C PHE A 106 11.10 -9.68 -5.76
N HIS A 107 11.52 -8.75 -4.91
CA HIS A 107 12.94 -8.51 -4.68
C HIS A 107 13.65 -9.81 -4.31
N ASN A 108 12.92 -10.73 -3.70
CA ASN A 108 13.49 -12.00 -3.29
C ASN A 108 13.83 -12.86 -4.49
N SER A 109 12.91 -12.94 -5.44
CA SER A 109 13.12 -13.73 -6.65
C SER A 109 14.55 -13.61 -7.14
N PRO A 110 15.03 -14.65 -7.83
CA PRO A 110 16.39 -14.70 -8.36
C PRO A 110 16.60 -13.71 -9.51
N PRO A 111 17.49 -12.73 -9.29
CA PRO A 111 17.80 -11.71 -10.31
C PRO A 111 18.56 -12.28 -11.50
N ALA A 112 19.00 -11.40 -12.39
CA ALA A 112 19.74 -11.82 -13.57
C ALA A 112 21.19 -12.15 -13.22
N PRO A 113 21.80 -13.07 -13.99
CA PRO A 113 23.18 -13.49 -13.78
C PRO A 113 24.18 -12.39 -14.14
N SER A 114 24.73 -11.75 -13.11
CA SER A 114 25.70 -10.68 -13.32
C SER A 114 27.09 -11.10 -12.84
N GLY A 115 28.08 -10.27 -13.12
CA GLY A 115 29.44 -10.58 -12.72
C GLY A 115 29.65 -10.43 -11.22
N PRO A 116 30.51 -9.47 -10.84
CA PRO A 116 30.82 -9.21 -9.43
C PRO A 116 29.65 -8.59 -8.69
N SER A 117 29.41 -9.07 -7.46
CA SER A 117 28.31 -8.56 -6.65
C SER A 117 28.83 -8.00 -5.33
N SER A 118 29.00 -6.69 -5.28
CA SER A 118 29.48 -6.03 -4.07
C SER A 118 28.67 -6.43 -2.85
N GLY A 119 29.36 -6.83 -1.78
CA GLY A 119 28.68 -7.24 -0.57
C GLY A 119 27.51 -8.16 -0.85
N GLY A 1 6.77 -9.52 13.86
CA GLY A 1 5.34 -9.25 13.78
C GLY A 1 4.54 -10.49 13.41
N SER A 2 3.22 -10.39 13.50
CA SER A 2 2.34 -11.50 13.18
C SER A 2 0.99 -11.01 12.67
N SER A 3 0.23 -11.91 12.05
CA SER A 3 -1.07 -11.56 11.50
C SER A 3 -1.79 -12.80 10.99
N GLY A 4 -3.09 -12.66 10.73
CA GLY A 4 -3.87 -13.78 10.24
C GLY A 4 -4.74 -13.40 9.06
N SER A 5 -4.14 -12.79 8.05
CA SER A 5 -4.87 -12.36 6.86
C SER A 5 -5.83 -13.46 6.40
N SER A 6 -5.42 -14.71 6.58
CA SER A 6 -6.24 -15.84 6.18
C SER A 6 -6.61 -15.76 4.71
N GLY A 7 -5.62 -15.45 3.87
CA GLY A 7 -5.86 -15.34 2.45
C GLY A 7 -4.76 -14.56 1.74
N LYS A 8 -4.96 -14.32 0.45
CA LYS A 8 -3.98 -13.58 -0.35
C LYS A 8 -4.57 -12.26 -0.84
N LYS A 9 -5.34 -11.61 0.01
CA LYS A 9 -5.96 -10.33 -0.33
C LYS A 9 -5.62 -9.27 0.71
N LEU A 10 -5.38 -8.05 0.24
CA LEU A 10 -5.05 -6.93 1.13
C LEU A 10 -5.87 -5.70 0.78
N CYS A 11 -6.85 -5.38 1.64
CA CYS A 11 -7.69 -4.21 1.43
C CYS A 11 -8.03 -3.54 2.75
N GLY A 12 -8.50 -2.30 2.68
CA GLY A 12 -8.84 -1.56 3.87
C GLY A 12 -9.07 -0.08 3.60
N TYR A 13 -9.78 0.58 4.50
CA TYR A 13 -10.08 2.00 4.34
C TYR A 13 -9.02 2.85 5.05
N LEU A 14 -8.59 3.92 4.39
CA LEU A 14 -7.59 4.82 4.95
C LEU A 14 -8.01 6.27 4.81
N SER A 15 -7.31 7.17 5.50
CA SER A 15 -7.62 8.59 5.46
C SER A 15 -6.56 9.35 4.65
N LYS A 16 -6.93 9.77 3.45
CA LYS A 16 -6.02 10.51 2.59
C LYS A 16 -5.80 11.93 3.11
N PHE A 17 -4.57 12.24 3.48
CA PHE A 17 -4.23 13.55 3.99
C PHE A 17 -3.90 14.51 2.85
N GLY A 18 -4.12 15.80 3.09
CA GLY A 18 -3.83 16.80 2.07
C GLY A 18 -4.34 16.39 0.70
N GLY A 19 -3.52 16.60 -0.32
CA GLY A 19 -3.91 16.25 -1.67
C GLY A 19 -4.70 17.35 -2.36
N LYS A 20 -5.72 16.96 -3.12
CA LYS A 20 -6.55 17.92 -3.82
C LYS A 20 -7.27 18.84 -2.84
N GLY A 21 -6.69 20.00 -2.60
CA GLY A 21 -7.28 20.96 -1.68
C GLY A 21 -6.26 21.93 -1.11
N PRO A 22 -6.73 23.15 -0.79
CA PRO A 22 -5.86 24.20 -0.23
C PRO A 22 -5.42 23.89 1.19
N ILE A 23 -6.30 23.22 1.95
CA ILE A 23 -6.00 22.86 3.32
C ILE A 23 -5.47 21.44 3.41
N ARG A 24 -5.03 21.04 4.60
CA ARG A 24 -4.50 19.70 4.82
C ARG A 24 -5.32 18.96 5.87
N GLY A 25 -6.34 18.23 5.42
CA GLY A 25 -7.18 17.49 6.34
C GLY A 25 -7.36 16.05 5.92
N TRP A 26 -7.81 15.21 6.85
CA TRP A 26 -8.02 13.79 6.56
C TRP A 26 -9.34 13.58 5.84
N LYS A 27 -9.29 12.85 4.73
CA LYS A 27 -10.49 12.57 3.94
C LYS A 27 -10.76 11.06 3.88
N SER A 28 -12.00 10.71 3.57
CA SER A 28 -12.40 9.30 3.49
C SER A 28 -12.09 8.74 2.11
N ARG A 29 -11.14 7.81 2.05
CA ARG A 29 -10.75 7.18 0.79
C ARG A 29 -10.50 5.70 0.98
N TRP A 30 -11.05 4.89 0.08
CA TRP A 30 -10.87 3.44 0.14
C TRP A 30 -9.60 3.01 -0.59
N PHE A 31 -8.81 2.17 0.07
CA PHE A 31 -7.57 1.68 -0.51
C PHE A 31 -7.59 0.16 -0.65
N PHE A 32 -7.25 -0.33 -1.84
CA PHE A 32 -7.23 -1.77 -2.09
C PHE A 32 -6.02 -2.15 -2.94
N TYR A 33 -5.39 -3.26 -2.58
CA TYR A 33 -4.22 -3.74 -3.31
C TYR A 33 -4.63 -4.59 -4.51
N ASP A 34 -3.91 -4.44 -5.62
CA ASP A 34 -4.19 -5.21 -6.83
C ASP A 34 -3.07 -6.18 -7.14
N GLU A 35 -3.28 -7.45 -6.79
CA GLU A 35 -2.28 -8.48 -7.03
C GLU A 35 -2.11 -8.75 -8.51
N ARG A 36 -2.97 -8.12 -9.32
CA ARG A 36 -2.91 -8.29 -10.77
C ARG A 36 -1.72 -7.54 -11.36
N LYS A 37 -1.50 -6.32 -10.89
CA LYS A 37 -0.40 -5.50 -11.37
C LYS A 37 0.58 -5.18 -10.24
N CYS A 38 0.48 -5.92 -9.15
CA CYS A 38 1.35 -5.72 -8.00
C CYS A 38 1.40 -4.25 -7.60
N GLN A 39 0.24 -3.60 -7.61
CA GLN A 39 0.15 -2.18 -7.26
C GLN A 39 -0.93 -1.96 -6.21
N LEU A 40 -1.05 -0.71 -5.75
CA LEU A 40 -2.04 -0.36 -4.75
C LEU A 40 -3.03 0.66 -5.30
N TYR A 41 -4.24 0.20 -5.61
CA TYR A 41 -5.28 1.07 -6.15
C TYR A 41 -6.25 1.49 -5.05
N TYR A 42 -6.53 2.79 -4.99
CA TYR A 42 -7.45 3.32 -3.99
C TYR A 42 -8.46 4.27 -4.63
N SER A 43 -9.72 4.15 -4.21
CA SER A 43 -10.79 4.98 -4.74
C SER A 43 -11.70 5.49 -3.62
N ARG A 44 -12.76 6.20 -3.99
CA ARG A 44 -13.70 6.73 -3.02
C ARG A 44 -14.38 5.61 -2.25
N THR A 45 -14.64 4.50 -2.94
CA THR A 45 -15.29 3.35 -2.31
C THR A 45 -14.63 2.04 -2.75
N ALA A 46 -15.11 0.94 -2.20
CA ALA A 46 -14.58 -0.37 -2.53
C ALA A 46 -15.26 -0.96 -3.77
N GLN A 47 -16.40 -0.38 -4.13
CA GLN A 47 -17.15 -0.84 -5.29
C GLN A 47 -17.05 0.16 -6.44
N ASP A 48 -15.98 0.95 -6.44
CA ASP A 48 -15.77 1.94 -7.49
C ASP A 48 -15.26 1.28 -8.77
N ALA A 49 -16.19 1.04 -9.70
CA ALA A 49 -15.83 0.42 -10.97
C ALA A 49 -14.46 0.86 -11.44
N ASN A 50 -14.17 2.15 -11.28
CA ASN A 50 -12.88 2.70 -11.69
C ASN A 50 -12.19 3.40 -10.53
N PRO A 51 -10.96 2.96 -10.21
CA PRO A 51 -10.17 3.54 -9.12
C PRO A 51 -9.69 4.96 -9.43
N LEU A 52 -9.51 5.75 -8.38
CA LEU A 52 -9.06 7.13 -8.54
C LEU A 52 -7.63 7.17 -9.06
N ASP A 53 -6.73 6.50 -8.35
CA ASP A 53 -5.32 6.46 -8.74
C ASP A 53 -4.63 5.21 -8.18
N SER A 54 -3.40 4.98 -8.62
CA SER A 54 -2.64 3.82 -8.16
C SER A 54 -1.23 4.23 -7.76
N ILE A 55 -0.56 3.36 -7.00
CA ILE A 55 0.80 3.62 -6.56
C ILE A 55 1.65 2.36 -6.62
N ASP A 56 2.79 2.45 -7.30
CA ASP A 56 3.70 1.32 -7.42
C ASP A 56 4.46 1.07 -6.12
N LEU A 57 4.10 0.00 -5.43
CA LEU A 57 4.75 -0.34 -4.16
C LEU A 57 6.14 -0.92 -4.40
N SER A 58 6.35 -1.50 -5.57
CA SER A 58 7.63 -2.09 -5.92
C SER A 58 8.77 -1.17 -5.51
N SER A 59 8.55 0.13 -5.66
CA SER A 59 9.56 1.13 -5.31
C SER A 59 9.01 2.15 -4.33
N ALA A 60 8.16 1.69 -3.41
CA ALA A 60 7.57 2.57 -2.41
C ALA A 60 7.98 2.16 -1.00
N VAL A 61 8.55 3.10 -0.26
CA VAL A 61 9.00 2.84 1.11
C VAL A 61 7.97 3.34 2.11
N PHE A 62 7.49 2.43 2.95
CA PHE A 62 6.50 2.78 3.96
C PHE A 62 7.18 3.10 5.30
N ASP A 63 6.89 4.27 5.84
CA ASP A 63 7.47 4.70 7.10
C ASP A 63 6.37 5.13 8.08
N CYS A 64 6.77 5.35 9.34
CA CYS A 64 5.83 5.77 10.37
C CYS A 64 6.11 7.20 10.82
N LYS A 65 5.06 8.00 10.94
CA LYS A 65 5.19 9.39 11.37
C LYS A 65 5.59 9.47 12.84
N ALA A 66 6.03 10.64 13.27
CA ALA A 66 6.43 10.85 14.65
C ALA A 66 5.32 10.44 15.61
N ASP A 67 4.10 10.88 15.32
CA ASP A 67 2.95 10.56 16.15
C ASP A 67 2.38 9.19 15.80
N ALA A 68 3.27 8.26 15.45
CA ALA A 68 2.85 6.91 15.09
C ALA A 68 1.99 6.29 16.18
N GLU A 69 2.18 6.75 17.41
CA GLU A 69 1.42 6.24 18.54
C GLU A 69 -0.05 6.03 18.16
N GLU A 70 -0.55 6.88 17.28
CA GLU A 70 -1.94 6.79 16.83
C GLU A 70 -2.07 5.80 15.67
N GLY A 71 -1.13 5.86 14.74
CA GLY A 71 -1.16 4.96 13.59
C GLY A 71 -1.06 5.70 12.28
N ILE A 72 -0.02 6.52 12.13
CA ILE A 72 0.18 7.28 10.91
C ILE A 72 1.46 6.86 10.20
N PHE A 73 1.36 6.66 8.88
CA PHE A 73 2.52 6.25 8.10
C PHE A 73 2.66 7.12 6.85
N GLU A 74 3.68 6.84 6.05
CA GLU A 74 3.93 7.61 4.84
C GLU A 74 4.59 6.74 3.77
N ILE A 75 4.09 6.82 2.55
CA ILE A 75 4.64 6.04 1.44
C ILE A 75 5.47 6.92 0.52
N LYS A 76 6.78 6.87 0.69
CA LYS A 76 7.70 7.66 -0.14
C LYS A 76 7.97 6.96 -1.47
N THR A 77 7.54 7.60 -2.55
CA THR A 77 7.73 7.05 -3.89
C THR A 77 8.41 8.04 -4.81
N PRO A 78 9.10 7.52 -5.84
CA PRO A 78 9.83 8.35 -6.81
C PRO A 78 8.88 9.14 -7.71
N SER A 79 7.59 9.06 -7.41
CA SER A 79 6.58 9.76 -8.20
C SER A 79 5.91 10.85 -7.37
N ARG A 80 5.43 10.47 -6.19
CA ARG A 80 4.76 11.41 -5.30
C ARG A 80 4.61 10.82 -3.90
N VAL A 81 4.97 11.62 -2.89
CA VAL A 81 4.88 11.18 -1.51
C VAL A 81 3.44 11.15 -1.04
N ILE A 82 3.01 10.01 -0.52
CA ILE A 82 1.65 9.85 -0.02
C ILE A 82 1.62 9.71 1.49
N THR A 83 0.61 10.30 2.12
CA THR A 83 0.47 10.24 3.57
C THR A 83 -0.88 9.66 3.97
N LEU A 84 -0.87 8.42 4.42
CA LEU A 84 -2.10 7.74 4.84
C LEU A 84 -1.99 7.24 6.28
N LYS A 85 -3.11 7.19 6.97
CA LYS A 85 -3.14 6.73 8.36
C LYS A 85 -4.04 5.50 8.50
N ALA A 86 -3.82 4.74 9.56
CA ALA A 86 -4.62 3.55 9.81
C ALA A 86 -5.42 3.68 11.10
N ALA A 87 -6.27 2.70 11.38
CA ALA A 87 -7.10 2.71 12.59
C ALA A 87 -6.27 3.06 13.81
N THR A 88 -5.39 2.13 14.21
CA THR A 88 -4.54 2.34 15.37
C THR A 88 -3.10 1.97 15.06
N LYS A 89 -2.23 2.14 16.06
CA LYS A 89 -0.81 1.82 15.90
C LYS A 89 -0.64 0.40 15.34
N GLN A 90 -1.57 -0.48 15.68
CA GLN A 90 -1.52 -1.86 15.21
C GLN A 90 -2.00 -1.97 13.77
N ALA A 91 -3.05 -1.23 13.45
CA ALA A 91 -3.61 -1.23 12.10
C ALA A 91 -2.52 -1.02 11.05
N MET A 92 -1.90 0.16 11.08
CA MET A 92 -0.85 0.47 10.13
C MET A 92 0.20 -0.64 10.08
N LEU A 93 0.65 -1.08 11.25
CA LEU A 93 1.65 -2.14 11.33
C LEU A 93 1.29 -3.30 10.41
N TYR A 94 0.00 -3.58 10.30
CA TYR A 94 -0.48 -4.68 9.45
C TYR A 94 -0.32 -4.31 7.98
N TRP A 95 -0.54 -3.06 7.65
CA TRP A 95 -0.42 -2.58 6.27
C TRP A 95 1.04 -2.50 5.85
N LEU A 96 1.86 -1.87 6.68
CA LEU A 96 3.29 -1.75 6.39
C LEU A 96 3.94 -3.12 6.24
N GLN A 97 3.64 -4.01 7.17
CA GLN A 97 4.20 -5.36 7.14
C GLN A 97 3.73 -6.12 5.91
N GLN A 98 2.41 -6.14 5.71
CA GLN A 98 1.83 -6.85 4.57
C GLN A 98 2.28 -6.21 3.25
N LEU A 99 1.94 -4.94 3.06
CA LEU A 99 2.31 -4.23 1.84
C LEU A 99 3.71 -4.63 1.38
N GLN A 100 4.63 -4.75 2.34
CA GLN A 100 6.01 -5.13 2.03
C GLN A 100 6.05 -6.50 1.34
N MET A 101 5.41 -7.48 1.95
CA MET A 101 5.38 -8.83 1.40
C MET A 101 5.21 -8.79 -0.11
N LYS A 102 4.28 -7.97 -0.59
CA LYS A 102 4.04 -7.84 -2.02
C LYS A 102 5.29 -7.38 -2.75
N ARG A 103 5.89 -6.29 -2.27
CA ARG A 103 7.10 -5.75 -2.87
C ARG A 103 8.29 -6.65 -2.60
N TRP A 104 8.67 -6.76 -1.34
CA TRP A 104 9.80 -7.58 -0.94
C TRP A 104 9.83 -8.89 -1.75
N GLU A 105 8.69 -9.54 -1.85
CA GLU A 105 8.59 -10.79 -2.59
C GLU A 105 9.30 -10.69 -3.94
N PHE A 106 8.98 -9.62 -4.68
CA PHE A 106 9.59 -9.41 -5.99
C PHE A 106 11.10 -9.24 -5.87
N HIS A 107 11.54 -8.74 -4.71
CA HIS A 107 12.96 -8.53 -4.46
C HIS A 107 13.64 -9.83 -4.04
N ASN A 108 12.93 -10.94 -4.19
CA ASN A 108 13.46 -12.25 -3.82
C ASN A 108 13.63 -13.13 -5.05
N SER A 109 13.44 -12.54 -6.23
CA SER A 109 13.57 -13.28 -7.48
C SER A 109 12.58 -14.44 -7.53
N PRO A 110 11.29 -14.13 -7.34
CA PRO A 110 10.22 -15.13 -7.36
C PRO A 110 9.97 -15.69 -8.75
N PRO A 111 9.19 -16.78 -8.82
CA PRO A 111 8.86 -17.43 -10.09
C PRO A 111 7.94 -16.59 -10.96
N ALA A 112 7.73 -17.03 -12.19
CA ALA A 112 6.87 -16.31 -13.12
C ALA A 112 5.69 -15.66 -12.39
N PRO A 113 5.39 -14.41 -12.77
CA PRO A 113 4.29 -13.65 -12.16
C PRO A 113 2.92 -14.21 -12.53
N SER A 114 1.86 -13.55 -12.05
CA SER A 114 0.51 -13.99 -12.33
C SER A 114 0.03 -13.44 -13.69
N GLY A 115 0.19 -12.14 -13.88
CA GLY A 115 -0.23 -11.52 -15.13
C GLY A 115 0.95 -10.99 -15.93
N PRO A 116 0.67 -10.04 -16.83
CA PRO A 116 1.69 -9.43 -17.69
C PRO A 116 2.65 -8.54 -16.89
N SER A 117 3.94 -8.80 -17.01
CA SER A 117 4.96 -8.03 -16.32
C SER A 117 6.26 -7.99 -17.11
N SER A 118 7.21 -7.19 -16.64
CA SER A 118 8.50 -7.05 -17.30
C SER A 118 9.60 -7.73 -16.50
N GLY A 119 10.81 -7.74 -17.05
CA GLY A 119 11.93 -8.36 -16.37
C GLY A 119 12.81 -7.35 -15.67
N GLY A 1 8.98 -13.52 8.73
CA GLY A 1 8.80 -14.22 9.98
C GLY A 1 7.38 -14.71 10.18
N SER A 2 6.62 -13.99 11.00
CA SER A 2 5.23 -14.35 11.27
C SER A 2 4.30 -13.79 10.20
N SER A 3 3.06 -14.27 10.19
CA SER A 3 2.08 -13.82 9.21
C SER A 3 0.66 -14.04 9.73
N GLY A 4 -0.19 -13.03 9.59
CA GLY A 4 -1.56 -13.13 10.05
C GLY A 4 -2.48 -12.13 9.37
N SER A 5 -2.87 -12.43 8.13
CA SER A 5 -3.74 -11.55 7.37
C SER A 5 -5.16 -12.10 7.32
N SER A 6 -6.12 -11.22 7.10
CA SER A 6 -7.53 -11.61 7.03
C SER A 6 -8.00 -11.68 5.59
N GLY A 7 -8.11 -12.90 5.06
CA GLY A 7 -8.56 -13.08 3.69
C GLY A 7 -7.40 -13.20 2.72
N LYS A 8 -7.69 -13.65 1.50
CA LYS A 8 -6.68 -13.80 0.48
C LYS A 8 -6.48 -12.50 -0.30
N LYS A 9 -6.41 -11.39 0.43
CA LYS A 9 -6.23 -10.09 -0.19
C LYS A 9 -5.85 -9.03 0.85
N LEU A 10 -5.41 -7.88 0.38
CA LEU A 10 -5.02 -6.80 1.28
C LEU A 10 -5.76 -5.51 0.93
N CYS A 11 -6.76 -5.16 1.73
CA CYS A 11 -7.56 -3.96 1.51
C CYS A 11 -7.90 -3.28 2.83
N GLY A 12 -8.36 -2.03 2.74
CA GLY A 12 -8.71 -1.29 3.94
C GLY A 12 -8.88 0.19 3.67
N TYR A 13 -9.80 0.82 4.39
CA TYR A 13 -10.06 2.25 4.23
C TYR A 13 -9.04 3.08 5.00
N LEU A 14 -8.54 4.13 4.35
CA LEU A 14 -7.56 5.01 4.98
C LEU A 14 -7.92 6.47 4.74
N SER A 15 -7.24 7.36 5.46
CA SER A 15 -7.48 8.79 5.34
C SER A 15 -6.28 9.50 4.71
N LYS A 16 -6.50 10.07 3.54
CA LYS A 16 -5.43 10.79 2.84
C LYS A 16 -5.33 12.23 3.32
N PHE A 17 -4.14 12.63 3.72
CA PHE A 17 -3.91 13.99 4.21
C PHE A 17 -3.54 14.92 3.06
N GLY A 18 -4.15 16.11 3.04
CA GLY A 18 -3.87 17.07 1.99
C GLY A 18 -3.89 16.44 0.61
N GLY A 19 -2.72 16.39 -0.03
CA GLY A 19 -2.64 15.81 -1.36
C GLY A 19 -3.46 16.58 -2.38
N LYS A 20 -4.67 16.10 -2.64
CA LYS A 20 -5.55 16.74 -3.60
C LYS A 20 -6.27 17.93 -2.97
N GLY A 21 -5.67 19.11 -3.14
CA GLY A 21 -6.27 20.32 -2.58
C GLY A 21 -5.23 21.30 -2.09
N PRO A 22 -5.57 22.60 -2.12
CA PRO A 22 -4.67 23.66 -1.67
C PRO A 22 -4.47 23.64 -0.16
N ILE A 23 -5.45 23.14 0.56
CA ILE A 23 -5.38 23.08 2.02
C ILE A 23 -4.76 21.75 2.47
N ARG A 24 -4.74 21.54 3.78
CA ARG A 24 -4.17 20.32 4.35
C ARG A 24 -5.14 19.68 5.34
N GLY A 25 -5.80 18.61 4.90
CA GLY A 25 -6.76 17.93 5.76
C GLY A 25 -6.96 16.48 5.36
N TRP A 26 -7.37 15.65 6.31
CA TRP A 26 -7.60 14.24 6.05
C TRP A 26 -8.87 14.03 5.23
N LYS A 27 -8.90 12.97 4.43
CA LYS A 27 -10.04 12.67 3.59
C LYS A 27 -10.27 11.17 3.50
N SER A 28 -11.50 10.74 3.78
CA SER A 28 -11.84 9.32 3.74
C SER A 28 -11.68 8.77 2.33
N ARG A 29 -10.79 7.79 2.18
CA ARG A 29 -10.55 7.18 0.88
C ARG A 29 -10.48 5.66 1.00
N TRP A 30 -10.88 4.97 -0.06
CA TRP A 30 -10.86 3.51 -0.07
C TRP A 30 -9.59 2.98 -0.75
N PHE A 31 -8.73 2.35 0.04
CA PHE A 31 -7.48 1.81 -0.48
C PHE A 31 -7.55 0.27 -0.56
N PHE A 32 -7.05 -0.27 -1.66
CA PHE A 32 -7.06 -1.71 -1.86
C PHE A 32 -5.88 -2.14 -2.74
N TYR A 33 -5.16 -3.16 -2.29
CA TYR A 33 -4.00 -3.66 -3.03
C TYR A 33 -4.45 -4.62 -4.14
N ASP A 34 -3.69 -4.63 -5.23
CA ASP A 34 -4.00 -5.49 -6.36
C ASP A 34 -2.98 -6.62 -6.48
N GLU A 35 -3.46 -7.84 -6.63
CA GLU A 35 -2.58 -9.00 -6.74
C GLU A 35 -2.45 -9.44 -8.20
N ARG A 36 -2.68 -8.50 -9.11
CA ARG A 36 -2.59 -8.78 -10.54
C ARG A 36 -1.43 -8.03 -11.17
N LYS A 37 -1.32 -6.75 -10.85
CA LYS A 37 -0.24 -5.91 -11.39
C LYS A 37 0.69 -5.45 -10.28
N CYS A 38 0.53 -6.04 -9.10
CA CYS A 38 1.37 -5.69 -7.95
C CYS A 38 1.39 -4.18 -7.73
N GLN A 39 0.20 -3.60 -7.63
CA GLN A 39 0.08 -2.15 -7.42
C GLN A 39 -1.03 -1.84 -6.43
N LEU A 40 -0.88 -0.73 -5.71
CA LEU A 40 -1.88 -0.31 -4.73
C LEU A 40 -2.87 0.67 -5.35
N TYR A 41 -4.11 0.22 -5.52
CA TYR A 41 -5.15 1.06 -6.09
C TYR A 41 -6.13 1.52 -5.02
N TYR A 42 -6.63 2.74 -5.16
CA TYR A 42 -7.58 3.30 -4.20
C TYR A 42 -8.59 4.21 -4.91
N SER A 43 -9.81 4.24 -4.38
CA SER A 43 -10.86 5.06 -4.95
C SER A 43 -11.73 5.68 -3.86
N ARG A 44 -12.74 6.43 -4.27
CA ARG A 44 -13.64 7.09 -3.32
C ARG A 44 -14.33 6.05 -2.42
N THR A 45 -14.79 4.97 -3.02
CA THR A 45 -15.47 3.91 -2.27
C THR A 45 -15.35 2.57 -2.98
N ALA A 46 -15.44 1.49 -2.23
CA ALA A 46 -15.34 0.15 -2.78
C ALA A 46 -16.33 -0.05 -3.92
N GLN A 47 -17.35 0.80 -3.97
CA GLN A 47 -18.37 0.72 -5.00
C GLN A 47 -17.80 1.13 -6.36
N ASP A 48 -16.76 1.95 -6.33
CA ASP A 48 -16.13 2.41 -7.57
C ASP A 48 -15.24 1.31 -8.16
N ALA A 49 -15.80 0.55 -9.11
CA ALA A 49 -15.07 -0.52 -9.75
C ALA A 49 -13.79 -0.01 -10.39
N ASN A 50 -13.75 1.29 -10.65
CA ASN A 50 -12.57 1.91 -11.27
C ASN A 50 -11.78 2.71 -10.24
N PRO A 51 -10.52 2.31 -10.01
CA PRO A 51 -9.63 2.99 -9.07
C PRO A 51 -9.21 4.37 -9.55
N LEU A 52 -9.37 5.36 -8.67
CA LEU A 52 -8.99 6.74 -9.01
C LEU A 52 -7.54 6.81 -9.44
N ASP A 53 -6.66 6.22 -8.65
CA ASP A 53 -5.24 6.22 -8.95
C ASP A 53 -4.55 4.99 -8.35
N SER A 54 -3.35 4.69 -8.85
CA SER A 54 -2.60 3.54 -8.35
C SER A 54 -1.18 3.93 -7.98
N ILE A 55 -0.59 3.20 -7.04
CA ILE A 55 0.77 3.48 -6.59
C ILE A 55 1.64 2.24 -6.67
N ASP A 56 2.71 2.33 -7.45
CA ASP A 56 3.64 1.21 -7.62
C ASP A 56 4.45 0.98 -6.34
N LEU A 57 4.07 -0.03 -5.57
CA LEU A 57 4.77 -0.35 -4.33
C LEU A 57 6.19 -0.79 -4.60
N SER A 58 6.43 -1.30 -5.81
CA SER A 58 7.76 -1.77 -6.20
C SER A 58 8.83 -0.75 -5.81
N SER A 59 8.55 0.52 -6.07
CA SER A 59 9.48 1.59 -5.75
C SER A 59 8.89 2.54 -4.71
N ALA A 60 8.02 2.00 -3.86
CA ALA A 60 7.39 2.79 -2.81
C ALA A 60 7.87 2.36 -1.43
N VAL A 61 8.28 3.33 -0.61
CA VAL A 61 8.75 3.05 0.73
C VAL A 61 7.75 3.50 1.78
N PHE A 62 7.38 2.58 2.67
CA PHE A 62 6.42 2.88 3.72
C PHE A 62 7.13 3.30 5.00
N ASP A 63 6.62 4.36 5.63
CA ASP A 63 7.21 4.87 6.87
C ASP A 63 6.13 5.20 7.89
N CYS A 64 6.54 5.39 9.13
CA CYS A 64 5.59 5.71 10.20
C CYS A 64 5.94 7.05 10.84
N LYS A 65 4.92 7.87 11.08
CA LYS A 65 5.12 9.18 11.69
C LYS A 65 5.64 9.05 13.11
N ALA A 66 5.89 10.19 13.75
CA ALA A 66 6.39 10.20 15.12
C ALA A 66 5.28 9.87 16.11
N ASP A 67 4.06 10.30 15.80
CA ASP A 67 2.92 10.06 16.66
C ASP A 67 2.22 8.75 16.28
N ALA A 68 2.99 7.80 15.76
CA ALA A 68 2.45 6.52 15.35
C ALA A 68 1.55 5.93 16.44
N GLU A 69 1.75 6.38 17.67
CA GLU A 69 0.96 5.90 18.80
C GLU A 69 -0.52 5.83 18.44
N GLU A 70 -0.91 6.62 17.45
CA GLU A 70 -2.30 6.65 17.00
C GLU A 70 -2.51 5.73 15.80
N GLY A 71 -1.55 5.74 14.89
CA GLY A 71 -1.64 4.91 13.69
C GLY A 71 -1.53 5.71 12.41
N ILE A 72 -0.40 6.39 12.23
CA ILE A 72 -0.16 7.19 11.04
C ILE A 72 1.09 6.74 10.31
N PHE A 73 1.02 6.72 8.98
CA PHE A 73 2.15 6.31 8.16
C PHE A 73 2.22 7.13 6.87
N GLU A 74 3.30 6.96 6.13
CA GLU A 74 3.48 7.68 4.87
C GLU A 74 4.29 6.86 3.88
N ILE A 75 3.90 6.92 2.61
CA ILE A 75 4.60 6.17 1.56
C ILE A 75 5.36 7.11 0.64
N LYS A 76 6.69 7.00 0.67
CA LYS A 76 7.54 7.85 -0.17
C LYS A 76 7.69 7.25 -1.56
N THR A 77 7.30 8.02 -2.58
CA THR A 77 7.39 7.56 -3.96
C THR A 77 8.08 8.60 -4.83
N PRO A 78 8.70 8.13 -5.93
CA PRO A 78 9.41 9.00 -6.87
C PRO A 78 8.45 9.89 -7.67
N SER A 79 7.17 9.81 -7.34
CA SER A 79 6.16 10.62 -8.03
C SER A 79 5.55 11.64 -7.09
N ARG A 80 5.11 11.19 -5.92
CA ARG A 80 4.50 12.07 -4.93
C ARG A 80 4.37 11.38 -3.58
N VAL A 81 4.85 12.04 -2.53
CA VAL A 81 4.79 11.48 -1.19
C VAL A 81 3.37 11.52 -0.63
N ILE A 82 2.76 10.35 -0.49
CA ILE A 82 1.40 10.24 0.03
C ILE A 82 1.41 10.12 1.55
N THR A 83 0.29 10.50 2.17
CA THR A 83 0.16 10.41 3.62
C THR A 83 -1.16 9.77 4.02
N LEU A 84 -1.10 8.51 4.43
CA LEU A 84 -2.29 7.78 4.84
C LEU A 84 -2.17 7.31 6.28
N LYS A 85 -3.27 7.39 7.02
CA LYS A 85 -3.29 6.96 8.42
C LYS A 85 -4.23 5.78 8.62
N ALA A 86 -3.88 4.90 9.54
CA ALA A 86 -4.70 3.73 9.82
C ALA A 86 -5.60 3.97 11.04
N ALA A 87 -6.33 2.94 11.44
CA ALA A 87 -7.22 3.03 12.59
C ALA A 87 -6.44 3.14 13.89
N THR A 88 -5.69 2.08 14.22
CA THR A 88 -4.90 2.06 15.44
C THR A 88 -3.44 1.78 15.13
N LYS A 89 -2.62 1.68 16.18
CA LYS A 89 -1.19 1.42 16.02
C LYS A 89 -0.97 0.04 15.43
N GLN A 90 -1.73 -0.94 15.89
CA GLN A 90 -1.61 -2.31 15.41
C GLN A 90 -2.17 -2.43 13.99
N ALA A 91 -2.91 -1.41 13.56
CA ALA A 91 -3.50 -1.41 12.23
C ALA A 91 -2.44 -1.18 11.16
N MET A 92 -1.82 0.00 11.19
CA MET A 92 -0.78 0.34 10.22
C MET A 92 0.27 -0.76 10.14
N LEU A 93 0.74 -1.21 11.30
CA LEU A 93 1.75 -2.26 11.36
C LEU A 93 1.43 -3.38 10.38
N TYR A 94 0.14 -3.67 10.21
CA TYR A 94 -0.29 -4.72 9.31
C TYR A 94 -0.11 -4.29 7.85
N TRP A 95 -0.47 -3.05 7.55
CA TRP A 95 -0.34 -2.52 6.20
C TRP A 95 1.13 -2.44 5.78
N LEU A 96 1.95 -1.84 6.64
CA LEU A 96 3.37 -1.70 6.36
C LEU A 96 4.03 -3.07 6.19
N GLN A 97 3.67 -4.00 7.07
CA GLN A 97 4.23 -5.35 7.01
C GLN A 97 3.76 -6.08 5.76
N GLN A 98 2.44 -6.22 5.61
CA GLN A 98 1.87 -6.89 4.45
C GLN A 98 2.35 -6.26 3.15
N LEU A 99 2.07 -4.97 3.00
CA LEU A 99 2.48 -4.24 1.80
C LEU A 99 3.86 -4.67 1.33
N GLN A 100 4.79 -4.78 2.27
CA GLN A 100 6.15 -5.20 1.96
C GLN A 100 6.17 -6.58 1.32
N MET A 101 5.58 -7.56 2.00
CA MET A 101 5.53 -8.92 1.51
C MET A 101 5.33 -8.94 -0.01
N LYS A 102 4.42 -8.11 -0.49
CA LYS A 102 4.14 -8.02 -1.92
C LYS A 102 5.39 -7.59 -2.69
N ARG A 103 5.99 -6.48 -2.27
CA ARG A 103 7.18 -5.97 -2.93
C ARG A 103 8.39 -6.86 -2.63
N TRP A 104 8.75 -6.96 -1.36
CA TRP A 104 9.88 -7.77 -0.94
C TRP A 104 9.89 -9.10 -1.69
N GLU A 105 8.72 -9.70 -1.84
CA GLU A 105 8.60 -10.98 -2.53
C GLU A 105 9.25 -10.91 -3.90
N PHE A 106 8.89 -9.90 -4.68
CA PHE A 106 9.45 -9.72 -6.02
C PHE A 106 10.97 -9.67 -5.98
N HIS A 107 11.50 -8.98 -4.98
CA HIS A 107 12.95 -8.85 -4.83
C HIS A 107 13.58 -10.20 -4.46
N ASN A 108 12.94 -10.89 -3.52
CA ASN A 108 13.44 -12.19 -3.08
C ASN A 108 13.30 -13.24 -4.17
N SER A 109 12.06 -13.56 -4.52
CA SER A 109 11.79 -14.55 -5.55
C SER A 109 12.11 -13.99 -6.94
N PRO A 110 12.99 -14.69 -7.67
CA PRO A 110 13.41 -14.29 -9.01
C PRO A 110 12.30 -14.44 -10.04
N PRO A 111 12.03 -13.36 -10.80
CA PRO A 111 10.99 -13.36 -11.83
C PRO A 111 11.35 -14.24 -13.02
N ALA A 112 10.40 -14.40 -13.94
CA ALA A 112 10.62 -15.21 -15.13
C ALA A 112 11.88 -14.79 -15.86
N PRO A 113 12.59 -15.77 -16.44
CA PRO A 113 13.83 -15.53 -17.18
C PRO A 113 13.58 -14.79 -18.49
N SER A 114 13.77 -13.47 -18.48
CA SER A 114 13.56 -12.66 -19.67
C SER A 114 14.87 -12.46 -20.43
N GLY A 115 14.76 -12.01 -21.67
CA GLY A 115 15.95 -11.79 -22.48
C GLY A 115 16.77 -10.61 -22.00
N PRO A 116 17.55 -10.01 -22.92
CA PRO A 116 18.40 -8.86 -22.61
C PRO A 116 17.59 -7.60 -22.34
N SER A 117 18.06 -6.78 -21.40
CA SER A 117 17.37 -5.54 -21.05
C SER A 117 17.52 -4.51 -22.16
N SER A 118 18.73 -4.30 -22.62
CA SER A 118 19.01 -3.34 -23.68
C SER A 118 19.34 -4.05 -24.99
N GLY A 119 19.27 -3.31 -26.10
CA GLY A 119 19.56 -3.87 -27.39
C GLY A 119 19.45 -2.86 -28.51
N GLY A 1 -6.14 -14.73 21.86
CA GLY A 1 -5.50 -13.44 21.66
C GLY A 1 -6.03 -12.72 20.44
N SER A 2 -5.12 -12.30 19.56
CA SER A 2 -5.49 -11.59 18.35
C SER A 2 -5.07 -12.36 17.10
N SER A 3 -6.03 -12.66 16.24
CA SER A 3 -5.76 -13.40 15.01
C SER A 3 -6.93 -13.30 14.04
N GLY A 4 -6.69 -13.68 12.80
CA GLY A 4 -7.73 -13.62 11.79
C GLY A 4 -7.22 -13.13 10.45
N SER A 5 -6.49 -13.99 9.74
CA SER A 5 -5.94 -13.63 8.44
C SER A 5 -5.85 -14.86 7.54
N SER A 6 -6.45 -14.76 6.36
CA SER A 6 -6.44 -15.86 5.40
C SER A 6 -6.44 -15.33 3.97
N GLY A 7 -5.98 -16.15 3.04
CA GLY A 7 -5.94 -15.76 1.64
C GLY A 7 -4.99 -14.60 1.39
N LYS A 8 -4.40 -14.56 0.21
CA LYS A 8 -3.46 -13.50 -0.14
C LYS A 8 -4.21 -12.27 -0.65
N LYS A 9 -4.56 -11.38 0.27
CA LYS A 9 -5.28 -10.16 -0.08
C LYS A 9 -5.04 -9.06 0.96
N LEU A 10 -4.79 -7.85 0.49
CA LEU A 10 -4.55 -6.71 1.37
C LEU A 10 -5.43 -5.52 1.00
N CYS A 11 -6.43 -5.25 1.84
CA CYS A 11 -7.34 -4.14 1.59
C CYS A 11 -7.74 -3.46 2.90
N GLY A 12 -8.28 -2.25 2.80
CA GLY A 12 -8.69 -1.52 3.98
C GLY A 12 -8.79 -0.03 3.74
N TYR A 13 -9.76 0.62 4.37
CA TYR A 13 -9.96 2.05 4.21
C TYR A 13 -8.84 2.83 4.88
N LEU A 14 -8.51 3.99 4.31
CA LEU A 14 -7.45 4.84 4.87
C LEU A 14 -7.81 6.31 4.71
N SER A 15 -6.94 7.18 5.23
CA SER A 15 -7.16 8.62 5.15
C SER A 15 -5.96 9.31 4.53
N LYS A 16 -6.18 9.96 3.39
CA LYS A 16 -5.11 10.67 2.69
C LYS A 16 -5.06 12.13 3.12
N PHE A 17 -3.94 12.54 3.70
CA PHE A 17 -3.77 13.91 4.15
C PHE A 17 -3.51 14.84 2.97
N GLY A 18 -3.85 16.11 3.14
CA GLY A 18 -3.65 17.08 2.09
C GLY A 18 -4.70 17.00 1.00
N GLY A 19 -4.29 16.58 -0.19
CA GLY A 19 -5.22 16.46 -1.30
C GLY A 19 -5.08 17.59 -2.30
N LYS A 20 -3.84 17.98 -2.58
CA LYS A 20 -3.56 19.05 -3.53
C LYS A 20 -4.56 20.19 -3.36
N GLY A 21 -4.84 20.55 -2.12
CA GLY A 21 -5.77 21.63 -1.84
C GLY A 21 -5.14 22.78 -1.09
N PRO A 22 -5.95 23.81 -0.77
CA PRO A 22 -5.47 24.98 -0.05
C PRO A 22 -5.14 24.68 1.40
N ILE A 23 -6.07 24.03 2.10
CA ILE A 23 -5.85 23.67 3.50
C ILE A 23 -5.38 22.22 3.64
N ARG A 24 -5.10 21.82 4.87
CA ARG A 24 -4.64 20.46 5.13
C ARG A 24 -5.65 19.71 6.01
N GLY A 25 -6.18 18.61 5.50
CA GLY A 25 -7.14 17.83 6.25
C GLY A 25 -7.19 16.38 5.79
N TRP A 26 -7.71 15.51 6.65
CA TRP A 26 -7.82 14.10 6.33
C TRP A 26 -9.12 13.80 5.60
N LYS A 27 -9.12 12.72 4.82
CA LYS A 27 -10.31 12.33 4.07
C LYS A 27 -10.57 10.83 4.21
N SER A 28 -11.71 10.38 3.69
CA SER A 28 -12.07 8.97 3.77
C SER A 28 -12.08 8.33 2.39
N ARG A 29 -11.13 7.42 2.16
CA ARG A 29 -11.03 6.73 0.87
C ARG A 29 -10.75 5.25 1.07
N TRP A 30 -11.05 4.46 0.04
CA TRP A 30 -10.84 3.02 0.11
C TRP A 30 -9.61 2.62 -0.68
N PHE A 31 -8.58 2.13 0.02
CA PHE A 31 -7.35 1.71 -0.62
C PHE A 31 -7.25 0.19 -0.67
N PHE A 32 -7.00 -0.35 -1.86
CA PHE A 32 -6.88 -1.79 -2.05
C PHE A 32 -5.67 -2.13 -2.91
N TYR A 33 -4.89 -3.11 -2.48
CA TYR A 33 -3.71 -3.54 -3.21
C TYR A 33 -4.09 -4.43 -4.39
N ASP A 34 -3.22 -4.47 -5.39
CA ASP A 34 -3.46 -5.28 -6.58
C ASP A 34 -2.27 -6.21 -6.85
N GLU A 35 -2.53 -7.51 -6.77
CA GLU A 35 -1.49 -8.51 -7.01
C GLU A 35 -1.36 -8.83 -8.49
N ARG A 36 -1.70 -7.85 -9.33
CA ARG A 36 -1.62 -8.02 -10.77
C ARG A 36 -0.52 -7.14 -11.37
N LYS A 37 -0.43 -5.91 -10.88
CA LYS A 37 0.58 -4.97 -11.37
C LYS A 37 1.46 -4.50 -10.22
N CYS A 38 1.23 -5.03 -9.03
CA CYS A 38 2.01 -4.66 -7.85
C CYS A 38 1.84 -3.18 -7.53
N GLN A 39 0.59 -2.73 -7.46
CA GLN A 39 0.30 -1.34 -7.17
C GLN A 39 -0.86 -1.23 -6.17
N LEU A 40 -1.04 -0.04 -5.62
CA LEU A 40 -2.11 0.21 -4.65
C LEU A 40 -3.22 1.04 -5.27
N TYR A 41 -4.32 0.39 -5.62
CA TYR A 41 -5.46 1.09 -6.22
C TYR A 41 -6.50 1.45 -5.16
N TYR A 42 -6.90 2.71 -5.14
CA TYR A 42 -7.88 3.18 -4.17
C TYR A 42 -8.96 4.02 -4.86
N SER A 43 -10.18 3.92 -4.37
CA SER A 43 -11.30 4.67 -4.93
C SER A 43 -12.24 5.15 -3.83
N ARG A 44 -13.23 5.96 -4.22
CA ARG A 44 -14.20 6.49 -3.28
C ARG A 44 -14.71 5.40 -2.35
N THR A 45 -14.96 4.21 -2.92
CA THR A 45 -15.47 3.08 -2.15
C THR A 45 -15.05 1.76 -2.77
N ALA A 46 -15.41 0.66 -2.13
CA ALA A 46 -15.08 -0.67 -2.62
C ALA A 46 -15.95 -1.04 -3.82
N GLN A 47 -17.12 -0.44 -3.90
CA GLN A 47 -18.06 -0.71 -4.99
C GLN A 47 -17.55 -0.09 -6.29
N ASP A 48 -16.85 1.02 -6.18
CA ASP A 48 -16.31 1.71 -7.35
C ASP A 48 -15.23 0.87 -8.02
N ALA A 49 -15.66 -0.17 -8.74
CA ALA A 49 -14.73 -1.06 -9.43
C ALA A 49 -13.61 -0.26 -10.08
N ASN A 50 -13.93 0.94 -10.56
CA ASN A 50 -12.94 1.79 -11.21
C ASN A 50 -12.16 2.60 -10.17
N PRO A 51 -10.87 2.27 -10.03
CA PRO A 51 -9.98 2.96 -9.08
C PRO A 51 -9.67 4.38 -9.50
N LEU A 52 -9.63 5.29 -8.54
CA LEU A 52 -9.34 6.69 -8.81
C LEU A 52 -7.86 6.89 -9.13
N ASP A 53 -6.99 6.45 -8.21
CA ASP A 53 -5.56 6.58 -8.40
C ASP A 53 -4.85 5.29 -8.00
N SER A 54 -3.55 5.22 -8.30
CA SER A 54 -2.75 4.05 -7.97
C SER A 54 -1.39 4.45 -7.41
N ILE A 55 -0.79 3.56 -6.64
CA ILE A 55 0.52 3.82 -6.05
C ILE A 55 1.50 2.71 -6.39
N ASP A 56 2.66 3.10 -6.94
CA ASP A 56 3.69 2.14 -7.31
C ASP A 56 4.52 1.74 -6.09
N LEU A 57 4.20 0.58 -5.53
CA LEU A 57 4.92 0.07 -4.36
C LEU A 57 6.24 -0.55 -4.77
N SER A 58 6.35 -0.94 -6.04
CA SER A 58 7.56 -1.56 -6.54
C SER A 58 8.79 -0.73 -6.18
N SER A 59 8.64 0.58 -6.20
CA SER A 59 9.74 1.49 -5.87
C SER A 59 9.31 2.49 -4.82
N ALA A 60 8.56 2.01 -3.82
CA ALA A 60 8.10 2.87 -2.74
C ALA A 60 8.61 2.37 -1.39
N VAL A 61 8.51 3.22 -0.37
CA VAL A 61 8.98 2.87 0.97
C VAL A 61 7.98 3.32 2.03
N PHE A 62 7.52 2.37 2.84
CA PHE A 62 6.55 2.66 3.89
C PHE A 62 7.26 3.14 5.16
N ASP A 63 6.79 4.26 5.71
CA ASP A 63 7.38 4.82 6.92
C ASP A 63 6.30 5.19 7.92
N CYS A 64 6.71 5.48 9.15
CA CYS A 64 5.77 5.85 10.20
C CYS A 64 5.97 7.30 10.62
N LYS A 65 4.88 8.04 10.75
CA LYS A 65 4.93 9.44 11.14
C LYS A 65 5.38 9.59 12.59
N ALA A 66 5.54 10.82 13.04
CA ALA A 66 5.96 11.10 14.41
C ALA A 66 4.89 10.67 15.41
N ASP A 67 3.65 11.10 15.16
CA ASP A 67 2.54 10.77 16.04
C ASP A 67 1.96 9.41 15.70
N ALA A 68 2.83 8.49 15.29
CA ALA A 68 2.40 7.13 14.93
C ALA A 68 1.56 6.51 16.03
N GLU A 69 1.82 6.92 17.26
CA GLU A 69 1.08 6.40 18.41
C GLU A 69 -0.40 6.21 18.07
N GLU A 70 -0.92 7.10 17.23
CA GLU A 70 -2.32 7.04 16.83
C GLU A 70 -2.51 6.04 15.70
N GLY A 71 -1.54 5.98 14.79
CA GLY A 71 -1.61 5.07 13.67
C GLY A 71 -1.51 5.79 12.34
N ILE A 72 -0.42 6.53 12.15
CA ILE A 72 -0.20 7.26 10.91
C ILE A 72 1.07 6.81 10.21
N PHE A 73 1.03 6.74 8.89
CA PHE A 73 2.18 6.31 8.10
C PHE A 73 2.25 7.08 6.78
N GLU A 74 3.34 6.89 6.05
CA GLU A 74 3.54 7.57 4.77
C GLU A 74 4.34 6.69 3.82
N ILE A 75 4.07 6.86 2.53
CA ILE A 75 4.77 6.08 1.50
C ILE A 75 5.58 6.99 0.58
N LYS A 76 6.90 6.83 0.62
CA LYS A 76 7.80 7.62 -0.22
C LYS A 76 7.96 6.99 -1.59
N THR A 77 7.59 7.73 -2.63
CA THR A 77 7.70 7.25 -4.00
C THR A 77 8.39 8.26 -4.90
N PRO A 78 9.06 7.78 -5.94
CA PRO A 78 9.79 8.63 -6.89
C PRO A 78 8.83 9.46 -7.76
N SER A 79 7.54 9.21 -7.61
CA SER A 79 6.53 9.94 -8.38
C SER A 79 5.85 10.99 -7.51
N ARG A 80 5.37 10.57 -6.34
CA ARG A 80 4.69 11.48 -5.43
C ARG A 80 4.54 10.85 -4.05
N VAL A 81 5.03 11.55 -3.03
CA VAL A 81 4.96 11.06 -1.66
C VAL A 81 3.53 11.16 -1.11
N ILE A 82 2.97 10.02 -0.74
CA ILE A 82 1.62 9.98 -0.20
C ILE A 82 1.63 9.86 1.33
N THR A 83 0.55 10.29 1.96
CA THR A 83 0.43 10.22 3.41
C THR A 83 -0.90 9.62 3.84
N LEU A 84 -0.87 8.35 4.24
CA LEU A 84 -2.07 7.66 4.67
C LEU A 84 -1.97 7.23 6.13
N LYS A 85 -3.09 7.29 6.84
CA LYS A 85 -3.12 6.90 8.24
C LYS A 85 -4.16 5.81 8.49
N ALA A 86 -3.88 4.93 9.44
CA ALA A 86 -4.80 3.84 9.77
C ALA A 86 -5.55 4.14 11.07
N ALA A 87 -6.48 3.26 11.41
CA ALA A 87 -7.27 3.43 12.63
C ALA A 87 -6.37 3.62 13.85
N THR A 88 -5.72 2.54 14.26
CA THR A 88 -4.83 2.58 15.41
C THR A 88 -3.40 2.22 15.02
N LYS A 89 -2.53 2.13 16.01
CA LYS A 89 -1.13 1.79 15.77
C LYS A 89 -1.00 0.38 15.20
N GLN A 90 -1.77 -0.55 15.75
CA GLN A 90 -1.75 -1.94 15.28
C GLN A 90 -2.25 -2.04 13.85
N ALA A 91 -3.21 -1.19 13.49
CA ALA A 91 -3.77 -1.19 12.15
C ALA A 91 -2.68 -1.00 11.10
N MET A 92 -2.04 0.17 11.13
CA MET A 92 -0.97 0.47 10.17
C MET A 92 0.06 -0.65 10.14
N LEU A 93 0.45 -1.12 11.32
CA LEU A 93 1.44 -2.19 11.42
C LEU A 93 1.11 -3.33 10.46
N TYR A 94 -0.18 -3.56 10.25
CA TYR A 94 -0.62 -4.62 9.35
C TYR A 94 -0.39 -4.23 7.89
N TRP A 95 -0.64 -2.97 7.57
CA TRP A 95 -0.47 -2.47 6.22
C TRP A 95 1.00 -2.44 5.84
N LEU A 96 1.82 -1.84 6.69
CA LEU A 96 3.25 -1.75 6.46
C LEU A 96 3.87 -3.14 6.31
N GLN A 97 3.57 -4.03 7.25
CA GLN A 97 4.09 -5.39 7.22
C GLN A 97 3.66 -6.11 5.95
N GLN A 98 2.35 -6.21 5.74
CA GLN A 98 1.82 -6.88 4.56
C GLN A 98 2.34 -6.23 3.28
N LEU A 99 2.07 -4.94 3.13
CA LEU A 99 2.51 -4.20 1.95
C LEU A 99 3.89 -4.68 1.50
N GLN A 100 4.80 -4.82 2.46
CA GLN A 100 6.16 -5.28 2.16
C GLN A 100 6.15 -6.61 1.44
N MET A 101 5.54 -7.62 2.06
CA MET A 101 5.47 -8.95 1.47
C MET A 101 5.31 -8.86 -0.04
N LYS A 102 4.35 -8.05 -0.49
CA LYS A 102 4.12 -7.87 -1.91
C LYS A 102 5.39 -7.47 -2.65
N ARG A 103 6.00 -6.39 -2.20
CA ARG A 103 7.24 -5.90 -2.81
C ARG A 103 8.40 -6.86 -2.54
N TRP A 104 8.72 -7.04 -1.27
CA TRP A 104 9.81 -7.92 -0.87
C TRP A 104 9.79 -9.20 -1.70
N GLU A 105 8.63 -9.84 -1.78
CA GLU A 105 8.49 -11.07 -2.55
C GLU A 105 9.07 -10.91 -3.96
N PHE A 106 8.54 -9.94 -4.70
CA PHE A 106 9.01 -9.68 -6.06
C PHE A 106 10.53 -9.76 -6.13
N HIS A 107 11.19 -9.15 -5.16
CA HIS A 107 12.66 -9.14 -5.11
C HIS A 107 13.20 -10.55 -4.97
N ASN A 108 12.62 -11.32 -4.03
CA ASN A 108 13.06 -12.69 -3.79
C ASN A 108 12.77 -13.57 -5.00
N SER A 109 11.49 -13.69 -5.35
CA SER A 109 11.09 -14.50 -6.49
C SER A 109 11.99 -14.25 -7.69
N PRO A 110 12.45 -15.35 -8.31
CA PRO A 110 13.34 -15.28 -9.48
C PRO A 110 12.62 -14.76 -10.72
N PRO A 111 13.39 -14.21 -11.67
CA PRO A 111 12.86 -13.67 -12.92
C PRO A 111 12.31 -14.76 -13.84
N ALA A 112 11.26 -14.43 -14.58
CA ALA A 112 10.65 -15.38 -15.50
C ALA A 112 11.52 -15.58 -16.75
N PRO A 113 11.48 -16.79 -17.30
CA PRO A 113 12.27 -17.13 -18.49
C PRO A 113 11.75 -16.43 -19.75
N SER A 114 12.41 -16.69 -20.88
CA SER A 114 12.02 -16.07 -22.14
C SER A 114 10.91 -16.88 -22.81
N GLY A 115 11.15 -18.18 -22.96
CA GLY A 115 10.16 -19.05 -23.58
C GLY A 115 9.60 -18.47 -24.87
N PRO A 116 10.34 -18.64 -25.98
CA PRO A 116 9.92 -18.14 -27.28
C PRO A 116 8.71 -18.88 -27.84
N SER A 117 8.78 -20.20 -27.85
CA SER A 117 7.70 -21.03 -28.35
C SER A 117 6.37 -20.63 -27.71
N SER A 118 5.28 -20.82 -28.44
CA SER A 118 3.95 -20.48 -27.94
C SER A 118 2.87 -21.13 -28.81
N GLY A 119 2.07 -21.99 -28.19
CA GLY A 119 1.00 -22.66 -28.92
C GLY A 119 1.53 -23.52 -30.05
#